data_9IX4
#
_entry.id   9IX4
#
_cell.length_a   1.00
_cell.length_b   1.00
_cell.length_c   1.00
_cell.angle_alpha   90.00
_cell.angle_beta   90.00
_cell.angle_gamma   90.00
#
_symmetry.space_group_name_H-M   'P 1'
#
loop_
_entity.id
_entity.type
_entity.pdbx_description
1 polymer DdmD
2 polymer "DNA (5'-D(P*TP*AP*TP*GP*AP*GP*TP*AP*TP*AP*TP*CP*C)-3')"
3 polymer "DNA (5'-D(P*AP*TP*GP*AP*GP*TP*AP*TP*AP*TP*CP*C)-3')"
4 polymer "DNA (5'-D(P*AP*AP*AP*AP*AP*AP*AP*AP*AP*A)-3')"
5 non-polymer "ADENOSINE-5'-DIPHOSPHATE"
#
loop_
_entity_poly.entity_id
_entity_poly.type
_entity_poly.pdbx_seq_one_letter_code
_entity_poly.pdbx_strand_id
1 'polypeptide(L)'
;MQVSDFSGMIKKLQSQSPEHALMLLNAPTGTGKSYTIIRALCRYAIKHENFRAFFVTDQKKNLKEQDFEVAWREESGAVH
KAFSERVAVVRSLEDTVNKLINDWDRQQIPDLYRSSPIFKKSLENLGNAFKSFGMMKENEFDLKNAWTMLSRAEYQVRRA
MITILADKAHVKLKNISEAGASAFKLDSISKGKIREFVSKQPKADSKWLNETYPTFDLEKKQIIILTTAKFIKSYTPFFE
KRSKAFRYSPILKDALVVLDEFDSTKKQILESAIDEALKIQADLNSLFVDLSKGLNKVNEGQLPAKLGKSFTFRDAFKEI
LNDAEQLTAEFKLDFLYKMEEQGRDSGFVMRVPQTNWVSVGKPWNAYFDEELRQVVLGRQPRNDLNFQRMLPRISVFLKG
ATKFILNRAREYQVSENQKLSSLDDAMTIEDACFSIYAALGLSKSQAKILFSLGHDFSSPTKVKTTYHAHSGRRFQQRGL
SLFQFTNDPQHDLQTKINACFFNETPERYLLNLLSKANVLGLSATATLPTVLDNYDLGYLREMLGPRLLDGVHYLSDTTI
KEFDFESRYAKQKIEVKVETGIVDRFFSEILPKNNQKIDNKKIWELDAELAKLVNCIPASEQSRIDKKYFARRYLNLFNS
FVIFLTDPSMTSFLGLQSLLPGADGRMDENYIKETFTTLKDLVGGQDGVNTELRIVSSRNQEGIQEQLSEALNLVSQGGK
RVYILSAYQTIGIGQNLQHEMNEFEREQAANIAPKGVSKSDRRQHTIDLAGMYLGEVTHILSSNLPFRMDAAGLRSIIEQ
EYLFDANEINIKYLNKYLKGLQHQRLERHPEYARSLYVSYSRTIIQALGRMNRSFNKMPLIRLVMPVNVLQMVTDSGIDV
EKTSQEYRCLLTAAKDWERDFEKPSAEIAKQNATFNTFRDYRFVLAYLQTSKSWAQIYHDTRWFYVRHPTVSDKDLKSSQ
VFQQRDDEFGLQYLLNEHLDVSYEVKPINHDNGQFDFSGTGMEVSAEAAGLVAMCRYPGLKEAFESLDIPTKWEPNERIL
NPAQFYNYRGLLGEVSGQFIFQNEWSLKLADFGKPENYELFDFHWEGKVVIDFKNWRDAPDVDTKAERQKVEAKLAKLQA
NTQREWRVIIINILASNQTRPVMTVDGKILEISGLIDHQGKFLLTPEQKLNVWRFLNGTAVNDSNDTIRLQN
;
A,B
2 'polydeoxyribonucleotide' (DT)(DA)(DT)(DG)(DA)(DG)(DT)(DA)(DT)(DA)(DT)(DC)(DC) C
3 'polydeoxyribonucleotide' (DA)(DT)(DG)(DA)(DG)(DT)(DA)(DT)(DA)(DT)(DC)(DC) D
4 'polydeoxyribonucleotide' (DA)(DA)(DA)(DA)(DA)(DA)(DA)(DA)(DA)(DA) E,F
#
# COMPACT_ATOMS: atom_id res chain seq x y z
N MET A 1 -48.73 19.75 -10.64
CA MET A 1 -48.74 18.31 -10.47
C MET A 1 -49.24 17.95 -9.07
N GLN A 2 -50.19 17.03 -9.00
CA GLN A 2 -50.77 16.66 -7.72
C GLN A 2 -49.79 15.81 -6.91
N VAL A 3 -49.76 16.07 -5.60
CA VAL A 3 -48.93 15.26 -4.71
C VAL A 3 -49.48 13.85 -4.62
N SER A 4 -50.79 13.68 -4.77
CA SER A 4 -51.39 12.36 -4.66
C SER A 4 -50.89 11.43 -5.74
N ASP A 5 -50.56 11.95 -6.93
CA ASP A 5 -50.02 11.10 -7.99
C ASP A 5 -48.68 10.51 -7.58
N PHE A 6 -47.80 11.33 -7.02
CA PHE A 6 -46.51 10.82 -6.58
C PHE A 6 -46.66 9.88 -5.39
N SER A 7 -47.62 10.15 -4.52
CA SER A 7 -47.90 9.22 -3.44
C SER A 7 -48.37 7.87 -3.98
N GLY A 8 -49.19 7.90 -5.02
CA GLY A 8 -49.61 6.66 -5.66
C GLY A 8 -48.46 5.91 -6.28
N MET A 9 -47.53 6.64 -6.92
CA MET A 9 -46.33 6.00 -7.46
C MET A 9 -45.50 5.36 -6.36
N ILE A 10 -45.35 6.07 -5.24
CA ILE A 10 -44.56 5.54 -4.13
C ILE A 10 -45.19 4.28 -3.57
N LYS A 11 -46.50 4.28 -3.37
CA LYS A 11 -47.15 3.11 -2.80
C LYS A 11 -47.19 1.95 -3.78
N LYS A 12 -47.27 2.25 -5.08
CA LYS A 12 -47.14 1.19 -6.08
C LYS A 12 -45.77 0.56 -6.03
N LEU A 13 -44.73 1.38 -5.92
CA LEU A 13 -43.36 0.85 -5.84
C LEU A 13 -43.18 0.02 -4.58
N GLN A 14 -43.70 0.50 -3.45
CA GLN A 14 -43.60 -0.26 -2.20
C GLN A 14 -44.40 -1.56 -2.29
N SER A 15 -45.44 -1.59 -3.11
CA SER A 15 -46.20 -2.82 -3.32
C SER A 15 -45.38 -3.90 -4.00
N GLN A 16 -44.30 -3.53 -4.69
CA GLN A 16 -43.46 -4.48 -5.43
C GLN A 16 -42.33 -5.03 -4.60
N SER A 17 -42.51 -5.11 -3.27
CA SER A 17 -41.44 -5.35 -2.30
C SER A 17 -40.53 -6.54 -2.60
N PRO A 18 -41.05 -7.74 -2.88
CA PRO A 18 -40.12 -8.88 -3.06
C PRO A 18 -39.30 -8.77 -4.33
N GLU A 19 -39.92 -8.46 -5.46
CA GLU A 19 -39.21 -8.25 -6.73
C GLU A 19 -39.29 -6.76 -7.04
N HIS A 20 -38.26 -6.03 -6.64
CA HIS A 20 -38.29 -4.58 -6.75
C HIS A 20 -38.35 -4.14 -8.20
N ALA A 21 -39.05 -3.05 -8.45
CA ALA A 21 -39.27 -2.51 -9.78
C ALA A 21 -38.58 -1.17 -9.95
N LEU A 22 -38.45 -0.74 -11.20
CA LEU A 22 -37.91 0.55 -11.55
C LEU A 22 -38.97 1.35 -12.29
N MET A 23 -39.22 2.57 -11.84
CA MET A 23 -40.23 3.43 -12.43
C MET A 23 -39.57 4.69 -12.97
N LEU A 24 -39.90 5.06 -14.20
CA LEU A 24 -39.37 6.24 -14.84
C LEU A 24 -40.51 7.19 -15.17
N LEU A 25 -40.33 8.46 -14.85
CA LEU A 25 -41.35 9.48 -15.08
C LEU A 25 -40.80 10.52 -16.03
N ASN A 26 -41.52 10.76 -17.12
CA ASN A 26 -41.18 11.82 -18.07
C ASN A 26 -42.14 12.97 -17.87
N ALA A 27 -41.64 14.07 -17.31
CA ALA A 27 -42.43 15.27 -17.17
C ALA A 27 -41.52 16.43 -17.55
N PRO A 28 -41.99 17.35 -18.40
CA PRO A 28 -41.13 18.44 -18.84
C PRO A 28 -40.67 19.28 -17.65
N THR A 29 -39.49 19.88 -17.81
CA THR A 29 -38.89 20.66 -16.74
C THR A 29 -39.73 21.90 -16.46
N GLY A 30 -39.53 22.47 -15.28
CA GLY A 30 -40.29 23.60 -14.83
C GLY A 30 -41.59 23.26 -14.16
N THR A 31 -42.08 22.04 -14.33
CA THR A 31 -43.23 21.56 -13.60
C THR A 31 -42.77 20.97 -12.27
N GLY A 32 -43.73 20.74 -11.38
CA GLY A 32 -43.38 20.33 -10.04
C GLY A 32 -42.97 18.88 -9.90
N LYS A 33 -41.84 18.50 -10.50
CA LYS A 33 -41.32 17.16 -10.23
C LYS A 33 -40.64 17.11 -8.87
N SER A 34 -39.61 17.93 -8.68
CA SER A 34 -38.87 17.92 -7.43
C SER A 34 -39.73 18.34 -6.25
N TYR A 35 -40.52 19.38 -6.42
CA TYR A 35 -41.36 19.85 -5.34
C TYR A 35 -42.30 18.78 -4.87
N THR A 36 -43.10 18.26 -5.78
CA THR A 36 -44.09 17.27 -5.40
C THR A 36 -43.48 15.96 -4.97
N ILE A 37 -42.33 15.55 -5.51
CA ILE A 37 -41.71 14.33 -5.01
C ILE A 37 -41.22 14.53 -3.59
N ILE A 38 -40.72 15.73 -3.26
CA ILE A 38 -40.34 16.00 -1.88
C ILE A 38 -41.55 15.96 -0.96
N ARG A 39 -42.66 16.58 -1.39
CA ARG A 39 -43.86 16.56 -0.56
C ARG A 39 -44.35 15.13 -0.35
N ALA A 40 -44.37 14.33 -1.42
CA ALA A 40 -44.86 12.95 -1.30
C ALA A 40 -43.94 12.11 -0.45
N LEU A 41 -42.62 12.28 -0.59
CA LEU A 41 -41.69 11.55 0.24
C LEU A 41 -41.90 11.89 1.71
N CYS A 42 -42.06 13.18 2.02
CA CYS A 42 -42.27 13.57 3.41
C CYS A 42 -43.58 13.00 3.95
N ARG A 43 -44.65 13.06 3.14
CA ARG A 43 -45.94 12.55 3.60
C ARG A 43 -45.88 11.06 3.87
N TYR A 44 -45.28 10.30 2.96
CA TYR A 44 -45.20 8.86 3.15
C TYR A 44 -44.30 8.50 4.32
N ALA A 45 -43.22 9.26 4.52
CA ALA A 45 -42.35 9.00 5.67
C ALA A 45 -43.08 9.26 6.97
N ILE A 46 -43.89 10.32 7.02
CA ILE A 46 -44.64 10.62 8.24
C ILE A 46 -45.68 9.55 8.51
N LYS A 47 -46.40 9.12 7.47
CA LYS A 47 -47.48 8.16 7.69
C LYS A 47 -46.95 6.78 8.06
N HIS A 48 -45.84 6.36 7.46
CA HIS A 48 -45.34 5.00 7.61
C HIS A 48 -44.01 5.02 8.35
N GLU A 49 -43.92 4.23 9.42
CA GLU A 49 -42.74 4.29 10.29
C GLU A 49 -41.52 3.62 9.66
N ASN A 50 -41.71 2.50 8.97
CA ASN A 50 -40.60 1.72 8.46
C ASN A 50 -40.18 2.12 7.06
N PHE A 51 -40.84 3.10 6.46
CA PHE A 51 -40.47 3.52 5.11
C PHE A 51 -39.14 4.25 5.12
N ARG A 52 -38.25 3.88 4.21
CA ARG A 52 -36.95 4.51 4.09
C ARG A 52 -36.71 4.88 2.64
N ALA A 53 -36.23 6.10 2.41
CA ALA A 53 -35.99 6.60 1.07
C ALA A 53 -34.62 7.25 0.99
N PHE A 54 -34.03 7.15 -0.19
CA PHE A 54 -32.78 7.83 -0.51
C PHE A 54 -33.06 8.81 -1.63
N PHE A 55 -33.03 10.10 -1.32
CA PHE A 55 -33.13 11.14 -2.34
C PHE A 55 -31.74 11.40 -2.87
N VAL A 56 -31.44 10.83 -4.04
CA VAL A 56 -30.12 10.87 -4.64
C VAL A 56 -30.16 11.82 -5.81
N THR A 57 -29.29 12.82 -5.80
CA THR A 57 -29.18 13.76 -6.90
C THR A 57 -27.76 13.76 -7.42
N ASP A 58 -27.52 14.56 -8.46
CA ASP A 58 -26.21 14.57 -9.09
C ASP A 58 -25.36 15.77 -8.71
N GLN A 59 -25.97 16.93 -8.48
CA GLN A 59 -25.23 18.12 -8.09
C GLN A 59 -25.66 18.59 -6.71
N LYS A 60 -24.72 19.17 -6.00
CA LYS A 60 -24.95 19.57 -4.62
C LYS A 60 -26.00 20.66 -4.49
N LYS A 61 -26.23 21.43 -5.56
CA LYS A 61 -27.24 22.49 -5.51
C LYS A 61 -28.66 21.98 -5.60
N ASN A 62 -28.85 20.70 -5.95
CA ASN A 62 -30.19 20.16 -6.17
C ASN A 62 -30.67 19.30 -5.01
N LEU A 63 -29.97 19.30 -3.87
CA LEU A 63 -30.43 18.54 -2.72
C LEU A 63 -31.75 19.08 -2.19
N LYS A 64 -31.89 20.41 -2.14
CA LYS A 64 -33.11 21.06 -1.67
C LYS A 64 -33.45 20.62 -0.24
N GLU A 65 -32.45 20.60 0.63
CA GLU A 65 -32.70 20.22 2.02
C GLU A 65 -33.61 21.22 2.71
N GLN A 66 -33.52 22.50 2.33
CA GLN A 66 -34.46 23.49 2.85
C GLN A 66 -35.88 23.18 2.42
N ASP A 67 -36.04 22.75 1.16
CA ASP A 67 -37.37 22.36 0.69
C ASP A 67 -37.88 21.16 1.46
N PHE A 68 -36.99 20.20 1.77
CA PHE A 68 -37.38 19.08 2.61
C PHE A 68 -37.82 19.56 3.99
N GLU A 69 -37.10 20.53 4.56
CA GLU A 69 -37.48 21.04 5.88
C GLU A 69 -38.85 21.67 5.85
N VAL A 70 -39.11 22.49 4.82
CA VAL A 70 -40.42 23.13 4.69
C VAL A 70 -41.51 22.09 4.54
N ALA A 71 -41.28 21.10 3.67
CA ALA A 71 -42.27 20.05 3.44
C ALA A 71 -42.53 19.25 4.71
N TRP A 72 -41.48 18.94 5.46
CA TRP A 72 -41.63 18.19 6.70
C TRP A 72 -42.43 18.99 7.73
N ARG A 73 -42.16 20.29 7.82
CA ARG A 73 -42.94 21.13 8.73
C ARG A 73 -44.40 21.16 8.32
N GLU A 74 -44.67 21.29 7.02
CA GLU A 74 -46.04 21.40 6.55
C GLU A 74 -46.81 20.10 6.73
N GLU A 75 -46.19 18.96 6.43
CA GLU A 75 -46.90 17.69 6.46
C GLU A 75 -47.12 17.18 7.87
N SER A 76 -46.20 17.47 8.79
CA SER A 76 -46.36 17.07 10.18
C SER A 76 -47.24 18.10 10.89
N GLY A 77 -48.25 17.62 11.61
CA GLY A 77 -49.15 18.51 12.30
C GLY A 77 -49.50 18.09 13.72
N ALA A 78 -49.02 16.91 14.12
CA ALA A 78 -49.35 16.36 15.43
C ALA A 78 -48.12 16.25 16.33
N VAL A 79 -47.05 15.64 15.86
CA VAL A 79 -45.84 15.45 16.66
C VAL A 79 -44.79 16.46 16.24
N HIS A 80 -44.81 16.84 14.96
CA HIS A 80 -43.81 17.71 14.35
C HIS A 80 -42.40 17.32 14.80
N LYS A 81 -41.99 16.10 14.46
CA LYS A 81 -40.68 15.60 14.86
C LYS A 81 -39.58 16.53 14.38
N ALA A 82 -38.43 16.46 15.05
CA ALA A 82 -37.41 17.48 14.93
C ALA A 82 -36.74 17.53 13.55
N PHE A 83 -37.07 16.60 12.66
CA PHE A 83 -36.61 16.62 11.28
C PHE A 83 -35.13 16.28 11.18
N SER A 84 -34.44 16.24 12.31
CA SER A 84 -33.02 15.93 12.32
C SER A 84 -32.74 14.48 12.62
N GLU A 85 -33.59 13.82 13.41
CA GLU A 85 -33.46 12.41 13.69
C GLU A 85 -34.30 11.56 12.74
N ARG A 86 -34.99 12.17 11.79
CA ARG A 86 -35.78 11.45 10.81
C ARG A 86 -35.35 11.71 9.38
N VAL A 87 -34.90 12.92 9.07
CA VAL A 87 -34.39 13.26 7.75
C VAL A 87 -32.93 13.63 7.90
N ALA A 88 -32.07 13.03 7.09
CA ALA A 88 -30.63 13.19 7.20
C ALA A 88 -30.06 13.65 5.87
N VAL A 89 -29.00 14.43 5.93
CA VAL A 89 -28.30 14.90 4.74
C VAL A 89 -26.86 14.42 4.87
N VAL A 90 -26.55 13.32 4.21
CA VAL A 90 -25.20 12.75 4.27
C VAL A 90 -24.32 13.53 3.29
N ARG A 91 -23.39 14.29 3.82
CA ARG A 91 -22.51 15.13 3.01
C ARG A 91 -21.10 14.56 3.01
N SER A 92 -20.26 15.16 2.17
CA SER A 92 -18.89 14.70 2.02
C SER A 92 -18.09 14.97 3.29
N LEU A 93 -16.88 14.40 3.34
CA LEU A 93 -15.96 14.70 4.43
C LEU A 93 -15.57 16.17 4.42
N GLU A 94 -15.26 16.72 3.24
CA GLU A 94 -14.88 18.12 3.14
C GLU A 94 -16.02 19.03 3.56
N ASP A 95 -17.25 18.72 3.14
CA ASP A 95 -18.39 19.52 3.54
C ASP A 95 -18.65 19.43 5.04
N THR A 96 -18.49 18.23 5.61
CA THR A 96 -18.65 18.08 7.05
C THR A 96 -17.62 18.91 7.81
N VAL A 97 -16.37 18.90 7.33
CA VAL A 97 -15.33 19.70 7.97
C VAL A 97 -15.64 21.18 7.83
N ASN A 98 -16.12 21.59 6.66
CA ASN A 98 -16.48 23.00 6.46
C ASN A 98 -17.57 23.42 7.42
N LYS A 99 -18.60 22.58 7.58
CA LYS A 99 -19.65 22.88 8.53
C LYS A 99 -19.11 22.95 9.95
N LEU A 100 -18.21 22.04 10.30
CA LEU A 100 -17.65 22.02 11.65
C LEU A 100 -16.88 23.31 11.94
N ILE A 101 -16.02 23.73 11.01
CA ILE A 101 -15.23 24.93 11.27
C ILE A 101 -16.09 26.18 11.20
N ASN A 102 -17.13 26.20 10.36
CA ASN A 102 -18.06 27.33 10.38
C ASN A 102 -18.79 27.41 11.71
N ASP A 103 -19.21 26.27 12.25
CA ASP A 103 -19.85 26.25 13.55
C ASP A 103 -18.89 26.70 14.64
N TRP A 104 -17.62 26.31 14.54
CA TRP A 104 -16.62 26.76 15.49
C TRP A 104 -16.44 28.28 15.43
N ASP A 105 -16.36 28.83 14.22
CA ASP A 105 -16.18 30.27 14.06
C ASP A 105 -17.40 31.04 14.56
N ARG A 106 -18.60 30.53 14.29
CA ARG A 106 -19.83 31.26 14.58
C ARG A 106 -20.48 30.81 15.88
N GLN A 107 -19.74 30.09 16.72
CA GLN A 107 -20.21 29.67 18.04
C GLN A 107 -21.50 28.85 17.92
N GLN A 108 -21.59 28.02 16.90
CA GLN A 108 -22.79 27.24 16.63
C GLN A 108 -22.76 25.89 17.31
N ILE A 109 -21.68 25.58 18.03
CA ILE A 109 -21.54 24.33 18.76
C ILE A 109 -22.15 24.52 20.14
N PRO A 110 -23.01 23.63 20.59
CA PRO A 110 -23.86 23.95 21.75
C PRO A 110 -23.14 23.87 23.09
N ASP A 111 -21.94 24.44 23.16
CA ASP A 111 -21.26 24.74 24.43
C ASP A 111 -21.11 23.54 25.35
N LEU A 112 -21.43 22.35 24.86
CA LEU A 112 -21.10 21.12 25.57
C LEU A 112 -19.80 20.52 25.07
N TYR A 113 -19.47 20.75 23.82
CA TYR A 113 -18.20 20.36 23.22
C TYR A 113 -17.22 21.53 23.16
N ARG A 114 -17.74 22.75 22.99
CA ARG A 114 -16.89 23.93 22.95
C ARG A 114 -16.12 24.13 24.24
N SER A 115 -16.74 23.82 25.38
CA SER A 115 -16.10 24.07 26.67
C SER A 115 -14.91 23.14 26.89
N SER A 116 -15.00 21.88 26.47
CA SER A 116 -13.97 20.91 26.78
C SER A 116 -12.69 21.24 26.00
N PRO A 117 -11.52 21.04 26.61
CA PRO A 117 -10.26 21.43 25.95
C PRO A 117 -9.83 20.47 24.86
N ILE A 118 -10.10 19.18 25.05
CA ILE A 118 -9.73 18.19 24.03
C ILE A 118 -10.49 18.45 22.74
N PHE A 119 -11.79 18.74 22.85
CA PHE A 119 -12.57 19.11 21.68
C PHE A 119 -12.01 20.38 21.03
N LYS A 120 -11.61 21.35 21.86
CA LYS A 120 -10.94 22.53 21.32
C LYS A 120 -9.76 22.13 20.46
N LYS A 121 -8.75 21.50 21.06
CA LYS A 121 -7.51 21.22 20.34
C LYS A 121 -7.78 20.38 19.09
N SER A 122 -8.78 19.49 19.16
CA SER A 122 -9.19 18.79 17.96
C SER A 122 -9.68 19.77 16.90
N LEU A 123 -10.44 20.79 17.29
CA LEU A 123 -10.92 21.75 16.31
C LEU A 123 -9.79 22.58 15.72
N GLU A 124 -8.83 23.03 16.54
CA GLU A 124 -7.73 23.79 15.94
C GLU A 124 -6.90 22.93 14.99
N ASN A 125 -6.58 21.68 15.37
CA ASN A 125 -5.79 20.88 14.46
C ASN A 125 -6.58 20.50 13.21
N LEU A 126 -7.89 20.30 13.35
CA LEU A 126 -8.73 20.03 12.18
C LEU A 126 -8.79 21.23 11.26
N GLY A 127 -8.90 22.44 11.82
CA GLY A 127 -8.88 23.63 10.98
C GLY A 127 -7.57 23.79 10.25
N ASN A 128 -6.45 23.51 10.94
CA ASN A 128 -5.16 23.55 10.28
C ASN A 128 -5.08 22.53 9.15
N ALA A 129 -5.56 21.31 9.41
CA ALA A 129 -5.54 20.27 8.39
C ALA A 129 -6.40 20.66 7.20
N PHE A 130 -7.56 21.27 7.45
CA PHE A 130 -8.43 21.70 6.35
C PHE A 130 -7.79 22.83 5.56
N LYS A 131 -7.10 23.74 6.24
CA LYS A 131 -6.37 24.78 5.52
C LYS A 131 -5.33 24.18 4.61
N SER A 132 -4.56 23.21 5.11
CA SER A 132 -3.56 22.56 4.27
C SER A 132 -4.21 21.82 3.11
N PHE A 133 -5.32 21.13 3.39
CA PHE A 133 -6.00 20.36 2.36
C PHE A 133 -6.51 21.26 1.24
N GLY A 134 -7.13 22.39 1.61
CA GLY A 134 -7.54 23.36 0.60
C GLY A 134 -6.35 23.94 -0.15
N MET A 135 -5.23 24.11 0.55
CA MET A 135 -4.03 24.59 -0.11
C MET A 135 -3.53 23.60 -1.17
N MET A 136 -3.88 22.33 -1.03
CA MET A 136 -3.40 21.28 -1.92
C MET A 136 -4.53 20.65 -2.72
N LYS A 137 -5.44 21.47 -3.25
CA LYS A 137 -6.53 20.99 -4.08
C LYS A 137 -6.22 21.08 -5.57
N GLU A 138 -4.99 21.47 -5.93
CA GLU A 138 -4.65 21.64 -7.35
C GLU A 138 -4.41 20.30 -8.02
N ASN A 139 -3.43 19.55 -7.55
CA ASN A 139 -3.10 18.26 -8.12
C ASN A 139 -3.96 17.17 -7.50
N GLU A 140 -4.20 16.11 -8.28
CA GLU A 140 -5.00 14.99 -7.82
C GLU A 140 -4.17 13.85 -7.24
N PHE A 141 -2.90 13.74 -7.64
CA PHE A 141 -2.06 12.68 -7.09
C PHE A 141 -1.89 12.84 -5.59
N ASP A 142 -1.68 14.07 -5.13
CA ASP A 142 -1.54 14.35 -3.71
C ASP A 142 -2.87 14.63 -3.02
N LEU A 143 -3.98 14.61 -3.77
CA LEU A 143 -5.28 14.77 -3.14
C LEU A 143 -5.59 13.62 -2.20
N LYS A 144 -5.10 12.42 -2.53
CA LYS A 144 -5.32 11.28 -1.65
C LYS A 144 -4.69 11.48 -0.27
N ASN A 145 -3.44 11.97 -0.25
CA ASN A 145 -2.76 12.17 1.03
C ASN A 145 -3.45 13.25 1.85
N ALA A 146 -3.83 14.35 1.21
CA ALA A 146 -4.53 15.41 1.92
C ALA A 146 -5.87 14.92 2.46
N TRP A 147 -6.57 14.14 1.66
CA TRP A 147 -7.83 13.55 2.13
C TRP A 147 -7.60 12.64 3.32
N THR A 148 -6.51 11.88 3.31
CA THR A 148 -6.21 11.00 4.44
C THR A 148 -5.95 11.81 5.71
N MET A 149 -5.18 12.89 5.60
CA MET A 149 -4.94 13.72 6.78
C MET A 149 -6.24 14.34 7.29
N LEU A 150 -7.08 14.82 6.37
CA LEU A 150 -8.35 15.40 6.79
C LEU A 150 -9.22 14.37 7.48
N SER A 151 -9.24 13.15 6.95
CA SER A 151 -10.03 12.08 7.57
C SER A 151 -9.51 11.76 8.96
N ARG A 152 -8.19 11.74 9.14
CA ARG A 152 -7.63 11.46 10.46
C ARG A 152 -8.01 12.55 11.46
N ALA A 153 -7.92 13.81 11.04
CA ALA A 153 -8.30 14.90 11.93
C ALA A 153 -9.78 14.84 12.30
N GLU A 154 -10.64 14.56 11.32
CA GLU A 154 -12.06 14.44 11.60
C GLU A 154 -12.34 13.28 12.54
N TYR A 155 -11.62 12.17 12.37
CA TYR A 155 -11.80 11.04 13.27
C TYR A 155 -11.37 11.41 14.69
N GLN A 156 -10.32 12.21 14.82
CA GLN A 156 -9.93 12.67 16.15
C GLN A 156 -11.03 13.51 16.78
N VAL A 157 -11.65 14.38 16.00
CA VAL A 157 -12.78 15.17 16.51
C VAL A 157 -13.90 14.25 16.97
N ARG A 158 -14.21 13.24 16.17
CA ARG A 158 -15.29 12.31 16.52
C ARG A 158 -14.95 11.54 17.79
N ARG A 159 -13.68 11.16 17.95
CA ARG A 159 -13.27 10.46 19.16
C ARG A 159 -13.40 11.34 20.39
N ALA A 160 -13.06 12.63 20.24
CA ALA A 160 -13.25 13.57 21.34
C ALA A 160 -14.72 13.65 21.73
N MET A 161 -15.60 13.76 20.74
CA MET A 161 -17.04 13.80 21.04
C MET A 161 -17.49 12.50 21.70
N ILE A 162 -16.96 11.38 21.24
CA ILE A 162 -17.34 10.09 21.79
C ILE A 162 -16.98 10.01 23.27
N THR A 163 -15.76 10.43 23.62
CA THR A 163 -15.37 10.36 25.02
C THR A 163 -16.12 11.38 25.87
N ILE A 164 -16.47 12.53 25.30
CA ILE A 164 -17.30 13.49 26.04
C ILE A 164 -18.65 12.88 26.38
N LEU A 165 -19.32 12.31 25.38
CA LEU A 165 -20.61 11.69 25.65
C LEU A 165 -20.47 10.48 26.55
N ALA A 166 -19.34 9.79 26.49
CA ALA A 166 -19.12 8.63 27.36
C ALA A 166 -19.03 9.05 28.81
N ASP A 167 -18.26 10.11 29.10
CA ASP A 167 -18.16 10.55 30.48
C ASP A 167 -19.46 11.21 30.94
N LYS A 168 -20.23 11.75 30.00
CA LYS A 168 -21.52 12.33 30.34
C LYS A 168 -22.63 11.29 30.49
N ALA A 169 -22.40 10.06 30.01
CA ALA A 169 -23.38 8.98 30.13
C ALA A 169 -22.91 7.88 31.06
N HIS A 170 -21.80 8.07 31.77
CA HIS A 170 -21.24 7.13 32.74
C HIS A 170 -20.82 5.80 32.13
N VAL A 171 -20.85 5.71 30.80
CA VAL A 171 -20.50 4.48 30.15
C VAL A 171 -19.00 4.23 30.24
N LYS A 172 -18.70 2.94 30.37
CA LYS A 172 -17.36 2.44 30.53
C LYS A 172 -16.59 2.74 29.29
N LEU A 173 -16.21 4.01 29.17
CA LEU A 173 -15.35 4.41 28.08
C LEU A 173 -14.00 3.74 28.29
N LYS A 174 -13.65 3.49 29.55
CA LYS A 174 -12.39 2.85 29.93
C LYS A 174 -12.08 1.56 29.19
N ASN A 175 -13.10 0.72 29.00
CA ASN A 175 -12.97 -0.55 28.27
C ASN A 175 -12.34 -0.28 26.92
N ILE A 176 -12.90 0.68 26.20
CA ILE A 176 -12.38 1.13 24.94
C ILE A 176 -11.08 1.85 25.27
N SER A 177 -11.20 3.05 25.83
CA SER A 177 -10.07 3.91 26.17
C SER A 177 -8.79 3.27 26.73
N GLU A 178 -8.89 2.05 27.21
CA GLU A 178 -7.70 1.34 27.64
C GLU A 178 -7.45 0.24 26.62
N ALA A 179 -8.46 -0.60 26.38
CA ALA A 179 -8.34 -1.62 25.36
C ALA A 179 -8.86 -1.04 24.07
N GLY A 180 -8.11 -0.12 23.48
CA GLY A 180 -8.54 0.56 22.27
C GLY A 180 -8.06 1.97 22.49
N ALA A 181 -6.76 2.19 22.39
CA ALA A 181 -6.21 3.51 22.68
C ALA A 181 -5.94 4.07 21.29
N SER A 182 -6.28 3.28 20.27
CA SER A 182 -6.11 3.65 18.87
C SER A 182 -7.36 3.24 18.09
N ALA A 183 -7.64 1.94 18.09
CA ALA A 183 -8.79 1.39 17.37
C ALA A 183 -10.12 1.92 17.90
N PHE A 184 -10.22 2.07 19.21
CA PHE A 184 -11.41 2.62 19.87
C PHE A 184 -12.77 2.00 19.53
N LYS A 185 -12.92 0.68 19.67
CA LYS A 185 -14.20 0.05 19.39
C LYS A 185 -15.09 -0.03 20.61
N LEU A 186 -16.38 -0.08 20.38
CA LEU A 186 -17.36 -0.14 21.45
C LEU A 186 -18.26 -1.36 21.23
N ASP A 187 -19.18 -1.57 22.17
CA ASP A 187 -20.18 -2.62 22.04
C ASP A 187 -21.56 -2.01 21.90
N SER A 188 -22.52 -2.86 21.54
CA SER A 188 -23.86 -2.38 21.19
C SER A 188 -24.54 -1.71 22.37
N ILE A 189 -24.37 -2.24 23.58
CA ILE A 189 -25.09 -1.71 24.72
C ILE A 189 -24.60 -0.31 25.10
N SER A 190 -23.28 -0.07 24.99
CA SER A 190 -22.76 1.24 25.35
C SER A 190 -23.24 2.32 24.38
N LYS A 191 -23.18 2.03 23.08
CA LYS A 191 -23.68 3.01 22.12
C LYS A 191 -25.19 3.17 22.22
N GLY A 192 -25.90 2.10 22.57
CA GLY A 192 -27.33 2.24 22.82
C GLY A 192 -27.61 3.16 23.99
N LYS A 193 -26.83 3.04 25.06
CA LYS A 193 -26.99 3.95 26.20
C LYS A 193 -26.66 5.38 25.81
N ILE A 194 -25.63 5.58 24.99
CA ILE A 194 -25.31 6.92 24.52
C ILE A 194 -26.45 7.49 23.69
N ARG A 195 -27.02 6.66 22.81
CA ARG A 195 -28.11 7.12 21.95
C ARG A 195 -29.35 7.46 22.77
N GLU A 196 -29.67 6.64 23.77
CA GLU A 196 -30.84 6.95 24.58
C GLU A 196 -30.58 8.12 25.51
N PHE A 197 -29.34 8.38 25.88
CA PHE A 197 -29.03 9.60 26.63
C PHE A 197 -29.22 10.83 25.77
N VAL A 198 -28.68 10.81 24.54
CA VAL A 198 -28.84 11.97 23.67
C VAL A 198 -30.28 12.10 23.21
N SER A 199 -31.07 11.03 23.32
CA SER A 199 -32.48 11.12 22.99
C SER A 199 -33.22 12.06 23.94
N LYS A 200 -32.96 11.96 25.23
CA LYS A 200 -33.62 12.79 26.23
C LYS A 200 -32.90 14.11 26.46
N GLN A 201 -31.80 14.35 25.76
CA GLN A 201 -31.06 15.59 25.89
C GLN A 201 -31.91 16.76 25.37
N PRO A 202 -31.63 17.99 25.82
CA PRO A 202 -32.34 19.16 25.27
C PRO A 202 -32.38 19.22 23.74
N LYS A 203 -33.26 20.06 23.22
CA LYS A 203 -33.54 20.05 21.78
C LYS A 203 -32.39 20.64 20.97
N ALA A 204 -31.79 21.72 21.45
CA ALA A 204 -30.83 22.44 20.62
C ALA A 204 -29.57 21.63 20.37
N ASP A 205 -28.98 21.06 21.42
CA ASP A 205 -27.70 20.38 21.27
C ASP A 205 -27.86 19.04 20.53
N SER A 206 -28.89 18.28 20.87
CA SER A 206 -29.17 17.06 20.12
C SER A 206 -29.49 17.38 18.67
N LYS A 207 -30.18 18.50 18.44
CA LYS A 207 -30.48 18.92 17.08
C LYS A 207 -29.20 19.20 16.30
N TRP A 208 -28.26 19.91 16.91
CA TRP A 208 -26.98 20.16 16.22
C TRP A 208 -26.25 18.86 15.96
N LEU A 209 -26.22 17.96 16.94
CA LEU A 209 -25.50 16.70 16.76
C LEU A 209 -26.09 15.88 15.63
N ASN A 210 -27.42 15.78 15.58
CA ASN A 210 -28.06 15.02 14.50
C ASN A 210 -27.90 15.70 13.16
N GLU A 211 -27.90 17.03 13.13
CA GLU A 211 -27.76 17.72 11.85
C GLU A 211 -26.35 17.56 11.29
N THR A 212 -25.32 17.66 12.14
CA THR A 212 -23.96 17.58 11.64
C THR A 212 -23.47 16.17 11.46
N TYR A 213 -24.02 15.20 12.19
CA TYR A 213 -23.58 13.80 12.14
C TYR A 213 -24.79 12.91 11.93
N PRO A 214 -25.30 12.83 10.71
CA PRO A 214 -26.44 11.94 10.45
C PRO A 214 -26.12 10.49 10.71
N THR A 215 -24.86 10.08 10.56
CA THR A 215 -24.48 8.70 10.82
C THR A 215 -24.44 8.36 12.30
N PHE A 216 -24.80 9.30 13.17
CA PHE A 216 -24.86 9.00 14.60
C PHE A 216 -25.89 7.92 14.88
N ASP A 217 -27.03 7.97 14.19
CA ASP A 217 -28.04 6.92 14.25
C ASP A 217 -28.69 6.84 12.88
N LEU A 218 -28.16 5.99 12.02
CA LEU A 218 -28.65 5.90 10.65
C LEU A 218 -29.87 5.01 10.51
N GLU A 219 -30.08 4.07 11.42
CA GLU A 219 -31.24 3.19 11.35
C GLU A 219 -32.51 3.86 11.83
N LYS A 220 -32.46 5.17 12.11
CA LYS A 220 -33.66 5.93 12.42
C LYS A 220 -33.99 7.00 11.39
N LYS A 221 -33.12 7.22 10.41
CA LYS A 221 -33.35 8.23 9.40
C LYS A 221 -34.25 7.67 8.31
N GLN A 222 -35.44 8.24 8.17
CA GLN A 222 -36.39 7.76 7.16
C GLN A 222 -36.02 8.23 5.76
N ILE A 223 -35.47 9.42 5.64
CA ILE A 223 -35.07 9.98 4.36
C ILE A 223 -33.60 10.34 4.43
N ILE A 224 -32.84 9.96 3.42
CA ILE A 224 -31.42 10.24 3.34
C ILE A 224 -31.16 10.97 2.04
N ILE A 225 -30.74 12.24 2.14
CA ILE A 225 -30.54 13.10 0.98
C ILE A 225 -29.04 13.17 0.71
N LEU A 226 -28.65 12.88 -0.53
CA LEU A 226 -27.23 12.89 -0.84
C LEU A 226 -27.03 12.97 -2.34
N THR A 227 -25.78 13.25 -2.72
CA THR A 227 -25.38 13.27 -4.11
C THR A 227 -25.04 11.86 -4.58
N THR A 228 -25.24 11.61 -5.88
CA THR A 228 -24.96 10.29 -6.40
C THR A 228 -23.48 9.94 -6.28
N ALA A 229 -22.62 10.95 -6.31
CA ALA A 229 -21.20 10.68 -6.09
C ALA A 229 -20.95 10.13 -4.69
N LYS A 230 -21.72 10.59 -3.71
CA LYS A 230 -21.66 10.00 -2.38
C LYS A 230 -22.38 8.66 -2.32
N PHE A 231 -23.49 8.53 -3.06
CA PHE A 231 -24.27 7.29 -3.02
C PHE A 231 -23.45 6.12 -3.53
N ILE A 232 -22.66 6.32 -4.57
CA ILE A 232 -21.82 5.24 -5.08
C ILE A 232 -20.73 4.89 -4.07
N LYS A 233 -20.21 5.89 -3.38
CA LYS A 233 -19.11 5.67 -2.43
C LYS A 233 -19.67 5.23 -1.08
N SER A 234 -18.85 5.37 -0.05
CA SER A 234 -19.17 4.89 1.28
C SER A 234 -19.58 6.03 2.21
N TYR A 235 -20.02 5.65 3.40
CA TYR A 235 -20.26 6.59 4.49
C TYR A 235 -19.52 6.11 5.72
N THR A 236 -18.96 7.05 6.48
CA THR A 236 -18.19 6.70 7.66
C THR A 236 -19.11 6.73 8.88
N PRO A 237 -19.43 5.61 9.50
CA PRO A 237 -20.35 5.62 10.62
C PRO A 237 -19.73 6.28 11.84
N PHE A 238 -20.58 6.89 12.65
CA PHE A 238 -20.17 7.36 13.95
C PHE A 238 -19.80 6.16 14.81
N PHE A 239 -18.96 6.41 15.82
CA PHE A 239 -18.45 5.35 16.70
C PHE A 239 -17.55 4.37 15.94
N GLU A 240 -17.00 4.77 14.81
CA GLU A 240 -16.21 3.84 14.01
C GLU A 240 -15.28 4.62 13.11
N LYS A 241 -14.24 3.94 12.63
CA LYS A 241 -13.24 4.55 11.75
C LYS A 241 -13.28 4.03 10.33
N ARG A 242 -13.53 2.73 10.15
CA ARG A 242 -13.58 2.14 8.81
C ARG A 242 -14.92 2.47 8.16
N SER A 243 -14.87 3.12 6.99
CA SER A 243 -16.08 3.49 6.28
C SER A 243 -16.78 2.26 5.70
N LYS A 244 -18.10 2.35 5.59
CA LYS A 244 -18.92 1.26 5.07
C LYS A 244 -19.59 1.72 3.78
N ALA A 245 -19.50 0.90 2.74
CA ALA A 245 -20.08 1.25 1.46
C ALA A 245 -21.60 1.21 1.52
N PHE A 246 -22.24 2.18 0.87
CA PHE A 246 -23.69 2.18 0.75
C PHE A 246 -24.18 0.94 0.04
N ARG A 247 -23.38 0.43 -0.89
CA ARG A 247 -23.84 -0.62 -1.80
C ARG A 247 -24.18 -1.90 -1.05
N TYR A 248 -23.34 -2.31 -0.11
CA TYR A 248 -23.55 -3.57 0.61
C TYR A 248 -24.21 -3.38 1.96
N SER A 249 -24.45 -2.15 2.38
CA SER A 249 -25.01 -1.92 3.71
C SER A 249 -26.46 -2.37 3.76
N PRO A 250 -26.92 -2.82 4.93
CA PRO A 250 -28.31 -3.29 5.03
C PRO A 250 -29.32 -2.17 4.96
N ILE A 251 -28.88 -0.91 4.90
CA ILE A 251 -29.80 0.20 4.94
C ILE A 251 -30.54 0.34 3.62
N LEU A 252 -30.03 -0.26 2.54
CA LEU A 252 -30.68 -0.20 1.24
C LEU A 252 -31.76 -1.25 1.06
N LYS A 253 -31.84 -2.25 1.92
CA LYS A 253 -32.77 -3.34 1.69
C LYS A 253 -34.21 -2.82 1.81
N ASP A 254 -34.99 -3.02 0.76
CA ASP A 254 -36.38 -2.61 0.66
C ASP A 254 -36.56 -1.09 0.69
N ALA A 255 -35.48 -0.33 0.55
CA ALA A 255 -35.60 1.11 0.51
C ALA A 255 -36.08 1.56 -0.86
N LEU A 256 -36.50 2.82 -0.93
CA LEU A 256 -36.91 3.43 -2.19
C LEU A 256 -35.90 4.50 -2.56
N VAL A 257 -35.26 4.35 -3.71
CA VAL A 257 -34.21 5.25 -4.15
C VAL A 257 -34.76 6.14 -5.24
N VAL A 258 -34.80 7.45 -4.99
CA VAL A 258 -35.34 8.42 -5.93
C VAL A 258 -34.17 9.14 -6.58
N LEU A 259 -33.98 8.91 -7.87
CA LEU A 259 -32.92 9.57 -8.65
C LEU A 259 -33.52 10.80 -9.33
N ASP A 260 -33.15 11.99 -8.85
CA ASP A 260 -33.83 13.21 -9.27
C ASP A 260 -33.49 13.58 -10.70
N GLU A 261 -32.34 13.15 -11.22
CA GLU A 261 -31.99 13.33 -12.63
C GLU A 261 -31.52 11.97 -13.12
N PHE A 262 -32.48 11.16 -13.58
CA PHE A 262 -32.19 9.76 -13.85
C PHE A 262 -31.16 9.59 -14.94
N ASP A 263 -31.33 10.28 -16.06
CA ASP A 263 -30.41 10.11 -17.19
C ASP A 263 -29.03 10.64 -16.87
N SER A 264 -28.94 11.72 -16.11
CA SER A 264 -27.64 12.31 -15.78
C SER A 264 -26.83 11.45 -14.83
N THR A 265 -27.48 10.54 -14.10
CA THR A 265 -26.75 9.70 -13.16
C THR A 265 -25.79 8.75 -13.85
N LYS A 266 -26.17 8.17 -14.99
CA LYS A 266 -25.34 7.16 -15.62
C LYS A 266 -23.94 7.66 -15.85
N LYS A 267 -23.80 8.84 -16.44
CA LYS A 267 -22.47 9.40 -16.65
C LYS A 267 -21.69 9.43 -15.34
N GLN A 268 -22.28 9.98 -14.29
CA GLN A 268 -21.59 10.05 -13.01
C GLN A 268 -21.15 8.66 -12.56
N ILE A 269 -21.99 7.65 -12.79
CA ILE A 269 -21.61 6.31 -12.39
C ILE A 269 -20.49 5.79 -13.28
N LEU A 270 -20.58 6.02 -14.59
CA LEU A 270 -19.65 5.41 -15.53
C LEU A 270 -18.21 5.76 -15.21
N GLU A 271 -17.90 7.05 -15.14
CA GLU A 271 -16.54 7.43 -14.75
C GLU A 271 -16.19 6.90 -13.37
N SER A 272 -17.14 6.93 -12.43
CA SER A 272 -16.86 6.41 -11.10
C SER A 272 -16.48 4.94 -11.17
N ALA A 273 -17.03 4.22 -12.15
CA ALA A 273 -16.58 2.84 -12.36
C ALA A 273 -15.23 2.82 -13.04
N ILE A 274 -15.05 3.63 -14.09
CA ILE A 274 -13.86 3.53 -14.91
C ILE A 274 -12.61 3.75 -14.07
N ASP A 275 -12.52 4.90 -13.41
CA ASP A 275 -11.37 5.16 -12.57
C ASP A 275 -11.21 4.16 -11.44
N GLU A 276 -12.29 3.51 -11.02
CA GLU A 276 -12.14 2.44 -10.05
C GLU A 276 -11.47 1.23 -10.66
N ALA A 277 -11.85 0.85 -11.87
CA ALA A 277 -11.24 -0.30 -12.51
C ALA A 277 -9.74 -0.11 -12.67
N LEU A 278 -9.32 1.11 -13.00
CA LEU A 278 -7.90 1.39 -13.14
C LEU A 278 -7.16 1.38 -11.82
N LYS A 279 -7.85 1.62 -10.71
CA LYS A 279 -7.17 1.60 -9.41
C LYS A 279 -6.89 0.18 -8.93
N ILE A 280 -7.55 -0.81 -9.51
CA ILE A 280 -7.45 -2.18 -9.02
C ILE A 280 -6.79 -3.04 -10.08
N GLN A 281 -5.48 -3.20 -10.00
CA GLN A 281 -4.72 -3.97 -10.97
C GLN A 281 -3.88 -4.99 -10.24
N ALA A 282 -3.81 -6.21 -10.79
CA ALA A 282 -3.06 -7.28 -10.16
C ALA A 282 -2.38 -8.11 -11.23
N ASP A 283 -1.29 -8.77 -10.83
CA ASP A 283 -0.59 -9.68 -11.71
C ASP A 283 -1.47 -10.90 -11.99
N LEU A 284 -1.68 -11.19 -13.27
CA LEU A 284 -2.65 -12.22 -13.64
C LEU A 284 -2.16 -13.61 -13.25
N ASN A 285 -0.90 -13.92 -13.53
CA ASN A 285 -0.40 -15.27 -13.27
C ASN A 285 -0.39 -15.56 -11.77
N SER A 286 0.10 -14.62 -10.97
CA SER A 286 0.12 -14.82 -9.53
C SER A 286 -1.29 -14.95 -8.98
N LEU A 287 -2.22 -14.13 -9.48
CA LEU A 287 -3.60 -14.20 -9.03
C LEU A 287 -4.21 -15.56 -9.31
N PHE A 288 -4.05 -16.04 -10.54
CA PHE A 288 -4.61 -17.34 -10.89
C PHE A 288 -3.98 -18.45 -10.07
N VAL A 289 -2.65 -18.43 -9.91
CA VAL A 289 -1.97 -19.49 -9.18
C VAL A 289 -2.40 -19.50 -7.72
N ASP A 290 -2.50 -18.32 -7.11
CA ASP A 290 -2.92 -18.25 -5.71
C ASP A 290 -4.35 -18.72 -5.53
N LEU A 291 -5.26 -18.32 -6.43
CA LEU A 291 -6.63 -18.80 -6.32
C LEU A 291 -6.70 -20.31 -6.50
N SER A 292 -5.93 -20.85 -7.43
CA SER A 292 -5.91 -22.30 -7.62
C SER A 292 -5.40 -23.01 -6.38
N LYS A 293 -4.34 -22.48 -5.76
CA LYS A 293 -3.82 -23.10 -4.55
C LYS A 293 -4.83 -23.02 -3.41
N GLY A 294 -5.54 -21.91 -3.28
CA GLY A 294 -6.56 -21.81 -2.25
C GLY A 294 -7.68 -22.80 -2.46
N LEU A 295 -8.15 -22.94 -3.70
CA LEU A 295 -9.20 -23.90 -3.97
C LEU A 295 -8.74 -25.33 -3.71
N ASN A 296 -7.49 -25.63 -4.04
CA ASN A 296 -6.96 -26.95 -3.75
C ASN A 296 -6.85 -27.18 -2.25
N LYS A 297 -6.49 -26.14 -1.49
CA LYS A 297 -6.49 -26.27 -0.04
C LYS A 297 -7.88 -26.57 0.49
N VAL A 298 -8.89 -25.92 -0.09
CA VAL A 298 -10.26 -26.24 0.31
C VAL A 298 -10.58 -27.69 0.01
N ASN A 299 -10.15 -28.19 -1.15
CA ASN A 299 -10.46 -29.57 -1.51
C ASN A 299 -9.88 -30.57 -0.53
N GLU A 300 -8.65 -30.34 -0.09
CA GLU A 300 -7.97 -31.26 0.82
C GLU A 300 -8.43 -31.11 2.27
N GLY A 301 -9.53 -30.41 2.50
CA GLY A 301 -10.07 -30.32 3.85
C GLY A 301 -9.16 -29.63 4.84
N GLN A 302 -8.51 -28.54 4.42
CA GLN A 302 -7.66 -27.77 5.31
C GLN A 302 -8.29 -26.47 5.76
N LEU A 303 -9.34 -26.02 5.10
CA LEU A 303 -10.11 -24.90 5.61
C LEU A 303 -11.08 -25.41 6.68
N PRO A 304 -11.53 -24.54 7.58
CA PRO A 304 -12.48 -24.99 8.60
C PRO A 304 -13.73 -25.56 7.96
N ALA A 305 -14.29 -26.59 8.61
CA ALA A 305 -15.43 -27.29 8.04
C ALA A 305 -16.61 -26.36 7.82
N LYS A 306 -16.63 -25.23 8.53
CA LYS A 306 -17.71 -24.24 8.42
C LYS A 306 -17.97 -23.86 6.97
N LEU A 307 -16.92 -23.69 6.18
CA LEU A 307 -17.08 -23.47 4.75
C LEU A 307 -16.59 -24.63 3.90
N GLY A 308 -15.79 -25.53 4.45
CA GLY A 308 -15.40 -26.70 3.68
C GLY A 308 -16.59 -27.54 3.28
N LYS A 309 -17.54 -27.72 4.20
CA LYS A 309 -18.75 -28.46 3.86
C LYS A 309 -19.56 -27.75 2.79
N SER A 310 -19.62 -26.42 2.86
CA SER A 310 -20.37 -25.67 1.86
C SER A 310 -19.70 -25.75 0.49
N PHE A 311 -18.37 -25.87 0.46
CA PHE A 311 -17.65 -25.91 -0.81
C PHE A 311 -17.71 -27.28 -1.46
N THR A 312 -17.33 -28.32 -0.71
CA THR A 312 -16.91 -29.57 -1.34
C THR A 312 -18.03 -30.26 -2.11
N PHE A 313 -19.24 -30.30 -1.55
CA PHE A 313 -20.24 -31.23 -2.08
C PHE A 313 -20.79 -30.83 -3.43
N ARG A 314 -20.51 -29.62 -3.91
CA ARG A 314 -21.05 -29.18 -5.19
C ARG A 314 -20.22 -29.70 -6.35
N ASP A 315 -20.91 -30.14 -7.41
CA ASP A 315 -20.20 -30.63 -8.60
C ASP A 315 -19.41 -29.51 -9.28
N ALA A 316 -19.94 -28.29 -9.23
CA ALA A 316 -19.22 -27.17 -9.83
C ALA A 316 -17.84 -27.01 -9.22
N PHE A 317 -17.67 -27.36 -7.95
CA PHE A 317 -16.36 -27.24 -7.32
C PHE A 317 -15.36 -28.20 -7.95
N LYS A 318 -15.76 -29.46 -8.14
CA LYS A 318 -14.87 -30.41 -8.80
C LYS A 318 -14.56 -29.96 -10.21
N GLU A 319 -15.57 -29.43 -10.91
CA GLU A 319 -15.33 -28.93 -12.26
C GLU A 319 -14.31 -27.79 -12.25
N ILE A 320 -14.42 -26.88 -11.28
CA ILE A 320 -13.48 -25.77 -11.17
C ILE A 320 -12.07 -26.28 -10.92
N LEU A 321 -11.93 -27.26 -10.02
CA LEU A 321 -10.60 -27.79 -9.72
C LEU A 321 -9.99 -28.44 -10.95
N ASN A 322 -10.77 -29.25 -11.66
CA ASN A 322 -10.26 -29.90 -12.86
C ASN A 322 -9.87 -28.86 -13.91
N ASP A 323 -10.69 -27.82 -14.06
CA ASP A 323 -10.40 -26.79 -15.04
C ASP A 323 -9.12 -26.03 -14.69
N ALA A 324 -8.93 -25.73 -13.41
CA ALA A 324 -7.71 -25.04 -12.98
C ALA A 324 -6.48 -25.89 -13.22
N GLU A 325 -6.57 -27.19 -12.91
CA GLU A 325 -5.43 -28.08 -13.14
C GLU A 325 -5.11 -28.15 -14.62
N GLN A 326 -6.12 -28.28 -15.47
CA GLN A 326 -5.90 -28.32 -16.91
C GLN A 326 -5.29 -27.02 -17.41
N LEU A 327 -5.77 -25.88 -16.92
CA LEU A 327 -5.22 -24.60 -17.35
C LEU A 327 -3.76 -24.47 -16.94
N THR A 328 -3.44 -24.86 -15.71
CA THR A 328 -2.05 -24.78 -15.26
C THR A 328 -1.15 -25.65 -16.10
N ALA A 329 -1.58 -26.87 -16.40
CA ALA A 329 -0.77 -27.74 -17.26
C ALA A 329 -0.64 -27.17 -18.66
N GLU A 330 -1.71 -26.58 -19.20
CA GLU A 330 -1.72 -26.16 -20.58
C GLU A 330 -0.87 -24.91 -20.81
N PHE A 331 -0.99 -23.92 -19.93
CA PHE A 331 -0.33 -22.64 -20.13
C PHE A 331 0.95 -22.50 -19.33
N LYS A 332 1.42 -23.59 -18.71
CA LYS A 332 2.68 -23.58 -17.97
C LYS A 332 2.68 -22.50 -16.89
N LEU A 333 1.53 -22.30 -16.26
CA LEU A 333 1.39 -21.21 -15.31
C LEU A 333 2.15 -21.47 -14.01
N ASP A 334 2.67 -22.68 -13.81
CA ASP A 334 3.54 -22.93 -12.67
C ASP A 334 4.91 -22.26 -12.84
N PHE A 335 5.27 -21.89 -14.06
CA PHE A 335 6.57 -21.31 -14.36
C PHE A 335 6.44 -19.80 -14.56
N LEU A 336 7.58 -19.13 -14.52
CA LEU A 336 7.63 -17.68 -14.62
C LEU A 336 7.62 -17.23 -16.07
N TYR A 337 6.76 -16.27 -16.38
CA TYR A 337 6.76 -15.63 -17.68
C TYR A 337 7.76 -14.48 -17.66
N LYS A 338 8.79 -14.55 -18.48
CA LYS A 338 9.80 -13.50 -18.53
C LYS A 338 9.81 -12.89 -19.93
N MET A 339 9.74 -11.57 -19.99
CA MET A 339 9.81 -10.83 -21.23
C MET A 339 11.08 -9.99 -21.22
N GLU A 340 11.98 -10.24 -22.17
CA GLU A 340 13.16 -9.41 -22.28
C GLU A 340 12.77 -8.01 -22.73
N GLU A 341 13.57 -7.03 -22.29
CA GLU A 341 13.23 -5.63 -22.54
C GLU A 341 13.10 -5.38 -24.04
N GLN A 342 12.05 -4.66 -24.42
CA GLN A 342 11.77 -4.38 -25.81
C GLN A 342 12.48 -3.12 -26.31
N GLY A 343 13.21 -2.42 -25.44
CA GLY A 343 13.79 -1.15 -25.80
C GLY A 343 12.72 -0.08 -25.86
N ARG A 344 11.86 -0.15 -26.87
CA ARG A 344 10.72 0.73 -26.98
C ARG A 344 9.64 0.31 -25.99
N ASP A 345 8.61 1.15 -25.87
CA ASP A 345 7.50 0.83 -24.99
C ASP A 345 6.74 -0.38 -25.53
N SER A 346 6.49 -1.35 -24.64
CA SER A 346 5.80 -2.57 -25.02
C SER A 346 4.31 -2.37 -25.27
N GLY A 347 3.77 -1.20 -24.95
CA GLY A 347 2.35 -0.98 -25.15
C GLY A 347 1.51 -1.81 -24.20
N PHE A 348 0.30 -2.15 -24.65
CA PHE A 348 -0.60 -2.96 -23.85
C PHE A 348 -1.52 -3.75 -24.77
N VAL A 349 -2.18 -4.75 -24.20
CA VAL A 349 -3.14 -5.59 -24.88
C VAL A 349 -4.52 -5.26 -24.33
N MET A 350 -5.53 -5.33 -25.18
CA MET A 350 -6.90 -5.09 -24.77
C MET A 350 -7.77 -6.17 -25.36
N ARG A 351 -8.76 -6.62 -24.62
CA ARG A 351 -9.76 -7.54 -25.14
C ARG A 351 -11.15 -6.95 -24.94
N VAL A 352 -11.90 -6.89 -26.03
CA VAL A 352 -13.30 -6.45 -26.00
C VAL A 352 -14.14 -7.59 -26.54
N PRO A 353 -15.43 -7.63 -26.21
CA PRO A 353 -16.26 -8.78 -26.59
C PRO A 353 -16.20 -9.14 -28.07
N GLN A 354 -15.63 -8.29 -28.92
CA GLN A 354 -15.55 -8.57 -30.34
C GLN A 354 -14.19 -9.05 -30.80
N THR A 355 -13.11 -8.64 -30.14
CA THR A 355 -11.78 -9.02 -30.62
C THR A 355 -10.73 -8.70 -29.58
N ASN A 356 -9.54 -9.24 -29.81
CA ASN A 356 -8.34 -8.76 -29.14
C ASN A 356 -7.75 -7.59 -29.92
N TRP A 357 -6.86 -6.86 -29.27
CA TRP A 357 -6.29 -5.66 -29.83
C TRP A 357 -4.95 -5.42 -29.18
N VAL A 358 -3.93 -5.14 -30.00
CA VAL A 358 -2.59 -4.88 -29.51
C VAL A 358 -2.22 -3.46 -29.92
N SER A 359 -1.81 -2.65 -28.94
CA SER A 359 -1.49 -1.25 -29.20
C SER A 359 -0.21 -1.07 -29.99
N VAL A 360 0.57 -2.13 -30.19
CA VAL A 360 1.81 -2.06 -30.95
C VAL A 360 1.72 -2.77 -32.29
N GLY A 361 0.67 -3.55 -32.52
CA GLY A 361 0.49 -4.22 -33.79
C GLY A 361 1.02 -5.64 -33.81
N LYS A 362 2.31 -5.82 -33.61
CA LYS A 362 2.88 -7.15 -33.66
C LYS A 362 2.34 -7.99 -32.50
N PRO A 363 1.82 -9.18 -32.76
CA PRO A 363 1.20 -9.97 -31.69
C PRO A 363 2.22 -10.45 -30.68
N TRP A 364 1.75 -10.70 -29.47
CA TRP A 364 2.57 -11.24 -28.39
C TRP A 364 2.52 -12.77 -28.43
N ASN A 365 3.68 -13.39 -28.28
CA ASN A 365 3.81 -14.83 -28.38
C ASN A 365 4.64 -15.36 -27.21
N ALA A 366 4.27 -16.55 -26.74
CA ALA A 366 4.93 -17.14 -25.58
C ALA A 366 5.17 -18.61 -25.83
N TYR A 367 6.33 -19.09 -25.41
CA TYR A 367 6.67 -20.50 -25.52
C TYR A 367 7.51 -20.93 -24.33
N PHE A 368 7.43 -22.21 -23.99
CA PHE A 368 8.16 -22.74 -22.85
C PHE A 368 9.58 -23.11 -23.28
N ASP A 369 10.57 -22.45 -22.68
CA ASP A 369 11.97 -22.79 -22.88
C ASP A 369 12.36 -23.79 -21.79
N GLU A 370 12.67 -25.03 -22.22
CA GLU A 370 12.98 -26.08 -21.27
C GLU A 370 14.36 -25.92 -20.69
N GLU A 371 15.32 -25.49 -21.51
CA GLU A 371 16.68 -25.30 -21.00
C GLU A 371 16.72 -24.20 -19.94
N LEU A 372 15.97 -23.12 -20.16
CA LEU A 372 15.89 -22.06 -19.18
C LEU A 372 14.90 -22.36 -18.07
N ARG A 373 14.08 -23.40 -18.21
CA ARG A 373 12.99 -23.69 -17.27
C ARG A 373 12.11 -22.47 -17.09
N GLN A 374 11.77 -21.83 -18.20
CA GLN A 374 11.07 -20.56 -18.15
C GLN A 374 10.03 -20.51 -19.26
N VAL A 375 9.24 -19.45 -19.26
CA VAL A 375 8.31 -19.17 -20.34
C VAL A 375 8.75 -17.86 -20.97
N VAL A 376 9.22 -17.93 -22.21
CA VAL A 376 9.69 -16.76 -22.93
C VAL A 376 8.52 -16.10 -23.61
N LEU A 377 8.36 -14.80 -23.39
CA LEU A 377 7.29 -13.99 -23.97
C LEU A 377 7.92 -12.85 -24.74
N GLY A 378 7.39 -12.59 -25.93
CA GLY A 378 7.94 -11.52 -26.75
C GLY A 378 7.30 -11.50 -28.12
N ARG A 379 7.96 -10.82 -29.05
CA ARG A 379 7.45 -10.65 -30.40
C ARG A 379 7.95 -11.73 -31.36
N GLN A 380 8.66 -12.74 -30.87
CA GLN A 380 9.18 -13.77 -31.74
C GLN A 380 8.05 -14.57 -32.36
N PRO A 381 8.23 -15.08 -33.58
CA PRO A 381 7.16 -15.86 -34.22
C PRO A 381 6.81 -17.15 -33.50
N ARG A 382 7.70 -17.69 -32.68
CA ARG A 382 7.43 -18.95 -32.01
C ARG A 382 6.38 -18.74 -30.93
N ASN A 383 5.22 -19.38 -31.08
CA ASN A 383 4.10 -19.22 -30.16
C ASN A 383 3.53 -20.61 -29.90
N ASP A 384 4.04 -21.29 -28.89
CA ASP A 384 3.58 -22.63 -28.57
C ASP A 384 2.55 -22.67 -27.46
N LEU A 385 2.35 -21.57 -26.74
CA LEU A 385 1.42 -21.53 -25.64
C LEU A 385 0.17 -20.72 -25.92
N ASN A 386 0.07 -20.07 -27.08
CA ASN A 386 -1.11 -19.32 -27.48
C ASN A 386 -1.44 -18.23 -26.45
N PHE A 387 -0.51 -17.28 -26.34
CA PHE A 387 -0.70 -16.19 -25.39
C PHE A 387 -2.03 -15.48 -25.60
N GLN A 388 -2.37 -15.19 -26.86
CA GLN A 388 -3.64 -14.55 -27.16
C GLN A 388 -4.82 -15.41 -26.73
N ARG A 389 -4.62 -16.71 -26.62
CA ARG A 389 -5.63 -17.55 -25.99
C ARG A 389 -5.47 -17.55 -24.49
N MET A 390 -4.23 -17.40 -23.99
CA MET A 390 -3.98 -17.49 -22.56
C MET A 390 -4.75 -16.43 -21.80
N LEU A 391 -4.66 -15.17 -22.23
CA LEU A 391 -5.24 -14.10 -21.42
C LEU A 391 -6.74 -14.21 -21.26
N PRO A 392 -7.55 -14.28 -22.33
CA PRO A 392 -9.00 -14.40 -22.12
C PRO A 392 -9.43 -15.65 -21.39
N ARG A 393 -8.74 -16.76 -21.61
CA ARG A 393 -9.11 -18.00 -20.93
C ARG A 393 -8.95 -17.88 -19.42
N ILE A 394 -7.82 -17.32 -18.98
CA ILE A 394 -7.60 -17.13 -17.56
C ILE A 394 -8.59 -16.13 -16.98
N SER A 395 -8.88 -15.06 -17.73
CA SER A 395 -9.84 -14.08 -17.21
C SER A 395 -11.22 -14.72 -17.04
N VAL A 396 -11.64 -15.54 -18.00
CA VAL A 396 -12.93 -16.21 -17.90
C VAL A 396 -12.96 -17.17 -16.72
N PHE A 397 -11.88 -17.93 -16.52
CA PHE A 397 -11.84 -18.83 -15.37
C PHE A 397 -11.95 -18.05 -14.07
N LEU A 398 -11.24 -16.92 -13.98
CA LEU A 398 -11.30 -16.11 -12.77
C LEU A 398 -12.71 -15.60 -12.53
N LYS A 399 -13.38 -15.13 -13.57
CA LYS A 399 -14.74 -14.63 -13.41
C LYS A 399 -15.66 -15.73 -12.87
N GLY A 400 -15.59 -16.92 -13.46
CA GLY A 400 -16.46 -17.99 -13.02
C GLY A 400 -16.17 -18.46 -11.60
N ALA A 401 -14.89 -18.63 -11.28
CA ALA A 401 -14.52 -19.06 -9.94
C ALA A 401 -14.91 -18.03 -8.90
N THR A 402 -14.77 -16.75 -9.22
CA THR A 402 -15.17 -15.72 -8.28
C THR A 402 -16.68 -15.72 -8.08
N LYS A 403 -17.45 -16.01 -9.13
CA LYS A 403 -18.90 -16.13 -8.95
C LYS A 403 -19.23 -17.29 -8.01
N PHE A 404 -18.56 -18.43 -8.19
CA PHE A 404 -18.77 -19.55 -7.28
C PHE A 404 -18.46 -19.16 -5.85
N ILE A 405 -17.33 -18.48 -5.65
CA ILE A 405 -16.95 -18.06 -4.30
C ILE A 405 -17.94 -17.04 -3.75
N LEU A 406 -18.50 -16.18 -4.59
CA LEU A 406 -19.48 -15.22 -4.12
C LEU A 406 -20.74 -15.93 -3.63
N ASN A 407 -21.18 -16.96 -4.35
CA ASN A 407 -22.32 -17.73 -3.86
C ASN A 407 -22.01 -18.37 -2.50
N ARG A 408 -20.82 -18.96 -2.37
CA ARG A 408 -20.45 -19.54 -1.09
C ARG A 408 -20.38 -18.49 0.00
N ALA A 409 -19.94 -17.28 -0.34
CA ALA A 409 -19.85 -16.21 0.64
C ALA A 409 -21.24 -15.75 1.07
N ARG A 410 -22.19 -15.73 0.15
CA ARG A 410 -23.57 -15.42 0.52
C ARG A 410 -24.09 -16.44 1.51
N GLU A 411 -23.86 -17.72 1.25
CA GLU A 411 -24.28 -18.75 2.19
C GLU A 411 -23.60 -18.57 3.55
N TYR A 412 -22.30 -18.29 3.54
CA TYR A 412 -21.57 -18.13 4.79
C TYR A 412 -22.09 -16.94 5.58
N GLN A 413 -22.36 -15.82 4.91
CA GLN A 413 -22.87 -14.64 5.59
C GLN A 413 -24.25 -14.90 6.18
N VAL A 414 -25.14 -15.54 5.41
CA VAL A 414 -26.48 -15.75 5.93
C VAL A 414 -26.46 -16.74 7.08
N SER A 415 -25.51 -17.68 7.10
CA SER A 415 -25.43 -18.59 8.24
C SER A 415 -24.83 -17.89 9.46
N GLU A 416 -23.80 -17.07 9.26
CA GLU A 416 -23.15 -16.42 10.39
C GLU A 416 -24.02 -15.35 11.01
N ASN A 417 -24.87 -14.69 10.22
CA ASN A 417 -25.72 -13.65 10.77
C ASN A 417 -26.81 -14.19 11.67
N GLN A 418 -27.20 -15.45 11.49
CA GLN A 418 -28.22 -16.03 12.36
C GLN A 418 -27.71 -16.24 13.77
N LYS A 419 -26.43 -16.60 13.91
CA LYS A 419 -25.88 -16.85 15.24
C LYS A 419 -25.83 -15.58 16.07
N LEU A 420 -25.53 -14.46 15.44
CA LEU A 420 -25.48 -13.19 16.16
C LEU A 420 -26.83 -12.84 16.74
N SER A 421 -26.81 -12.31 17.96
CA SER A 421 -28.02 -11.85 18.63
C SER A 421 -28.34 -10.40 18.28
N SER A 422 -27.33 -9.56 18.19
CA SER A 422 -27.52 -8.16 17.82
C SER A 422 -27.47 -8.03 16.31
N LEU A 423 -28.50 -7.43 15.73
CA LEU A 423 -28.58 -7.24 14.29
C LEU A 423 -27.92 -5.94 13.84
N ASP A 424 -27.35 -5.17 14.75
CA ASP A 424 -26.70 -3.92 14.41
C ASP A 424 -25.24 -4.08 14.02
N ASP A 425 -24.70 -5.31 14.06
CA ASP A 425 -23.30 -5.53 13.72
C ASP A 425 -23.11 -6.79 12.90
N ALA A 426 -24.09 -7.15 12.08
CA ALA A 426 -23.93 -8.30 11.20
C ALA A 426 -22.94 -7.98 10.08
N MET A 427 -22.40 -9.03 9.48
CA MET A 427 -21.41 -8.86 8.43
C MET A 427 -22.08 -8.74 7.07
N THR A 428 -21.51 -7.89 6.23
CA THR A 428 -22.03 -7.66 4.89
C THR A 428 -21.44 -8.68 3.92
N ILE A 429 -21.96 -8.66 2.70
CA ILE A 429 -21.49 -9.62 1.70
C ILE A 429 -20.03 -9.36 1.37
N GLU A 430 -19.62 -8.09 1.38
CA GLU A 430 -18.22 -7.76 1.14
C GLU A 430 -17.32 -8.33 2.21
N ASP A 431 -17.74 -8.23 3.48
CA ASP A 431 -16.96 -8.81 4.56
C ASP A 431 -16.83 -10.32 4.41
N ALA A 432 -17.92 -10.99 4.04
CA ALA A 432 -17.86 -12.44 3.86
C ALA A 432 -16.94 -12.82 2.71
N CYS A 433 -17.02 -12.08 1.60
CA CYS A 433 -16.16 -12.37 0.46
C CYS A 433 -14.70 -12.17 0.82
N PHE A 434 -14.39 -11.07 1.50
CA PHE A 434 -13.01 -10.81 1.90
C PHE A 434 -12.53 -11.87 2.88
N SER A 435 -13.39 -12.29 3.80
CA SER A 435 -13.00 -13.33 4.75
C SER A 435 -12.69 -14.63 4.04
N ILE A 436 -13.51 -15.03 3.07
CA ILE A 436 -13.26 -16.27 2.36
C ILE A 436 -11.99 -16.15 1.54
N TYR A 437 -11.76 -15.01 0.88
CA TYR A 437 -10.55 -14.86 0.09
C TYR A 437 -9.31 -14.89 0.97
N ALA A 438 -9.39 -14.27 2.15
CA ALA A 438 -8.25 -14.32 3.07
C ALA A 438 -8.06 -15.72 3.64
N ALA A 439 -9.13 -16.50 3.71
CA ALA A 439 -9.00 -17.88 4.17
C ALA A 439 -8.21 -18.73 3.19
N LEU A 440 -8.33 -18.45 1.89
CA LEU A 440 -7.59 -19.15 0.86
C LEU A 440 -6.18 -18.62 0.68
N GLY A 441 -5.68 -17.84 1.63
CA GLY A 441 -4.33 -17.33 1.56
C GLY A 441 -4.10 -16.33 0.44
N LEU A 442 -5.08 -15.49 0.16
CA LEU A 442 -4.96 -14.47 -0.87
C LEU A 442 -4.69 -13.12 -0.23
N SER A 443 -3.87 -12.32 -0.88
CA SER A 443 -3.54 -11.01 -0.36
C SER A 443 -4.77 -10.11 -0.40
N LYS A 444 -4.69 -8.99 0.34
CA LYS A 444 -5.80 -8.05 0.36
C LYS A 444 -6.05 -7.47 -1.02
N SER A 445 -4.98 -7.15 -1.76
CA SER A 445 -5.15 -6.64 -3.12
C SER A 445 -5.75 -7.70 -4.03
N GLN A 446 -5.30 -8.94 -3.93
CA GLN A 446 -5.85 -10.01 -4.75
C GLN A 446 -7.32 -10.24 -4.42
N ALA A 447 -7.65 -10.21 -3.13
CA ALA A 447 -9.05 -10.33 -2.73
C ALA A 447 -9.88 -9.19 -3.31
N LYS A 448 -9.34 -7.98 -3.27
CA LYS A 448 -10.06 -6.82 -3.78
C LYS A 448 -10.35 -6.97 -5.27
N ILE A 449 -9.34 -7.36 -6.05
CA ILE A 449 -9.55 -7.47 -7.49
C ILE A 449 -10.47 -8.64 -7.81
N LEU A 450 -10.35 -9.74 -7.08
CA LEU A 450 -11.25 -10.88 -7.35
C LEU A 450 -12.68 -10.53 -7.01
N PHE A 451 -12.90 -9.81 -5.91
CA PHE A 451 -14.25 -9.39 -5.56
C PHE A 451 -14.81 -8.40 -6.56
N SER A 452 -13.97 -7.53 -7.12
CA SER A 452 -14.44 -6.51 -8.03
C SER A 452 -14.80 -7.04 -9.41
N LEU A 453 -14.85 -8.35 -9.62
CA LEU A 453 -15.14 -8.90 -10.94
C LEU A 453 -16.63 -9.06 -11.20
N GLY A 454 -17.42 -9.39 -10.18
CA GLY A 454 -18.85 -9.44 -10.31
C GLY A 454 -19.54 -8.84 -9.11
N HIS A 455 -18.74 -8.46 -8.12
CA HIS A 455 -19.21 -7.85 -6.89
C HIS A 455 -20.21 -8.77 -6.19
N ASP A 456 -21.46 -8.33 -6.07
CA ASP A 456 -22.48 -9.13 -5.42
C ASP A 456 -23.69 -9.36 -6.32
N PHE A 457 -23.48 -9.38 -7.64
CA PHE A 457 -24.57 -9.64 -8.56
C PHE A 457 -24.75 -11.16 -8.71
N SER A 458 -25.93 -11.66 -8.39
CA SER A 458 -26.15 -13.10 -8.42
C SER A 458 -27.38 -13.51 -9.23
N SER A 459 -28.44 -12.68 -9.24
CA SER A 459 -29.72 -12.89 -9.96
C SER A 459 -30.50 -13.96 -9.12
N PRO A 460 -31.83 -13.99 -9.25
CA PRO A 460 -32.65 -14.86 -8.45
C PRO A 460 -32.47 -16.31 -8.92
N THR A 461 -32.34 -17.25 -7.98
CA THR A 461 -32.20 -18.66 -8.31
C THR A 461 -33.54 -19.30 -8.67
N LYS A 462 -34.65 -18.79 -8.15
CA LYS A 462 -35.94 -19.38 -8.44
C LYS A 462 -36.24 -19.35 -9.93
N VAL A 463 -36.82 -20.44 -10.43
CA VAL A 463 -37.15 -20.59 -11.83
C VAL A 463 -38.61 -20.24 -12.13
N LYS A 464 -39.25 -19.47 -11.25
CA LYS A 464 -40.65 -19.08 -11.43
C LYS A 464 -40.82 -17.57 -11.38
N THR A 465 -39.91 -16.81 -11.98
CA THR A 465 -40.00 -15.36 -11.97
C THR A 465 -41.08 -14.89 -12.92
N THR A 466 -41.61 -15.80 -13.73
CA THR A 466 -42.68 -15.54 -14.70
C THR A 466 -42.19 -14.62 -15.83
N TYR A 467 -40.92 -14.23 -15.80
CA TYR A 467 -40.33 -13.49 -16.92
C TYR A 467 -38.88 -13.93 -17.05
N HIS A 468 -38.48 -14.27 -18.27
CA HIS A 468 -37.13 -14.73 -18.56
C HIS A 468 -36.29 -13.55 -19.03
N ALA A 469 -35.28 -13.20 -18.24
CA ALA A 469 -34.37 -12.12 -18.62
C ALA A 469 -33.38 -12.62 -19.66
N HIS A 470 -33.31 -11.94 -20.79
CA HIS A 470 -32.47 -12.35 -21.89
C HIS A 470 -31.97 -11.13 -22.62
N SER A 471 -30.75 -11.20 -23.13
CA SER A 471 -30.18 -10.09 -23.89
C SER A 471 -29.01 -10.58 -24.72
N GLY A 472 -28.86 -10.02 -25.91
CA GLY A 472 -27.77 -10.36 -26.79
C GLY A 472 -26.67 -9.33 -26.80
N ARG A 473 -26.64 -8.47 -25.79
CA ARG A 473 -25.63 -7.41 -25.70
C ARG A 473 -24.41 -7.96 -24.99
N ARG A 474 -23.34 -8.21 -25.75
CA ARG A 474 -22.18 -8.90 -25.20
C ARG A 474 -21.39 -8.04 -24.25
N PHE A 475 -21.30 -6.73 -24.50
CA PHE A 475 -20.51 -5.88 -23.61
C PHE A 475 -21.11 -5.82 -22.22
N GLN A 476 -22.45 -5.77 -22.14
CA GLN A 476 -23.09 -5.79 -20.84
C GLN A 476 -22.86 -7.10 -20.10
N GLN A 477 -22.52 -8.17 -20.81
CA GLN A 477 -22.42 -9.49 -20.21
C GLN A 477 -21.00 -9.92 -19.92
N ARG A 478 -20.00 -9.36 -20.60
CA ARG A 478 -18.63 -9.79 -20.37
C ARG A 478 -17.61 -8.66 -20.31
N GLY A 479 -17.99 -7.42 -20.55
CA GLY A 479 -17.11 -6.30 -20.29
C GLY A 479 -15.86 -6.34 -21.15
N LEU A 480 -14.80 -5.71 -20.66
CA LEU A 480 -13.54 -5.67 -21.37
C LEU A 480 -12.39 -5.77 -20.39
N SER A 481 -11.21 -6.11 -20.90
CA SER A 481 -10.04 -6.26 -20.05
C SER A 481 -8.81 -5.66 -20.72
N LEU A 482 -7.87 -5.24 -19.89
CA LEU A 482 -6.64 -4.59 -20.33
C LEU A 482 -5.46 -5.24 -19.64
N PHE A 483 -4.36 -5.42 -20.36
CA PHE A 483 -3.19 -6.09 -19.82
C PHE A 483 -1.95 -5.32 -20.18
N GLN A 484 -1.06 -5.16 -19.20
CA GLN A 484 0.19 -4.45 -19.40
C GLN A 484 1.34 -5.28 -18.84
N PHE A 485 2.40 -5.43 -19.61
CA PHE A 485 3.57 -6.21 -19.20
C PHE A 485 4.64 -5.26 -18.67
N THR A 486 5.11 -5.54 -17.46
CA THR A 486 6.09 -4.67 -16.80
C THR A 486 7.25 -5.50 -16.26
N ASN A 487 8.44 -4.95 -16.42
CA ASN A 487 9.66 -5.51 -15.84
C ASN A 487 10.20 -4.56 -14.79
N ASP A 488 10.93 -5.12 -13.82
CA ASP A 488 11.46 -4.31 -12.74
C ASP A 488 12.66 -5.02 -12.15
N PRO A 489 13.73 -4.30 -11.79
CA PRO A 489 14.86 -4.95 -11.13
C PRO A 489 14.51 -5.59 -9.80
N GLN A 490 13.44 -5.14 -9.13
CA GLN A 490 13.04 -5.76 -7.88
C GLN A 490 12.44 -7.14 -8.07
N HIS A 491 11.89 -7.43 -9.24
CA HIS A 491 11.45 -8.78 -9.61
C HIS A 491 12.04 -9.16 -10.96
N ASP A 492 13.37 -9.06 -11.04
CA ASP A 492 14.10 -9.20 -12.29
C ASP A 492 13.85 -10.53 -12.99
N LEU A 493 13.48 -11.57 -12.28
CA LEU A 493 13.36 -12.89 -12.85
C LEU A 493 12.06 -13.13 -13.62
N GLN A 494 11.11 -12.20 -13.55
CA GLN A 494 9.79 -12.44 -14.12
C GLN A 494 9.20 -11.14 -14.60
N THR A 495 8.25 -11.26 -15.53
CA THR A 495 7.52 -10.12 -16.06
C THR A 495 6.11 -10.14 -15.50
N LYS A 496 5.69 -9.03 -14.91
CA LYS A 496 4.35 -8.95 -14.34
C LYS A 496 3.35 -8.60 -15.42
N ILE A 497 2.24 -9.34 -15.45
CA ILE A 497 1.14 -9.06 -16.36
C ILE A 497 0.02 -8.41 -15.55
N ASN A 498 0.03 -7.09 -15.46
CA ASN A 498 -0.96 -6.37 -14.69
C ASN A 498 -2.26 -6.31 -15.48
N ALA A 499 -3.33 -6.79 -14.86
CA ALA A 499 -4.63 -6.90 -15.52
C ALA A 499 -5.62 -5.91 -14.91
N CYS A 500 -6.46 -5.36 -15.76
CA CYS A 500 -7.50 -4.41 -15.37
C CYS A 500 -8.80 -4.85 -16.01
N PHE A 501 -9.82 -5.08 -15.21
CA PHE A 501 -11.10 -5.58 -15.69
C PHE A 501 -12.17 -4.51 -15.54
N PHE A 502 -12.95 -4.28 -16.59
CA PHE A 502 -14.13 -3.45 -16.51
C PHE A 502 -15.32 -4.34 -16.84
N ASN A 503 -16.09 -4.69 -15.82
CA ASN A 503 -17.24 -5.56 -16.00
C ASN A 503 -18.56 -4.93 -15.56
N GLU A 504 -18.54 -3.83 -14.81
CA GLU A 504 -19.75 -3.27 -14.24
C GLU A 504 -20.10 -1.97 -14.96
N THR A 505 -20.90 -2.09 -16.00
CA THR A 505 -21.46 -0.93 -16.66
C THR A 505 -22.52 -0.31 -15.76
N PRO A 506 -22.85 0.97 -15.98
CA PRO A 506 -23.90 1.60 -15.16
C PRO A 506 -25.23 0.87 -15.20
N GLU A 507 -25.57 0.24 -16.32
CA GLU A 507 -26.79 -0.56 -16.36
C GLU A 507 -26.70 -1.74 -15.41
N ARG A 508 -25.54 -2.39 -15.35
CA ARG A 508 -25.38 -3.50 -14.42
C ARG A 508 -25.43 -3.01 -12.99
N TYR A 509 -24.89 -1.83 -12.71
CA TYR A 509 -25.01 -1.26 -11.37
C TYR A 509 -26.46 -1.01 -11.02
N LEU A 510 -27.23 -0.46 -11.95
CA LEU A 510 -28.64 -0.20 -11.68
C LEU A 510 -29.41 -1.49 -11.47
N LEU A 511 -29.11 -2.52 -12.26
CA LEU A 511 -29.78 -3.81 -12.06
C LEU A 511 -29.40 -4.42 -10.72
N ASN A 512 -28.15 -4.30 -10.32
CA ASN A 512 -27.72 -4.79 -9.01
C ASN A 512 -28.44 -4.05 -7.90
N LEU A 513 -28.57 -2.73 -8.03
CA LEU A 513 -29.32 -1.96 -7.04
C LEU A 513 -30.77 -2.38 -7.00
N LEU A 514 -31.35 -2.67 -8.16
CA LEU A 514 -32.75 -3.09 -8.22
C LEU A 514 -32.97 -4.47 -7.61
N SER A 515 -31.89 -5.22 -7.34
CA SER A 515 -32.04 -6.50 -6.67
C SER A 515 -32.39 -6.36 -5.20
N LYS A 516 -32.29 -5.16 -4.64
CA LYS A 516 -32.53 -4.97 -3.22
C LYS A 516 -33.26 -3.69 -2.87
N ALA A 517 -33.68 -2.89 -3.85
CA ALA A 517 -34.35 -1.64 -3.56
C ALA A 517 -35.12 -1.19 -4.80
N ASN A 518 -36.30 -0.64 -4.57
CA ASN A 518 -37.06 -0.03 -5.65
C ASN A 518 -36.41 1.28 -6.06
N VAL A 519 -36.52 1.62 -7.34
CA VAL A 519 -35.94 2.84 -7.86
C VAL A 519 -37.02 3.62 -8.59
N LEU A 520 -37.13 4.90 -8.25
CA LEU A 520 -37.98 5.84 -8.97
C LEU A 520 -37.07 6.90 -9.59
N GLY A 521 -37.11 7.02 -10.91
CA GLY A 521 -36.27 7.99 -11.58
C GLY A 521 -37.07 9.11 -12.21
N LEU A 522 -36.74 10.35 -11.87
CA LEU A 522 -37.42 11.50 -12.41
C LEU A 522 -36.46 12.26 -13.33
N SER A 523 -36.98 12.71 -14.47
CA SER A 523 -36.20 13.55 -15.37
C SER A 523 -37.13 14.04 -16.47
N ALA A 524 -36.80 15.21 -17.01
CA ALA A 524 -37.52 15.70 -18.18
C ALA A 524 -37.18 14.89 -19.41
N THR A 525 -36.05 14.19 -19.40
CA THR A 525 -35.53 13.42 -20.52
C THR A 525 -35.10 12.05 -20.05
N ALA A 526 -35.95 11.40 -19.25
CA ALA A 526 -35.58 10.14 -18.62
C ALA A 526 -35.54 8.98 -19.59
N THR A 527 -36.26 9.06 -20.71
CA THR A 527 -36.37 7.95 -21.63
C THR A 527 -35.96 8.32 -23.05
N LEU A 528 -34.98 9.20 -23.20
CA LEU A 528 -34.46 9.47 -24.53
C LEU A 528 -33.66 8.29 -25.03
N PRO A 529 -33.90 7.82 -26.24
CA PRO A 529 -33.23 6.61 -26.75
C PRO A 529 -31.78 6.86 -27.16
N THR A 530 -30.96 7.23 -26.19
CA THR A 530 -29.52 7.34 -26.41
C THR A 530 -28.79 6.50 -25.37
N VAL A 531 -27.69 5.88 -25.80
CA VAL A 531 -26.90 5.05 -24.90
C VAL A 531 -25.63 5.75 -24.45
N LEU A 532 -25.43 7.01 -24.83
CA LEU A 532 -24.26 7.78 -24.45
C LEU A 532 -24.53 8.73 -23.29
N ASP A 533 -25.72 9.35 -23.28
CA ASP A 533 -26.09 10.26 -22.21
C ASP A 533 -27.31 9.76 -21.43
N ASN A 534 -27.62 8.47 -21.55
CA ASN A 534 -28.72 7.88 -20.81
C ASN A 534 -28.47 6.38 -20.74
N TYR A 535 -29.16 5.72 -19.81
CA TYR A 535 -29.02 4.29 -19.67
C TYR A 535 -29.46 3.58 -20.94
N ASP A 536 -29.00 2.35 -21.11
CA ASP A 536 -29.44 1.54 -22.23
C ASP A 536 -30.84 1.03 -21.95
N LEU A 537 -31.86 1.81 -22.33
CA LEU A 537 -33.23 1.45 -22.00
C LEU A 537 -33.64 0.13 -22.65
N GLY A 538 -33.07 -0.20 -23.81
CA GLY A 538 -33.35 -1.49 -24.41
C GLY A 538 -32.86 -2.64 -23.55
N TYR A 539 -31.61 -2.53 -23.07
CA TYR A 539 -31.07 -3.57 -22.20
C TYR A 539 -31.84 -3.65 -20.89
N LEU A 540 -32.18 -2.50 -20.31
CA LEU A 540 -32.95 -2.51 -19.07
C LEU A 540 -34.31 -3.14 -19.26
N ARG A 541 -34.99 -2.81 -20.37
CA ARG A 541 -36.28 -3.43 -20.63
C ARG A 541 -36.13 -4.94 -20.80
N GLU A 542 -35.10 -5.37 -21.54
CA GLU A 542 -34.90 -6.81 -21.73
C GLU A 542 -34.67 -7.52 -20.40
N MET A 543 -33.86 -6.92 -19.52
CA MET A 543 -33.51 -7.58 -18.28
C MET A 543 -34.56 -7.41 -17.18
N LEU A 544 -35.50 -6.49 -17.34
CA LEU A 544 -36.51 -6.25 -16.32
C LEU A 544 -37.89 -6.77 -16.69
N GLY A 545 -38.40 -6.43 -17.87
CA GLY A 545 -39.70 -6.87 -18.28
C GLY A 545 -40.81 -6.09 -17.60
N PRO A 546 -41.68 -6.80 -16.88
CA PRO A 546 -42.76 -6.11 -16.14
C PRO A 546 -42.25 -5.29 -14.97
N ARG A 547 -40.99 -5.45 -14.57
CA ARG A 547 -40.43 -4.70 -13.47
C ARG A 547 -39.97 -3.31 -13.88
N LEU A 548 -40.21 -2.90 -15.12
CA LEU A 548 -39.87 -1.56 -15.59
C LEU A 548 -41.19 -0.83 -15.82
N LEU A 549 -41.66 -0.14 -14.79
CA LEU A 549 -42.92 0.57 -14.85
C LEU A 549 -42.74 1.95 -15.45
N ASP A 550 -43.86 2.57 -15.81
CA ASP A 550 -43.88 3.91 -16.38
C ASP A 550 -44.68 4.82 -15.45
N GLY A 551 -44.12 5.99 -15.15
CA GLY A 551 -44.75 6.88 -14.20
C GLY A 551 -45.96 7.60 -14.73
N VAL A 552 -46.10 7.71 -16.05
CA VAL A 552 -47.23 8.44 -16.61
C VAL A 552 -48.55 7.73 -16.37
N HIS A 553 -48.53 6.42 -16.13
CA HIS A 553 -49.74 5.68 -15.84
C HIS A 553 -50.29 5.97 -14.46
N TYR A 554 -49.78 7.00 -13.78
CA TYR A 554 -50.29 7.41 -12.48
C TYR A 554 -50.54 8.89 -12.37
N LEU A 555 -50.08 9.71 -13.31
CA LEU A 555 -50.36 11.14 -13.26
C LEU A 555 -51.83 11.40 -13.56
N SER A 556 -52.36 12.45 -12.94
CA SER A 556 -53.72 12.88 -13.25
C SER A 556 -53.80 13.35 -14.69
N ASP A 557 -54.90 13.02 -15.36
CA ASP A 557 -55.04 13.36 -16.77
C ASP A 557 -55.05 14.86 -16.98
N THR A 558 -55.47 15.64 -15.97
CA THR A 558 -55.42 17.09 -16.09
C THR A 558 -54.00 17.58 -16.28
N THR A 559 -53.05 17.04 -15.50
CA THR A 559 -51.65 17.42 -15.66
C THR A 559 -51.11 17.00 -17.02
N ILE A 560 -51.49 15.80 -17.49
CA ILE A 560 -51.04 15.34 -18.80
C ILE A 560 -51.51 16.29 -19.88
N LYS A 561 -52.78 16.71 -19.81
CA LYS A 561 -53.28 17.71 -20.74
C LYS A 561 -52.52 19.02 -20.62
N GLU A 562 -52.17 19.40 -19.39
CA GLU A 562 -51.48 20.67 -19.20
C GLU A 562 -50.06 20.64 -19.77
N PHE A 563 -49.46 19.46 -19.90
CA PHE A 563 -48.11 19.39 -20.44
C PHE A 563 -48.01 20.00 -21.84
N ASP A 564 -49.02 19.81 -22.67
CA ASP A 564 -48.95 20.39 -24.02
C ASP A 564 -49.06 21.90 -23.96
N PHE A 565 -48.22 22.60 -24.73
CA PHE A 565 -48.26 24.05 -24.78
C PHE A 565 -48.61 24.61 -26.15
N GLU A 566 -48.66 23.79 -27.20
CA GLU A 566 -48.88 24.32 -28.53
C GLU A 566 -50.24 24.98 -28.70
N SER A 567 -51.21 24.63 -27.85
CA SER A 567 -52.50 25.32 -27.83
C SER A 567 -52.46 26.56 -26.94
N ARG A 568 -51.67 26.52 -25.87
CA ARG A 568 -51.52 27.68 -25.01
C ARG A 568 -50.90 28.85 -25.76
N TYR A 569 -49.86 28.58 -26.54
CA TYR A 569 -49.15 29.65 -27.24
C TYR A 569 -50.03 30.32 -28.28
N ALA A 570 -50.86 29.53 -28.96
CA ALA A 570 -51.75 30.10 -29.97
C ALA A 570 -52.84 30.96 -29.35
N LYS A 571 -53.32 30.60 -28.15
CA LYS A 571 -54.33 31.41 -27.48
C LYS A 571 -53.80 32.81 -27.17
N GLN A 572 -52.57 32.89 -26.66
CA GLN A 572 -51.94 34.17 -26.39
C GLN A 572 -51.27 34.77 -27.62
N LYS A 573 -51.29 34.06 -28.75
CA LYS A 573 -50.61 34.48 -29.98
C LYS A 573 -49.12 34.73 -29.71
N ILE A 574 -48.44 33.65 -29.34
CA ILE A 574 -47.00 33.65 -29.17
C ILE A 574 -46.38 32.97 -30.38
N GLU A 575 -45.48 33.67 -31.06
CA GLU A 575 -44.82 33.16 -32.26
C GLU A 575 -43.36 32.91 -31.95
N VAL A 576 -42.87 31.75 -32.36
CA VAL A 576 -41.46 31.38 -32.18
C VAL A 576 -40.88 31.16 -33.56
N LYS A 577 -39.96 32.03 -33.97
CA LYS A 577 -39.40 32.02 -35.31
C LYS A 577 -37.93 31.62 -35.26
N VAL A 578 -37.51 30.84 -36.25
CA VAL A 578 -36.15 30.32 -36.32
C VAL A 578 -35.65 30.41 -37.75
N GLU A 579 -34.39 30.81 -37.92
CA GLU A 579 -33.79 30.90 -39.24
C GLU A 579 -32.35 30.45 -39.17
N THR A 580 -31.84 30.01 -40.32
CA THR A 580 -30.50 29.44 -40.41
C THR A 580 -29.44 30.54 -40.54
N GLY A 581 -28.31 30.31 -39.89
CA GLY A 581 -27.19 31.22 -39.98
C GLY A 581 -26.23 30.89 -41.11
N ILE A 582 -26.67 31.11 -42.35
CA ILE A 582 -25.84 30.78 -43.50
C ILE A 582 -24.57 31.62 -43.49
N VAL A 583 -23.42 30.96 -43.59
CA VAL A 583 -22.11 31.61 -43.54
C VAL A 583 -21.18 30.87 -44.48
N ASP A 584 -20.29 31.61 -45.14
CA ASP A 584 -19.26 30.99 -45.97
C ASP A 584 -17.87 31.48 -45.55
N ARG A 585 -16.88 31.25 -46.41
CA ARG A 585 -15.48 31.55 -46.15
C ARG A 585 -15.24 32.90 -45.48
N PHE A 586 -15.77 33.98 -46.05
CA PHE A 586 -15.51 35.32 -45.56
C PHE A 586 -16.82 36.02 -45.23
N PHE A 587 -16.72 37.09 -44.45
CA PHE A 587 -17.90 37.79 -43.92
C PHE A 587 -18.57 38.60 -45.03
N SER A 588 -19.33 37.88 -45.86
CA SER A 588 -20.14 38.50 -46.89
C SER A 588 -21.63 38.43 -46.57
N GLU A 589 -22.02 37.69 -45.53
CA GLU A 589 -23.41 37.56 -45.15
C GLU A 589 -23.70 38.03 -43.73
N ILE A 590 -22.70 38.09 -42.86
CA ILE A 590 -22.91 38.64 -41.52
C ILE A 590 -23.30 40.10 -41.62
N LEU A 591 -22.81 40.79 -42.65
CA LEU A 591 -23.24 42.15 -42.92
C LEU A 591 -24.71 42.15 -43.36
N PRO A 592 -25.47 43.17 -43.00
CA PRO A 592 -26.86 43.25 -43.47
C PRO A 592 -26.89 43.52 -44.97
N LYS A 593 -27.65 42.70 -45.70
CA LYS A 593 -27.75 42.87 -47.14
C LYS A 593 -28.47 44.15 -47.54
N ASN A 594 -29.12 44.83 -46.60
CA ASN A 594 -29.82 46.06 -46.90
C ASN A 594 -28.85 47.14 -47.35
N ASN A 595 -29.23 47.91 -48.37
CA ASN A 595 -28.34 48.89 -49.00
C ASN A 595 -28.33 50.20 -48.19
N GLN A 596 -27.85 50.09 -46.95
CA GLN A 596 -27.65 51.26 -46.10
C GLN A 596 -26.27 51.27 -45.47
N LYS A 597 -25.35 50.42 -45.96
CA LYS A 597 -24.01 50.35 -45.38
C LYS A 597 -23.28 51.67 -45.56
N ILE A 598 -22.57 52.08 -44.52
CA ILE A 598 -21.83 53.35 -44.53
C ILE A 598 -20.36 53.14 -44.87
N ASP A 599 -19.75 52.09 -44.34
CA ASP A 599 -18.33 51.82 -44.53
C ASP A 599 -18.16 50.50 -45.26
N ASN A 600 -17.46 50.53 -46.39
CA ASN A 600 -17.20 49.31 -47.16
C ASN A 600 -15.85 48.70 -46.82
N LYS A 601 -14.79 49.50 -46.83
CA LYS A 601 -13.46 48.99 -46.51
C LYS A 601 -13.30 48.62 -45.04
N LYS A 602 -14.17 49.10 -44.16
CA LYS A 602 -14.12 48.65 -42.77
C LYS A 602 -14.52 47.18 -42.66
N ILE A 603 -15.41 46.73 -43.54
CA ILE A 603 -15.72 45.30 -43.60
C ILE A 603 -14.48 44.51 -44.00
N TRP A 604 -13.72 45.02 -44.96
CA TRP A 604 -12.46 44.38 -45.32
C TRP A 604 -11.47 44.40 -44.17
N GLU A 605 -11.47 45.48 -43.38
CA GLU A 605 -10.62 45.53 -42.20
C GLU A 605 -11.01 44.44 -41.20
N LEU A 606 -12.31 44.27 -40.99
CA LEU A 606 -12.78 43.20 -40.10
C LEU A 606 -12.39 41.83 -40.63
N ASP A 607 -12.51 41.63 -41.94
CA ASP A 607 -12.12 40.35 -42.54
C ASP A 607 -10.64 40.09 -42.36
N ALA A 608 -9.80 41.11 -42.57
CA ALA A 608 -8.37 40.96 -42.36
C ALA A 608 -8.06 40.66 -40.90
N GLU A 609 -8.78 41.30 -39.98
CA GLU A 609 -8.56 41.02 -38.56
C GLU A 609 -8.90 39.57 -38.21
N LEU A 610 -10.04 39.07 -38.72
CA LEU A 610 -10.41 37.71 -38.40
C LEU A 610 -9.47 36.71 -39.06
N ALA A 611 -9.00 37.03 -40.28
CA ALA A 611 -8.01 36.17 -40.92
C ALA A 611 -6.72 36.13 -40.12
N LYS A 612 -6.28 37.28 -39.62
CA LYS A 612 -5.08 37.32 -38.79
C LYS A 612 -5.27 36.52 -37.51
N LEU A 613 -6.45 36.63 -36.89
CA LEU A 613 -6.72 35.91 -35.65
C LEU A 613 -6.87 34.40 -35.85
N VAL A 614 -7.31 33.96 -37.02
CA VAL A 614 -7.38 32.53 -37.27
C VAL A 614 -6.07 31.98 -37.82
N ASN A 615 -5.18 32.84 -38.33
CA ASN A 615 -3.87 32.41 -38.78
C ASN A 615 -2.84 32.43 -37.66
N CYS A 616 -3.19 32.94 -36.48
CA CYS A 616 -2.28 32.95 -35.33
C CYS A 616 -2.41 31.70 -34.47
N ILE A 617 -2.91 30.61 -35.04
CA ILE A 617 -3.11 29.36 -34.32
C ILE A 617 -2.19 28.31 -34.92
N PRO A 618 -1.45 27.61 -34.06
CA PRO A 618 -0.50 26.60 -34.48
C PRO A 618 -0.85 25.24 -33.89
N ALA A 619 -2.14 24.88 -33.93
CA ALA A 619 -2.59 23.63 -33.30
C ALA A 619 -2.38 22.42 -34.20
N SER A 620 -3.04 22.39 -35.35
CA SER A 620 -2.96 21.27 -36.26
C SER A 620 -2.83 21.77 -37.69
N GLU A 621 -2.27 20.92 -38.55
CA GLU A 621 -2.06 21.26 -39.95
C GLU A 621 -3.27 20.98 -40.83
N GLN A 622 -4.20 20.15 -40.38
CA GLN A 622 -5.37 19.82 -41.17
C GLN A 622 -6.46 20.87 -40.96
N SER A 623 -7.55 20.73 -41.72
CA SER A 623 -8.67 21.68 -41.69
C SER A 623 -8.20 23.10 -41.95
N ARG A 624 -7.41 23.25 -43.03
CA ARG A 624 -6.82 24.53 -43.41
C ARG A 624 -5.98 25.11 -42.26
N ILE A 625 -5.11 24.26 -41.71
CA ILE A 625 -4.26 24.62 -40.58
C ILE A 625 -5.08 25.11 -39.40
N ASP A 626 -6.26 24.50 -39.21
CA ASP A 626 -7.18 24.86 -38.13
C ASP A 626 -7.53 26.35 -38.17
N LYS A 627 -7.93 26.82 -39.35
CA LYS A 627 -8.29 28.22 -39.50
C LYS A 627 -9.65 28.37 -40.18
N LYS A 628 -9.99 27.44 -41.06
CA LYS A 628 -11.24 27.53 -41.82
C LYS A 628 -12.47 27.42 -40.92
N TYR A 629 -12.46 26.44 -40.05
CA TYR A 629 -13.60 26.22 -39.18
C TYR A 629 -13.81 27.36 -38.20
N PHE A 630 -12.74 27.77 -37.53
CA PHE A 630 -12.83 28.80 -36.51
C PHE A 630 -13.42 30.09 -37.06
N ALA A 631 -13.02 30.48 -38.28
CA ALA A 631 -13.58 31.66 -38.90
C ALA A 631 -15.07 31.52 -39.12
N ARG A 632 -15.51 30.33 -39.57
CA ARG A 632 -16.94 30.11 -39.77
C ARG A 632 -17.70 30.19 -38.46
N ARG A 633 -17.13 29.63 -37.39
CA ARG A 633 -17.76 29.73 -36.08
C ARG A 633 -17.90 31.19 -35.64
N TYR A 634 -16.83 31.96 -35.81
CA TYR A 634 -16.87 33.38 -35.45
C TYR A 634 -17.93 34.11 -36.23
N LEU A 635 -18.00 33.86 -37.55
CA LEU A 635 -18.97 34.57 -38.37
C LEU A 635 -20.40 34.19 -38.02
N ASN A 636 -20.63 32.92 -37.67
CA ASN A 636 -21.97 32.55 -37.20
C ASN A 636 -22.32 33.28 -35.90
N LEU A 637 -21.35 33.37 -34.98
CA LEU A 637 -21.60 34.09 -33.74
C LEU A 637 -21.90 35.56 -34.01
N PHE A 638 -21.18 36.18 -34.95
CA PHE A 638 -21.42 37.58 -35.24
C PHE A 638 -22.72 37.79 -36.01
N ASN A 639 -23.14 36.79 -36.80
CA ASN A 639 -24.46 36.85 -37.38
C ASN A 639 -25.53 36.85 -36.30
N SER A 640 -25.34 36.02 -35.28
CA SER A 640 -26.25 36.06 -34.12
C SER A 640 -26.22 37.43 -33.47
N PHE A 641 -25.03 38.01 -33.32
CA PHE A 641 -24.90 39.34 -32.75
C PHE A 641 -25.72 40.35 -33.54
N VAL A 642 -25.58 40.35 -34.86
CA VAL A 642 -26.27 41.31 -35.70
C VAL A 642 -27.79 41.11 -35.63
N ILE A 643 -28.24 39.85 -35.69
CA ILE A 643 -29.67 39.60 -35.66
C ILE A 643 -30.28 40.05 -34.34
N PHE A 644 -29.58 39.79 -33.23
CA PHE A 644 -30.05 40.34 -31.96
C PHE A 644 -29.99 41.86 -31.95
N LEU A 645 -29.03 42.43 -32.65
CA LEU A 645 -28.80 43.87 -32.60
C LEU A 645 -29.91 44.64 -33.31
N THR A 646 -30.30 44.20 -34.51
CA THR A 646 -31.23 44.98 -35.32
C THR A 646 -32.59 45.11 -34.64
N ASP A 647 -33.08 44.04 -34.04
CA ASP A 647 -34.41 44.06 -33.43
C ASP A 647 -34.38 44.78 -32.09
N PRO A 648 -35.17 45.81 -31.88
CA PRO A 648 -35.30 46.42 -30.56
C PRO A 648 -36.28 45.71 -29.62
N SER A 649 -37.05 44.75 -30.12
CA SER A 649 -38.04 44.08 -29.29
C SER A 649 -37.47 42.93 -28.48
N MET A 650 -36.21 42.56 -28.71
CA MET A 650 -35.65 41.40 -28.03
C MET A 650 -35.13 41.79 -26.65
N THR A 651 -35.94 41.51 -25.62
CA THR A 651 -35.61 41.97 -24.28
C THR A 651 -34.28 41.38 -23.79
N SER A 652 -34.04 40.11 -24.05
CA SER A 652 -32.78 39.48 -23.69
C SER A 652 -32.44 38.44 -24.74
N PHE A 653 -31.25 37.85 -24.61
CA PHE A 653 -30.80 36.84 -25.54
C PHE A 653 -29.72 36.01 -24.87
N LEU A 654 -29.61 34.75 -25.28
CA LEU A 654 -28.65 33.81 -24.70
C LEU A 654 -27.99 33.03 -25.83
N GLY A 655 -26.86 33.53 -26.31
CA GLY A 655 -26.13 32.88 -27.38
C GLY A 655 -25.21 31.78 -26.87
N LEU A 656 -25.80 30.63 -26.51
CA LEU A 656 -25.01 29.58 -25.89
C LEU A 656 -24.14 28.90 -26.94
N GLN A 657 -22.86 28.75 -26.62
CA GLN A 657 -21.84 28.20 -27.50
C GLN A 657 -21.31 26.92 -26.84
N SER A 658 -20.22 26.38 -27.37
CA SER A 658 -19.60 25.22 -26.74
C SER A 658 -18.18 25.57 -26.26
N LEU A 659 -17.81 26.84 -26.34
CA LEU A 659 -16.50 27.31 -25.89
C LEU A 659 -16.67 28.48 -24.94
N LEU A 660 -15.78 28.57 -23.97
CA LEU A 660 -15.64 29.80 -23.19
C LEU A 660 -14.55 30.65 -23.81
N PRO A 661 -14.83 31.91 -24.16
CA PRO A 661 -13.78 32.78 -24.73
C PRO A 661 -12.59 32.89 -23.80
N GLY A 662 -11.41 32.55 -24.34
CA GLY A 662 -10.21 32.50 -23.53
C GLY A 662 -9.02 33.21 -24.15
N ALA A 663 -7.81 32.77 -23.81
CA ALA A 663 -6.61 33.42 -24.31
C ALA A 663 -6.36 33.08 -25.77
N ASP A 664 -6.56 31.81 -26.14
CA ASP A 664 -6.16 31.36 -27.47
C ASP A 664 -7.10 31.93 -28.53
N GLY A 665 -6.71 31.73 -29.79
CA GLY A 665 -7.46 32.27 -30.92
C GLY A 665 -8.73 31.53 -31.26
N ARG A 666 -8.98 30.38 -30.62
CA ARG A 666 -10.24 29.67 -30.84
C ARG A 666 -11.42 30.55 -30.49
N MET A 667 -11.50 30.98 -29.23
CA MET A 667 -12.48 31.96 -28.79
C MET A 667 -11.81 32.88 -27.79
N ASP A 668 -11.84 34.18 -28.08
CA ASP A 668 -11.22 35.18 -27.22
C ASP A 668 -12.23 36.26 -26.88
N GLU A 669 -12.23 36.66 -25.61
CA GLU A 669 -13.20 37.63 -25.12
C GLU A 669 -12.96 39.00 -25.74
N ASN A 670 -11.70 39.39 -25.92
CA ASN A 670 -11.39 40.73 -26.41
C ASN A 670 -11.93 40.94 -27.82
N TYR A 671 -11.69 39.99 -28.72
CA TYR A 671 -12.13 40.17 -30.10
C TYR A 671 -13.65 40.19 -30.21
N ILE A 672 -14.33 39.30 -29.48
CA ILE A 672 -15.78 39.27 -29.52
C ILE A 672 -16.35 40.58 -28.97
N LYS A 673 -15.79 41.05 -27.85
CA LYS A 673 -16.29 42.27 -27.24
C LYS A 673 -16.09 43.47 -28.14
N GLU A 674 -14.91 43.59 -28.77
CA GLU A 674 -14.66 44.72 -29.66
C GLU A 674 -15.54 44.64 -30.90
N THR A 675 -15.76 43.44 -31.43
CA THR A 675 -16.64 43.29 -32.58
C THR A 675 -18.07 43.70 -32.23
N PHE A 676 -18.55 43.32 -31.05
CA PHE A 676 -19.89 43.73 -30.65
C PHE A 676 -19.97 45.24 -30.47
N THR A 677 -18.97 45.85 -29.85
CA THR A 677 -18.98 47.30 -29.68
C THR A 677 -18.98 48.00 -31.03
N THR A 678 -18.23 47.46 -32.01
CA THR A 678 -18.21 48.05 -33.34
C THR A 678 -19.57 47.92 -34.02
N LEU A 679 -20.13 46.71 -34.04
CA LEU A 679 -21.41 46.50 -34.70
C LEU A 679 -22.56 47.23 -34.01
N LYS A 680 -22.38 47.60 -32.74
CA LYS A 680 -23.41 48.36 -32.04
C LYS A 680 -23.79 49.61 -32.82
N ASP A 681 -22.83 50.51 -33.01
CA ASP A 681 -23.08 51.74 -33.75
C ASP A 681 -22.81 51.59 -35.24
N LEU A 682 -22.31 50.44 -35.69
CA LEU A 682 -22.15 50.24 -37.12
C LEU A 682 -23.48 49.99 -37.82
N VAL A 683 -24.48 49.49 -37.10
CA VAL A 683 -25.79 49.23 -37.67
C VAL A 683 -26.84 49.89 -36.78
N GLY A 684 -27.64 50.77 -37.37
CA GLY A 684 -28.73 51.39 -36.66
C GLY A 684 -28.28 52.53 -35.76
N GLY A 685 -29.26 53.34 -35.35
CA GLY A 685 -28.99 54.44 -34.45
C GLY A 685 -29.32 54.14 -33.00
N GLN A 686 -30.53 53.60 -32.76
CA GLN A 686 -30.92 53.25 -31.41
C GLN A 686 -30.48 51.85 -31.02
N ASP A 687 -30.08 51.03 -31.99
CA ASP A 687 -29.68 49.66 -31.70
C ASP A 687 -28.42 49.61 -30.84
N GLY A 688 -27.43 50.43 -31.18
CA GLY A 688 -26.18 50.40 -30.43
C GLY A 688 -26.35 50.81 -28.98
N VAL A 689 -27.11 51.87 -28.73
CA VAL A 689 -27.32 52.31 -27.36
C VAL A 689 -28.22 51.34 -26.61
N ASN A 690 -29.26 50.82 -27.26
CA ASN A 690 -30.19 49.93 -26.57
C ASN A 690 -29.56 48.56 -26.31
N THR A 691 -28.92 47.99 -27.32
CA THR A 691 -28.33 46.67 -27.17
C THR A 691 -27.02 46.74 -26.39
N GLU A 692 -26.73 45.66 -25.67
CA GLU A 692 -25.49 45.51 -24.93
C GLU A 692 -25.10 44.04 -24.98
N LEU A 693 -23.87 43.76 -24.54
CA LEU A 693 -23.41 42.39 -24.41
C LEU A 693 -22.65 42.24 -23.10
N ARG A 694 -22.88 41.13 -22.42
CA ARG A 694 -22.13 40.79 -21.22
C ARG A 694 -21.88 39.29 -21.24
N ILE A 695 -20.66 38.89 -20.89
CA ILE A 695 -20.22 37.51 -20.97
C ILE A 695 -20.18 36.94 -19.57
N VAL A 696 -20.81 35.79 -19.38
CA VAL A 696 -20.82 35.08 -18.11
C VAL A 696 -20.03 33.79 -18.27
N SER A 697 -19.10 33.55 -17.36
CA SER A 697 -18.20 32.41 -17.46
C SER A 697 -17.56 32.16 -16.10
N SER A 698 -16.98 30.97 -15.96
CA SER A 698 -16.16 30.68 -14.80
C SER A 698 -14.75 31.23 -14.93
N ARG A 699 -14.37 31.70 -16.12
CA ARG A 699 -13.08 32.35 -16.29
C ARG A 699 -12.99 33.64 -15.51
N ASN A 700 -14.13 34.23 -15.14
CA ASN A 700 -14.16 35.44 -14.33
C ASN A 700 -13.85 35.08 -12.88
N GLN A 701 -13.91 36.07 -11.99
CA GLN A 701 -13.62 35.89 -10.58
C GLN A 701 -14.90 35.91 -9.73
N GLU A 702 -16.00 35.43 -10.28
CA GLU A 702 -17.26 35.48 -9.56
C GLU A 702 -18.18 34.40 -10.12
N GLY A 703 -19.17 34.03 -9.32
CA GLY A 703 -20.09 32.95 -9.69
C GLY A 703 -20.84 33.23 -10.98
N ILE A 704 -21.60 32.24 -11.41
CA ILE A 704 -22.27 32.28 -12.71
C ILE A 704 -23.71 32.76 -12.59
N GLN A 705 -24.46 32.19 -11.65
CA GLN A 705 -25.85 32.59 -11.48
C GLN A 705 -25.95 34.07 -11.10
N GLU A 706 -25.03 34.54 -10.25
CA GLU A 706 -25.12 35.91 -9.78
C GLU A 706 -24.81 36.91 -10.89
N GLN A 707 -23.84 36.61 -11.75
CA GLN A 707 -23.58 37.51 -12.87
C GLN A 707 -24.70 37.44 -13.91
N LEU A 708 -25.32 36.28 -14.10
CA LEU A 708 -26.50 36.21 -14.95
C LEU A 708 -27.63 37.07 -14.37
N SER A 709 -27.80 37.03 -13.05
CA SER A 709 -28.78 37.89 -12.39
C SER A 709 -28.43 39.36 -12.59
N GLU A 710 -27.14 39.68 -12.54
CA GLU A 710 -26.70 41.05 -12.78
C GLU A 710 -27.09 41.52 -14.18
N ALA A 711 -26.86 40.68 -15.19
CA ALA A 711 -27.20 41.06 -16.55
C ALA A 711 -28.70 41.20 -16.74
N LEU A 712 -29.47 40.24 -16.21
CA LEU A 712 -30.92 40.33 -16.29
C LEU A 712 -31.45 41.56 -15.54
N ASN A 713 -30.77 41.97 -14.48
CA ASN A 713 -31.17 43.15 -13.74
C ASN A 713 -30.85 44.42 -14.53
N LEU A 714 -29.68 44.44 -15.17
CA LEU A 714 -29.32 45.53 -16.07
C LEU A 714 -30.38 45.69 -17.15
N VAL A 715 -30.91 44.59 -17.65
CA VAL A 715 -32.05 44.68 -18.55
C VAL A 715 -33.27 45.21 -17.80
N SER A 716 -33.47 44.76 -16.56
CA SER A 716 -34.70 45.07 -15.84
C SER A 716 -34.81 46.57 -15.54
N GLN A 717 -33.76 47.16 -14.97
CA GLN A 717 -33.79 48.56 -14.57
C GLN A 717 -32.81 49.44 -15.33
N GLY A 718 -31.73 48.89 -15.86
CA GLY A 718 -30.84 49.70 -16.68
C GLY A 718 -31.38 50.05 -18.04
N GLY A 719 -32.47 49.39 -18.47
CA GLY A 719 -33.16 49.76 -19.68
C GLY A 719 -32.52 49.30 -20.96
N LYS A 720 -31.37 48.61 -20.88
CA LYS A 720 -30.64 48.17 -22.06
C LYS A 720 -30.76 46.66 -22.19
N ARG A 721 -31.35 46.21 -23.29
CA ARG A 721 -31.44 44.78 -23.57
C ARG A 721 -30.05 44.23 -23.88
N VAL A 722 -29.75 43.05 -23.35
CA VAL A 722 -28.38 42.54 -23.38
C VAL A 722 -28.35 41.22 -24.15
N TYR A 723 -27.20 40.96 -24.74
CA TYR A 723 -26.85 39.66 -25.31
C TYR A 723 -25.92 38.96 -24.34
N ILE A 724 -26.26 37.72 -23.96
CA ILE A 724 -25.49 36.96 -23.00
C ILE A 724 -24.82 35.81 -23.74
N LEU A 725 -23.51 35.67 -23.53
CA LEU A 725 -22.72 34.61 -24.15
C LEU A 725 -22.30 33.60 -23.09
N SER A 726 -22.46 32.33 -23.40
CA SER A 726 -22.22 31.28 -22.43
C SER A 726 -21.76 30.03 -23.16
N ALA A 727 -21.78 28.90 -22.45
CA ALA A 727 -21.53 27.58 -23.02
C ALA A 727 -22.62 26.64 -22.53
N TYR A 728 -22.82 25.55 -23.27
CA TYR A 728 -23.86 24.60 -22.88
C TYR A 728 -23.56 23.98 -21.53
N GLN A 729 -22.29 23.90 -21.16
CA GLN A 729 -21.91 23.23 -19.93
C GLN A 729 -22.00 24.16 -18.73
N THR A 730 -21.63 25.44 -18.91
CA THR A 730 -21.59 26.36 -17.78
C THR A 730 -22.97 26.69 -17.25
N ILE A 731 -24.03 26.45 -18.02
CA ILE A 731 -25.41 26.66 -17.57
C ILE A 731 -26.23 25.42 -17.92
N GLY A 732 -26.44 24.55 -16.95
CA GLY A 732 -27.16 23.32 -17.15
C GLY A 732 -28.56 23.36 -16.57
N ILE A 733 -29.12 22.16 -16.38
CA ILE A 733 -30.43 22.05 -15.73
C ILE A 733 -30.29 22.39 -14.26
N GLY A 734 -31.32 23.04 -13.71
CA GLY A 734 -31.27 23.56 -12.37
C GLY A 734 -30.85 25.01 -12.25
N GLN A 735 -30.78 25.73 -13.36
CA GLN A 735 -30.39 27.13 -13.36
C GLN A 735 -31.53 27.98 -13.93
N ASN A 736 -31.67 29.18 -13.37
CA ASN A 736 -32.81 30.05 -13.65
C ASN A 736 -32.44 31.06 -14.72
N LEU A 737 -33.44 31.43 -15.53
CA LEU A 737 -33.24 32.32 -16.65
C LEU A 737 -34.39 33.31 -16.76
N GLN A 738 -34.81 33.87 -15.63
CA GLN A 738 -35.97 34.75 -15.59
C GLN A 738 -35.60 36.04 -14.85
N HIS A 739 -36.21 37.15 -15.28
CA HIS A 739 -35.98 38.44 -14.66
C HIS A 739 -37.32 39.11 -14.41
N GLU A 740 -37.27 40.22 -13.68
CA GLU A 740 -38.48 40.99 -13.41
C GLU A 740 -38.96 41.68 -14.68
N MET A 741 -40.25 42.01 -14.71
CA MET A 741 -40.89 42.55 -15.89
C MET A 741 -40.58 44.03 -16.00
N ASN A 742 -39.66 44.38 -16.91
CA ASN A 742 -39.37 45.76 -17.19
C ASN A 742 -40.57 46.43 -17.87
N GLU A 743 -40.57 47.76 -17.91
CA GLU A 743 -41.64 48.49 -18.57
C GLU A 743 -41.81 48.03 -20.00
N PHE A 744 -40.70 47.85 -20.72
CA PHE A 744 -40.76 47.35 -22.08
C PHE A 744 -41.37 45.95 -22.10
N GLU A 745 -41.01 45.12 -21.12
CA GLU A 745 -41.69 43.84 -20.93
C GLU A 745 -43.11 44.03 -20.42
N ARG A 746 -43.33 45.03 -19.57
CA ARG A 746 -44.65 45.22 -18.96
C ARG A 746 -45.71 45.51 -20.00
N GLU A 747 -45.38 46.32 -21.00
CA GLU A 747 -46.30 46.69 -22.07
C GLU A 747 -46.32 45.67 -23.21
N GLN A 748 -45.53 44.61 -23.14
CA GLN A 748 -45.52 43.56 -24.15
C GLN A 748 -45.47 42.19 -23.51
N ALA A 749 -46.29 41.97 -22.48
CA ALA A 749 -46.28 40.73 -21.73
C ALA A 749 -47.57 39.93 -21.96
N ALA A 750 -47.52 38.66 -21.58
CA ALA A 750 -48.67 37.78 -21.64
C ALA A 750 -48.49 36.68 -20.61
N ASN A 751 -49.60 36.04 -20.25
CA ASN A 751 -49.60 35.01 -19.23
C ASN A 751 -50.22 33.73 -19.77
N ILE A 752 -49.62 32.60 -19.41
CA ILE A 752 -50.13 31.29 -19.80
C ILE A 752 -50.40 30.47 -18.55
N ALA A 753 -50.80 31.14 -17.47
CA ALA A 753 -50.98 30.48 -16.19
C ALA A 753 -52.11 29.45 -16.28
N PRO A 754 -51.98 28.32 -15.57
CA PRO A 754 -53.07 27.35 -15.52
C PRO A 754 -54.21 27.82 -14.63
N LYS A 755 -55.19 26.96 -14.39
CA LYS A 755 -56.35 27.29 -13.57
C LYS A 755 -56.17 26.70 -12.17
N GLY A 756 -56.44 27.52 -11.16
CA GLY A 756 -56.31 27.10 -9.77
C GLY A 756 -55.13 27.66 -9.02
N VAL A 757 -54.39 28.61 -9.60
CA VAL A 757 -53.22 29.20 -8.97
C VAL A 757 -53.43 30.71 -8.85
N SER A 758 -53.01 31.28 -7.73
CA SER A 758 -53.20 32.69 -7.46
C SER A 758 -52.29 33.54 -8.36
N LYS A 759 -52.30 34.84 -8.12
CA LYS A 759 -51.52 35.79 -8.89
C LYS A 759 -50.21 36.18 -8.21
N SER A 760 -49.84 35.52 -7.12
CA SER A 760 -48.63 35.84 -6.39
C SER A 760 -47.72 34.63 -6.23
N ASP A 761 -47.87 33.63 -7.09
CA ASP A 761 -47.02 32.46 -7.04
C ASP A 761 -45.61 32.81 -7.49
N ARG A 762 -44.66 31.93 -7.14
CA ARG A 762 -43.27 32.13 -7.51
C ARG A 762 -43.09 32.21 -9.02
N ARG A 763 -43.82 31.37 -9.76
CA ARG A 763 -43.76 31.36 -11.21
C ARG A 763 -44.68 32.41 -11.84
N GLN A 764 -45.42 33.16 -11.02
CA GLN A 764 -46.36 34.14 -11.54
C GLN A 764 -45.74 35.52 -11.73
N HIS A 765 -44.73 35.87 -10.94
CA HIS A 765 -44.13 37.21 -10.99
C HIS A 765 -42.73 37.20 -11.60
N THR A 766 -42.50 36.30 -12.56
CA THR A 766 -41.26 36.27 -13.31
C THR A 766 -41.58 36.06 -14.80
N ILE A 767 -40.68 36.53 -15.65
CA ILE A 767 -40.88 36.50 -17.10
C ILE A 767 -39.72 35.77 -17.76
N ASP A 768 -39.95 35.30 -18.98
CA ASP A 768 -39.00 34.47 -19.70
C ASP A 768 -38.19 35.29 -20.71
N LEU A 769 -37.31 34.60 -21.43
CA LEU A 769 -36.32 35.21 -22.28
C LEU A 769 -36.83 35.31 -23.72
N ALA A 770 -36.16 36.15 -24.52
CA ALA A 770 -36.65 36.53 -25.85
C ALA A 770 -36.09 35.71 -27.00
N GLY A 771 -35.14 34.82 -26.74
CA GLY A 771 -34.60 34.00 -27.80
C GLY A 771 -33.16 33.65 -27.57
N MET A 772 -32.76 32.48 -28.06
CA MET A 772 -31.41 31.98 -27.87
C MET A 772 -30.71 31.83 -29.22
N TYR A 773 -29.39 31.83 -29.18
CA TYR A 773 -28.56 31.42 -30.31
C TYR A 773 -27.95 30.07 -29.96
N LEU A 774 -28.12 29.10 -30.84
CA LEU A 774 -27.70 27.73 -30.59
C LEU A 774 -26.51 27.40 -31.49
N GLY A 775 -25.32 27.37 -30.90
CA GLY A 775 -24.14 26.95 -31.61
C GLY A 775 -24.03 25.43 -31.63
N GLU A 776 -22.99 24.93 -32.26
CA GLU A 776 -22.85 23.49 -32.40
C GLU A 776 -22.41 22.84 -31.12
N VAL A 777 -23.23 21.96 -30.59
CA VAL A 777 -22.84 21.23 -29.40
C VAL A 777 -21.88 20.17 -29.89
N THR A 778 -20.80 19.98 -29.15
CA THR A 778 -19.81 19.03 -29.62
C THR A 778 -19.38 18.13 -28.53
N HIS A 779 -18.50 17.20 -28.86
CA HIS A 779 -17.93 16.33 -27.85
C HIS A 779 -18.84 15.27 -27.25
N ILE A 780 -19.97 14.97 -27.89
CA ILE A 780 -20.76 13.84 -27.42
C ILE A 780 -19.90 12.60 -27.33
N LEU A 781 -19.08 12.36 -28.35
CA LEU A 781 -18.14 11.25 -28.35
C LEU A 781 -16.74 11.78 -28.05
N SER A 782 -16.00 11.04 -27.23
CA SER A 782 -14.65 11.45 -26.87
C SER A 782 -13.74 11.43 -28.09
N SER A 783 -12.79 12.36 -28.10
CA SER A 783 -11.84 12.48 -29.20
C SER A 783 -10.43 12.71 -28.67
N ASN A 784 -10.06 12.05 -27.58
CA ASN A 784 -8.72 12.18 -27.03
C ASN A 784 -7.74 11.40 -27.90
N LEU A 785 -6.84 12.13 -28.57
CA LEU A 785 -5.93 11.47 -29.49
C LEU A 785 -4.97 10.50 -28.81
N PRO A 786 -4.24 10.88 -27.74
CA PRO A 786 -3.24 9.96 -27.20
C PRO A 786 -3.88 8.79 -26.48
N PHE A 787 -4.29 7.78 -27.23
CA PHE A 787 -5.00 6.64 -26.66
C PHE A 787 -4.06 5.83 -25.78
N ARG A 788 -4.21 5.97 -24.48
CA ARG A 788 -3.43 5.23 -23.50
C ARG A 788 -4.38 4.47 -22.58
N MET A 789 -3.81 3.66 -21.70
CA MET A 789 -4.60 2.90 -20.73
C MET A 789 -4.88 3.80 -19.53
N ASP A 790 -5.76 4.76 -19.74
CA ASP A 790 -6.19 5.67 -18.68
C ASP A 790 -7.69 5.87 -18.76
N ALA A 791 -8.21 6.86 -18.03
CA ALA A 791 -9.65 7.06 -17.98
C ALA A 791 -10.20 7.44 -19.36
N ALA A 792 -9.49 8.28 -20.10
CA ALA A 792 -9.97 8.72 -21.40
C ALA A 792 -10.04 7.57 -22.40
N GLY A 793 -9.01 6.72 -22.43
CA GLY A 793 -9.03 5.59 -23.35
C GLY A 793 -10.14 4.60 -23.03
N LEU A 794 -10.32 4.29 -21.75
CA LEU A 794 -11.43 3.44 -21.37
C LEU A 794 -12.76 4.07 -21.74
N ARG A 795 -12.89 5.38 -21.55
CA ARG A 795 -14.14 6.04 -21.92
C ARG A 795 -14.41 5.90 -23.42
N SER A 796 -13.37 6.07 -24.24
CA SER A 796 -13.55 5.93 -25.68
C SER A 796 -14.00 4.52 -26.05
N ILE A 797 -13.29 3.52 -25.52
CA ILE A 797 -13.62 2.14 -25.85
C ILE A 797 -15.02 1.78 -25.36
N ILE A 798 -15.40 2.31 -24.19
CA ILE A 798 -16.69 2.00 -23.63
C ILE A 798 -17.81 2.64 -24.44
N GLU A 799 -17.59 3.87 -24.92
CA GLU A 799 -18.58 4.48 -25.80
C GLU A 799 -18.74 3.67 -27.07
N GLN A 800 -17.64 3.18 -27.64
CA GLN A 800 -17.76 2.38 -28.85
C GLN A 800 -18.49 1.07 -28.59
N GLU A 801 -18.21 0.44 -27.46
CA GLU A 801 -18.92 -0.80 -27.11
C GLU A 801 -20.41 -0.52 -26.92
N TYR A 802 -20.74 0.58 -26.27
CA TYR A 802 -22.14 0.95 -26.09
C TYR A 802 -22.82 1.13 -27.43
N LEU A 803 -22.15 1.80 -28.37
CA LEU A 803 -22.72 1.96 -29.70
C LEU A 803 -22.92 0.61 -30.37
N PHE A 804 -21.95 -0.29 -30.23
CA PHE A 804 -22.06 -1.59 -30.88
C PHE A 804 -23.20 -2.42 -30.31
N ASP A 805 -23.43 -2.35 -29.00
CA ASP A 805 -24.55 -3.10 -28.41
C ASP A 805 -25.88 -2.62 -28.95
N ALA A 806 -26.08 -1.31 -29.00
CA ALA A 806 -27.37 -0.76 -29.40
C ALA A 806 -27.59 -0.80 -30.90
N ASN A 807 -26.78 -1.58 -31.63
CA ASN A 807 -26.94 -1.76 -33.06
C ASN A 807 -26.89 -0.43 -33.80
N GLU A 808 -25.90 0.39 -33.45
CA GLU A 808 -25.70 1.67 -34.11
C GLU A 808 -24.44 1.72 -34.95
N ILE A 809 -23.46 0.84 -34.68
CA ILE A 809 -22.30 0.67 -35.53
C ILE A 809 -22.11 -0.82 -35.77
N ASN A 810 -21.45 -1.15 -36.88
CA ASN A 810 -21.23 -2.53 -37.26
C ASN A 810 -19.76 -2.89 -37.06
N ILE A 811 -19.43 -4.14 -37.38
CA ILE A 811 -18.11 -4.65 -37.07
C ILE A 811 -17.03 -3.95 -37.89
N LYS A 812 -17.33 -3.60 -39.15
CA LYS A 812 -16.30 -2.97 -39.96
C LYS A 812 -15.94 -1.60 -39.42
N TYR A 813 -16.93 -0.84 -38.95
CA TYR A 813 -16.63 0.46 -38.38
C TYR A 813 -15.81 0.31 -37.11
N LEU A 814 -16.15 -0.65 -36.25
CA LEU A 814 -15.41 -0.83 -35.02
C LEU A 814 -13.97 -1.25 -35.30
N ASN A 815 -13.78 -2.13 -36.28
CA ASN A 815 -12.43 -2.54 -36.65
C ASN A 815 -11.64 -1.36 -37.20
N LYS A 816 -12.27 -0.54 -38.04
CA LYS A 816 -11.61 0.65 -38.56
C LYS A 816 -11.22 1.60 -37.44
N TYR A 817 -12.13 1.80 -36.48
CA TYR A 817 -11.84 2.68 -35.35
C TYR A 817 -10.68 2.15 -34.52
N LEU A 818 -10.66 0.85 -34.27
CA LEU A 818 -9.57 0.27 -33.48
C LEU A 818 -8.24 0.40 -34.20
N LYS A 819 -8.23 0.12 -35.52
CA LYS A 819 -7.00 0.29 -36.28
C LYS A 819 -6.53 1.73 -36.26
N GLY A 820 -7.48 2.68 -36.34
CA GLY A 820 -7.11 4.08 -36.23
C GLY A 820 -6.47 4.40 -34.90
N LEU A 821 -7.06 3.91 -33.81
CA LEU A 821 -6.45 4.12 -32.49
C LEU A 821 -5.06 3.52 -32.43
N GLN A 822 -4.86 2.39 -33.10
CA GLN A 822 -3.55 1.74 -33.11
C GLN A 822 -2.52 2.63 -33.80
N HIS A 823 -2.96 3.54 -34.66
CA HIS A 823 -2.09 4.46 -35.37
C HIS A 823 -2.23 5.91 -34.90
N GLN A 824 -2.79 6.12 -33.71
CA GLN A 824 -2.99 7.45 -33.16
C GLN A 824 -3.77 8.34 -34.13
N ARG A 825 -4.80 7.76 -34.73
CA ARG A 825 -5.61 8.41 -35.75
C ARG A 825 -7.07 8.22 -35.40
N LEU A 826 -7.88 9.25 -35.58
CA LEU A 826 -9.31 9.15 -35.30
C LEU A 826 -10.11 9.04 -36.59
N GLU A 827 -11.24 8.36 -36.49
CA GLU A 827 -12.11 8.12 -37.64
C GLU A 827 -13.29 9.07 -37.58
N ARG A 828 -14.04 9.12 -38.66
CA ARG A 828 -15.17 9.98 -38.69
C ARG A 828 -16.20 9.44 -37.73
N HIS A 829 -16.96 10.31 -37.06
CA HIS A 829 -18.08 9.88 -36.25
C HIS A 829 -19.09 9.14 -37.12
N PRO A 830 -19.69 8.07 -36.63
CA PRO A 830 -20.68 7.35 -37.43
C PRO A 830 -21.82 8.28 -37.83
N GLU A 831 -22.22 8.20 -39.10
CA GLU A 831 -23.18 9.16 -39.63
C GLU A 831 -24.62 8.78 -39.32
N TYR A 832 -24.89 7.52 -38.95
CA TYR A 832 -26.25 7.07 -38.69
C TYR A 832 -26.38 6.45 -37.31
N ALA A 833 -25.53 6.88 -36.38
CA ALA A 833 -25.65 6.46 -34.99
C ALA A 833 -26.74 7.30 -34.33
N ARG A 834 -27.89 6.67 -34.07
CA ARG A 834 -29.01 7.40 -33.48
C ARG A 834 -28.64 8.05 -32.17
N SER A 835 -27.72 7.45 -31.42
CA SER A 835 -27.36 7.98 -30.12
C SER A 835 -26.68 9.34 -30.22
N LEU A 836 -25.86 9.56 -31.24
CA LEU A 836 -25.23 10.86 -31.42
C LEU A 836 -26.27 11.96 -31.57
N TYR A 837 -27.20 11.77 -32.51
CA TYR A 837 -28.17 12.82 -32.77
C TYR A 837 -29.16 12.96 -31.61
N VAL A 838 -29.48 11.86 -30.93
CA VAL A 838 -30.37 11.98 -29.78
C VAL A 838 -29.68 12.71 -28.63
N SER A 839 -28.38 12.49 -28.43
CA SER A 839 -27.67 13.24 -27.38
C SER A 839 -27.53 14.71 -27.75
N TYR A 840 -27.29 15.00 -29.02
CA TYR A 840 -27.24 16.37 -29.50
C TYR A 840 -28.58 17.06 -29.23
N SER A 841 -29.66 16.41 -29.64
CA SER A 841 -31.00 16.92 -29.36
C SER A 841 -31.25 17.04 -27.87
N ARG A 842 -30.67 16.14 -27.08
CA ARG A 842 -30.88 16.18 -25.64
C ARG A 842 -30.27 17.42 -25.04
N THR A 843 -29.04 17.75 -25.44
CA THR A 843 -28.43 18.95 -24.86
C THR A 843 -29.14 20.20 -25.35
N ILE A 844 -29.60 20.22 -26.59
CA ILE A 844 -30.38 21.37 -27.05
C ILE A 844 -31.70 21.49 -26.29
N ILE A 845 -32.35 20.36 -26.03
CA ILE A 845 -33.62 20.37 -25.30
C ILE A 845 -33.39 20.83 -23.87
N GLN A 846 -32.32 20.37 -23.23
CA GLN A 846 -31.99 20.82 -21.89
C GLN A 846 -31.75 22.32 -21.87
N ALA A 847 -31.07 22.84 -22.89
CA ALA A 847 -30.86 24.29 -22.96
C ALA A 847 -32.18 25.02 -23.12
N LEU A 848 -33.07 24.52 -23.99
CA LEU A 848 -34.35 25.19 -24.23
C LEU A 848 -35.31 25.05 -23.05
N GLY A 849 -35.08 24.09 -22.17
CA GLY A 849 -35.96 23.94 -21.03
C GLY A 849 -35.77 24.98 -19.94
N ARG A 850 -34.72 25.80 -20.03
CA ARG A 850 -34.51 26.82 -19.02
C ARG A 850 -35.36 28.06 -19.25
N MET A 851 -35.96 28.22 -20.44
CA MET A 851 -36.83 29.36 -20.71
C MET A 851 -38.31 29.03 -20.55
N ASN A 852 -38.63 27.96 -19.82
CA ASN A 852 -40.01 27.56 -19.60
C ASN A 852 -40.23 27.16 -18.15
N ARG A 853 -39.78 28.02 -17.23
CA ARG A 853 -39.97 27.80 -15.81
C ARG A 853 -40.87 28.85 -15.17
N SER A 854 -41.47 29.73 -15.97
CA SER A 854 -42.27 30.83 -15.44
C SER A 854 -43.55 30.97 -16.27
N PHE A 855 -44.57 31.57 -15.64
CA PHE A 855 -45.85 31.76 -16.31
C PHE A 855 -45.80 32.94 -17.27
N ASN A 856 -45.49 34.13 -16.75
CA ASN A 856 -45.45 35.32 -17.58
C ASN A 856 -44.39 35.18 -18.66
N LYS A 857 -44.77 35.50 -19.91
CA LYS A 857 -43.86 35.36 -21.03
C LYS A 857 -44.13 36.47 -22.03
N MET A 858 -43.11 36.79 -22.82
CA MET A 858 -43.28 37.81 -23.85
C MET A 858 -43.31 37.15 -25.23
N PRO A 859 -43.99 37.76 -26.21
CA PRO A 859 -44.15 37.10 -27.50
C PRO A 859 -42.99 37.31 -28.45
N LEU A 860 -43.08 36.67 -29.62
CA LEU A 860 -42.08 36.78 -30.70
C LEU A 860 -40.69 36.35 -30.19
N ILE A 861 -40.60 35.08 -29.80
CA ILE A 861 -39.32 34.52 -29.36
C ILE A 861 -38.64 33.97 -30.61
N ARG A 862 -37.77 34.81 -31.18
CA ARG A 862 -37.07 34.42 -32.39
C ARG A 862 -35.80 33.65 -32.06
N LEU A 863 -35.53 32.60 -32.83
CA LEU A 863 -34.37 31.74 -32.62
C LEU A 863 -33.42 31.86 -33.81
N VAL A 864 -32.12 31.86 -33.52
CA VAL A 864 -31.08 31.91 -34.53
C VAL A 864 -30.06 30.83 -34.18
N MET A 865 -29.57 30.13 -35.19
CA MET A 865 -28.58 29.08 -34.94
C MET A 865 -27.85 28.75 -36.24
N PRO A 866 -26.73 28.04 -36.08
CA PRO A 866 -25.92 27.68 -37.23
C PRO A 866 -26.62 26.61 -38.07
N VAL A 867 -26.18 26.49 -39.32
CA VAL A 867 -26.78 25.51 -40.22
C VAL A 867 -26.42 24.10 -39.78
N ASN A 868 -25.20 23.90 -39.29
CA ASN A 868 -24.76 22.56 -38.89
C ASN A 868 -25.64 22.02 -37.76
N VAL A 869 -26.09 22.89 -36.86
CA VAL A 869 -26.98 22.47 -35.78
C VAL A 869 -28.28 21.92 -36.36
N LEU A 870 -28.81 22.56 -37.40
CA LEU A 870 -30.04 22.08 -38.02
C LEU A 870 -29.83 20.68 -38.60
N GLN A 871 -28.59 20.33 -38.92
CA GLN A 871 -28.31 19.03 -39.51
C GLN A 871 -28.31 17.91 -38.48
N MET A 872 -28.16 18.23 -37.19
CA MET A 872 -27.96 17.19 -36.18
C MET A 872 -29.05 17.15 -35.12
N VAL A 873 -30.17 17.80 -35.34
CA VAL A 873 -31.30 17.65 -34.43
C VAL A 873 -32.23 16.57 -35.00
N THR A 874 -32.94 15.89 -34.11
CA THR A 874 -33.80 14.80 -34.52
C THR A 874 -34.98 14.69 -33.56
N ASP A 875 -36.01 14.01 -34.03
CA ASP A 875 -37.18 13.69 -33.23
C ASP A 875 -37.37 12.20 -33.05
N SER A 876 -36.45 11.37 -33.54
CA SER A 876 -36.59 9.93 -33.44
C SER A 876 -36.56 9.50 -31.98
N GLY A 877 -37.59 8.77 -31.56
CA GLY A 877 -37.67 8.32 -30.20
C GLY A 877 -38.00 9.38 -29.18
N ILE A 878 -38.36 10.58 -29.63
CA ILE A 878 -38.64 11.71 -28.74
C ILE A 878 -40.11 12.05 -28.85
N ASP A 879 -40.77 12.23 -27.70
CA ASP A 879 -42.19 12.57 -27.67
C ASP A 879 -42.33 14.03 -28.10
N VAL A 880 -42.38 14.22 -29.42
CA VAL A 880 -42.46 15.56 -29.98
C VAL A 880 -43.74 16.27 -29.55
N GLU A 881 -44.83 15.53 -29.41
CA GLU A 881 -46.10 16.10 -28.97
C GLU A 881 -46.17 16.34 -27.48
N LYS A 882 -45.05 16.22 -26.76
CA LYS A 882 -45.04 16.46 -25.33
C LYS A 882 -43.82 17.26 -24.87
N THR A 883 -42.98 17.73 -25.78
CA THR A 883 -41.79 18.47 -25.42
C THR A 883 -42.06 19.97 -25.50
N SER A 884 -41.02 20.77 -25.36
CA SER A 884 -41.17 22.22 -25.37
C SER A 884 -41.61 22.72 -26.74
N GLN A 885 -42.35 23.82 -26.74
CA GLN A 885 -42.85 24.39 -28.00
C GLN A 885 -41.69 24.89 -28.86
N GLU A 886 -40.66 25.45 -28.22
CA GLU A 886 -39.50 25.93 -28.98
C GLU A 886 -38.84 24.79 -29.73
N TYR A 887 -38.64 23.65 -29.06
CA TYR A 887 -38.07 22.50 -29.75
C TYR A 887 -39.01 21.98 -30.82
N ARG A 888 -40.33 22.11 -30.60
CA ARG A 888 -41.30 21.69 -31.62
C ARG A 888 -41.12 22.49 -32.90
N CYS A 889 -41.05 23.82 -32.79
CA CYS A 889 -40.87 24.62 -33.99
C CYS A 889 -39.48 24.44 -34.57
N LEU A 890 -38.49 24.15 -33.73
CA LEU A 890 -37.16 23.85 -34.24
C LEU A 890 -37.17 22.61 -35.11
N LEU A 891 -37.87 21.56 -34.67
CA LEU A 891 -38.04 20.38 -35.50
C LEU A 891 -38.83 20.69 -36.76
N THR A 892 -39.84 21.55 -36.65
CA THR A 892 -40.61 21.95 -37.81
C THR A 892 -39.71 22.59 -38.87
N ALA A 893 -38.80 23.46 -38.43
CA ALA A 893 -37.83 24.04 -39.36
C ALA A 893 -36.87 22.98 -39.89
N ALA A 894 -36.43 22.07 -39.03
CA ALA A 894 -35.47 21.03 -39.41
C ALA A 894 -36.05 20.02 -40.38
N LYS A 895 -37.38 19.96 -40.51
CA LYS A 895 -38.03 18.95 -41.33
C LYS A 895 -37.37 18.77 -42.70
N ASP A 896 -36.69 19.81 -43.19
CA ASP A 896 -35.98 19.70 -44.46
C ASP A 896 -34.70 18.87 -44.35
N TRP A 897 -34.04 18.88 -43.19
CA TRP A 897 -32.72 18.25 -43.06
C TRP A 897 -32.75 16.96 -42.25
N GLU A 898 -33.93 16.47 -41.88
CA GLU A 898 -34.00 15.26 -41.07
C GLU A 898 -33.57 14.05 -41.88
N ARG A 899 -32.84 13.14 -41.24
CA ARG A 899 -32.34 11.93 -41.86
C ARG A 899 -33.06 10.72 -41.29
N ASP A 900 -32.98 9.61 -42.04
CA ASP A 900 -33.63 8.38 -41.65
C ASP A 900 -32.72 7.54 -40.77
N PHE A 901 -33.34 6.73 -39.91
CA PHE A 901 -32.58 5.84 -39.04
C PHE A 901 -33.06 4.40 -39.19
N GLU A 902 -34.34 4.21 -39.50
CA GLU A 902 -34.93 2.89 -39.44
C GLU A 902 -34.20 1.90 -40.35
N LYS A 903 -33.99 2.28 -41.61
CA LYS A 903 -33.31 1.37 -42.53
C LYS A 903 -31.86 1.10 -42.12
N PRO A 904 -31.01 2.11 -41.86
CA PRO A 904 -29.65 1.79 -41.41
C PRO A 904 -29.63 1.05 -40.08
N SER A 905 -30.53 1.39 -39.16
CA SER A 905 -30.56 0.69 -37.88
C SER A 905 -30.91 -0.77 -38.07
N ALA A 906 -31.88 -1.07 -38.94
CA ALA A 906 -32.23 -2.46 -39.22
C ALA A 906 -31.07 -3.19 -39.87
N GLU A 907 -30.38 -2.54 -40.81
CA GLU A 907 -29.24 -3.18 -41.47
C GLU A 907 -28.14 -3.51 -40.48
N ILE A 908 -27.81 -2.56 -39.61
CA ILE A 908 -26.77 -2.79 -38.62
C ILE A 908 -27.21 -3.84 -37.61
N ALA A 909 -28.51 -3.86 -37.28
CA ALA A 909 -29.00 -4.89 -36.38
C ALA A 909 -28.82 -6.28 -36.97
N LYS A 910 -29.13 -6.43 -38.26
CA LYS A 910 -28.92 -7.72 -38.93
C LYS A 910 -27.45 -8.10 -38.92
N GLN A 911 -26.58 -7.15 -39.27
CA GLN A 911 -25.15 -7.44 -39.31
C GLN A 911 -24.63 -7.85 -37.94
N ASN A 912 -25.02 -7.11 -36.89
CA ASN A 912 -24.54 -7.40 -35.55
C ASN A 912 -25.06 -8.74 -35.05
N ALA A 913 -26.33 -9.06 -35.34
CA ALA A 913 -26.87 -10.35 -34.94
C ALA A 913 -26.10 -11.48 -35.60
N THR A 914 -25.84 -11.37 -36.90
CA THR A 914 -25.08 -12.41 -37.58
C THR A 914 -23.68 -12.52 -37.02
N PHE A 915 -23.03 -11.40 -36.75
CA PHE A 915 -21.68 -11.43 -36.20
C PHE A 915 -21.66 -12.08 -34.83
N ASN A 916 -22.63 -11.76 -33.98
CA ASN A 916 -22.69 -12.36 -32.65
C ASN A 916 -22.92 -13.86 -32.73
N THR A 917 -23.80 -14.31 -33.64
CA THR A 917 -24.02 -15.73 -33.81
C THR A 917 -22.75 -16.42 -34.27
N PHE A 918 -22.02 -15.79 -35.20
CA PHE A 918 -20.78 -16.38 -35.68
C PHE A 918 -19.76 -16.49 -34.56
N ARG A 919 -19.63 -15.46 -33.72
CA ARG A 919 -18.69 -15.53 -32.61
C ARG A 919 -19.10 -16.60 -31.60
N ASP A 920 -20.41 -16.73 -31.34
CA ASP A 920 -20.88 -17.76 -30.43
C ASP A 920 -20.52 -19.15 -30.94
N TYR A 921 -20.76 -19.40 -32.22
CA TYR A 921 -20.45 -20.72 -32.76
C TYR A 921 -18.96 -20.93 -32.93
N ARG A 922 -18.17 -19.85 -33.02
CA ARG A 922 -16.72 -19.99 -32.99
C ARG A 922 -16.24 -20.41 -31.62
N PHE A 923 -16.86 -19.86 -30.57
CA PHE A 923 -16.53 -20.29 -29.21
C PHE A 923 -16.95 -21.72 -28.96
N VAL A 924 -18.09 -22.13 -29.53
CA VAL A 924 -18.58 -23.49 -29.31
C VAL A 924 -17.57 -24.51 -29.82
N LEU A 925 -16.97 -24.26 -30.98
CA LEU A 925 -15.98 -25.20 -31.49
C LEU A 925 -14.75 -25.25 -30.61
N ALA A 926 -14.37 -24.14 -29.98
CA ALA A 926 -13.20 -24.15 -29.10
C ALA A 926 -13.48 -24.93 -27.83
N TYR A 927 -14.66 -24.74 -27.23
CA TYR A 927 -14.93 -25.37 -25.94
C TYR A 927 -15.51 -26.77 -26.05
N LEU A 928 -16.07 -27.15 -27.20
CA LEU A 928 -16.80 -28.40 -27.31
C LEU A 928 -15.90 -29.60 -27.03
N GLN A 929 -14.59 -29.43 -27.21
CA GLN A 929 -13.66 -30.54 -26.99
C GLN A 929 -13.67 -31.02 -25.55
N THR A 930 -13.76 -30.09 -24.59
CA THR A 930 -13.62 -30.46 -23.19
C THR A 930 -14.91 -31.05 -22.63
N SER A 931 -15.98 -30.27 -22.61
CA SER A 931 -17.18 -30.68 -21.88
C SER A 931 -18.15 -31.44 -22.78
N LYS A 932 -19.27 -31.84 -22.17
CA LYS A 932 -20.33 -32.55 -22.86
C LYS A 932 -21.71 -31.93 -22.68
N SER A 933 -21.90 -31.10 -21.66
CA SER A 933 -23.16 -30.36 -21.54
C SER A 933 -23.31 -29.37 -22.68
N TRP A 934 -22.27 -28.58 -22.93
CA TRP A 934 -22.30 -27.63 -24.05
C TRP A 934 -22.57 -28.35 -25.36
N ALA A 935 -22.17 -29.62 -25.47
CA ALA A 935 -22.58 -30.42 -26.61
C ALA A 935 -24.09 -30.58 -26.64
N GLN A 936 -24.72 -30.78 -25.48
CA GLN A 936 -26.17 -30.87 -25.45
C GLN A 936 -26.82 -29.57 -25.88
N ILE A 937 -26.29 -28.43 -25.40
CA ILE A 937 -26.84 -27.15 -25.85
C ILE A 937 -26.69 -26.98 -27.35
N TYR A 938 -25.50 -27.29 -27.88
CA TYR A 938 -25.27 -27.14 -29.31
C TYR A 938 -26.22 -28.02 -30.11
N HIS A 939 -26.37 -29.27 -29.70
CA HIS A 939 -27.26 -30.18 -30.41
C HIS A 939 -28.70 -29.67 -30.37
N ASP A 940 -29.14 -29.21 -29.20
CA ASP A 940 -30.51 -28.77 -29.05
C ASP A 940 -30.78 -27.54 -29.90
N THR A 941 -29.88 -26.57 -29.90
CA THR A 941 -30.12 -25.36 -30.70
C THR A 941 -29.96 -25.62 -32.18
N ARG A 942 -29.01 -26.47 -32.58
CA ARG A 942 -28.85 -26.82 -33.98
C ARG A 942 -30.08 -27.52 -34.52
N TRP A 943 -30.69 -28.41 -33.72
CA TRP A 943 -31.94 -29.02 -34.15
C TRP A 943 -33.10 -28.04 -34.09
N PHE A 944 -33.07 -27.10 -33.14
CA PHE A 944 -34.10 -26.07 -33.09
C PHE A 944 -34.09 -25.24 -34.36
N TYR A 945 -32.91 -25.07 -34.96
CA TYR A 945 -32.81 -24.33 -36.21
C TYR A 945 -33.72 -24.94 -37.28
N VAL A 946 -33.67 -26.26 -37.43
CA VAL A 946 -34.44 -26.93 -38.47
C VAL A 946 -35.82 -27.36 -38.02
N ARG A 947 -36.11 -27.32 -36.72
CA ARG A 947 -37.44 -27.66 -36.26
C ARG A 947 -38.48 -26.72 -36.86
N HIS A 948 -38.16 -25.43 -36.91
CA HIS A 948 -39.03 -24.42 -37.48
C HIS A 948 -38.21 -23.17 -37.82
N PRO A 949 -37.72 -23.09 -39.06
CA PRO A 949 -36.78 -22.02 -39.42
C PRO A 949 -37.31 -20.63 -39.20
N THR A 950 -38.59 -20.40 -39.49
CA THR A 950 -39.22 -19.11 -39.27
C THR A 950 -40.05 -19.18 -38.00
N VAL A 951 -39.80 -18.24 -37.09
CA VAL A 951 -40.32 -18.30 -35.75
C VAL A 951 -41.00 -16.98 -35.44
N SER A 952 -41.99 -17.01 -34.58
CA SER A 952 -42.53 -15.79 -34.02
C SER A 952 -41.81 -15.45 -32.71
N ASP A 953 -42.01 -14.22 -32.26
CA ASP A 953 -41.40 -13.81 -31.00
C ASP A 953 -41.91 -14.66 -29.85
N LYS A 954 -43.23 -14.84 -29.76
CA LYS A 954 -43.81 -15.58 -28.66
C LYS A 954 -43.31 -17.02 -28.63
N ASP A 955 -43.23 -17.66 -29.79
CA ASP A 955 -42.74 -19.03 -29.85
C ASP A 955 -41.27 -19.11 -29.47
N LEU A 956 -40.47 -18.15 -29.91
CA LEU A 956 -39.03 -18.20 -29.65
C LEU A 956 -38.73 -17.97 -28.18
N LYS A 957 -39.32 -16.94 -27.58
CA LYS A 957 -39.06 -16.67 -26.17
C LYS A 957 -39.55 -17.81 -25.29
N SER A 958 -40.72 -18.36 -25.59
CA SER A 958 -41.26 -19.50 -24.86
C SER A 958 -40.80 -20.77 -25.55
N SER A 959 -39.54 -21.13 -25.32
CA SER A 959 -38.93 -22.29 -25.94
C SER A 959 -38.18 -23.06 -24.87
N GLN A 960 -37.35 -24.01 -25.30
CA GLN A 960 -36.55 -24.80 -24.39
C GLN A 960 -35.08 -24.40 -24.36
N VAL A 961 -34.53 -24.00 -25.51
CA VAL A 961 -33.14 -23.56 -25.57
C VAL A 961 -33.01 -22.07 -25.26
N PHE A 962 -34.05 -21.28 -25.54
CA PHE A 962 -34.06 -19.87 -25.21
C PHE A 962 -34.39 -19.60 -23.75
N GLN A 963 -34.88 -20.61 -23.03
CA GLN A 963 -35.46 -20.39 -21.72
C GLN A 963 -34.47 -20.54 -20.58
N GLN A 964 -33.44 -21.37 -20.75
CA GLN A 964 -32.51 -21.66 -19.67
C GLN A 964 -31.14 -21.06 -19.86
N ARG A 965 -30.86 -20.46 -21.01
CA ARG A 965 -29.50 -20.00 -21.29
C ARG A 965 -29.24 -18.59 -20.75
N ASP A 966 -30.27 -17.86 -20.33
CA ASP A 966 -30.15 -16.55 -19.70
C ASP A 966 -29.60 -15.49 -20.66
N ASP A 967 -29.40 -15.87 -21.92
CA ASP A 967 -29.11 -14.92 -22.99
C ASP A 967 -29.55 -15.57 -24.29
N GLU A 968 -29.12 -15.01 -25.41
CA GLU A 968 -29.58 -15.44 -26.72
C GLU A 968 -28.48 -16.18 -27.48
N PHE A 969 -27.76 -17.04 -26.77
CA PHE A 969 -26.63 -17.75 -27.36
C PHE A 969 -27.02 -18.55 -28.58
N GLY A 970 -26.62 -18.09 -29.76
CA GLY A 970 -26.91 -18.80 -30.99
C GLY A 970 -28.33 -18.68 -31.49
N LEU A 971 -29.16 -17.85 -30.86
CA LEU A 971 -30.55 -17.68 -31.28
C LEU A 971 -30.86 -16.25 -31.67
N GLN A 972 -29.89 -15.53 -32.25
CA GLN A 972 -30.11 -14.17 -32.71
C GLN A 972 -30.76 -14.23 -34.09
N TYR A 973 -32.06 -14.52 -34.10
CA TYR A 973 -32.80 -14.53 -35.34
C TYR A 973 -32.96 -13.11 -35.87
N LEU A 974 -33.16 -13.00 -37.18
CA LEU A 974 -33.40 -11.70 -37.78
C LEU A 974 -34.86 -11.30 -37.58
N LEU A 975 -35.23 -10.14 -38.14
CA LEU A 975 -36.59 -9.64 -38.09
C LEU A 975 -37.07 -9.45 -39.52
N ASN A 976 -38.06 -10.23 -39.94
CA ASN A 976 -38.62 -10.07 -41.28
C ASN A 976 -39.58 -8.90 -41.27
N GLU A 977 -39.14 -7.75 -41.79
CA GLU A 977 -39.96 -6.55 -41.78
C GLU A 977 -41.23 -6.74 -42.59
N HIS A 978 -41.14 -7.38 -43.75
CA HIS A 978 -42.28 -7.62 -44.61
C HIS A 978 -42.87 -9.00 -44.42
N LEU A 979 -42.50 -9.69 -43.35
CA LEU A 979 -43.00 -11.04 -43.04
C LEU A 979 -42.69 -11.98 -44.19
N ASP A 980 -41.51 -11.82 -44.79
CA ASP A 980 -41.14 -12.54 -46.01
C ASP A 980 -40.65 -13.94 -45.67
N VAL A 981 -40.11 -14.64 -46.67
CA VAL A 981 -39.72 -16.03 -46.53
C VAL A 981 -38.27 -16.22 -46.95
N SER A 982 -37.76 -15.30 -47.76
CA SER A 982 -36.43 -15.46 -48.35
C SER A 982 -35.73 -14.10 -48.40
N TYR A 983 -34.40 -14.15 -48.44
CA TYR A 983 -33.62 -12.92 -48.60
C TYR A 983 -32.23 -13.25 -49.13
N GLU A 984 -31.61 -12.21 -49.69
CA GLU A 984 -30.30 -12.28 -50.32
C GLU A 984 -29.30 -11.47 -49.53
N VAL A 985 -28.09 -12.00 -49.36
CA VAL A 985 -27.04 -11.35 -48.59
C VAL A 985 -25.73 -11.49 -49.35
N LYS A 986 -24.89 -10.45 -49.26
CA LYS A 986 -23.55 -10.48 -49.82
C LYS A 986 -22.53 -10.69 -48.70
N PRO A 987 -21.82 -11.79 -48.66
CA PRO A 987 -20.85 -12.03 -47.59
C PRO A 987 -19.51 -11.33 -47.88
N ILE A 988 -19.19 -10.33 -47.05
CA ILE A 988 -17.90 -9.66 -47.20
C ILE A 988 -16.76 -10.60 -46.84
N ASN A 989 -16.89 -11.29 -45.71
CA ASN A 989 -15.83 -12.15 -45.20
C ASN A 989 -16.46 -13.30 -44.45
N HIS A 990 -16.16 -14.54 -44.87
CA HIS A 990 -16.78 -15.70 -44.25
C HIS A 990 -16.17 -16.01 -42.88
N ASP A 991 -14.86 -15.95 -42.75
CA ASP A 991 -14.22 -16.27 -41.48
C ASP A 991 -14.14 -15.08 -40.54
N ASN A 992 -15.01 -14.08 -40.72
CA ASN A 992 -15.22 -13.05 -39.72
C ASN A 992 -16.69 -12.72 -39.53
N GLY A 993 -17.61 -13.41 -40.20
CA GLY A 993 -19.02 -13.18 -40.00
C GLY A 993 -19.50 -11.80 -40.42
N GLN A 994 -19.02 -11.31 -41.55
CA GLN A 994 -19.38 -9.99 -42.05
C GLN A 994 -20.29 -10.13 -43.26
N PHE A 995 -21.48 -9.55 -43.17
CA PHE A 995 -22.47 -9.67 -44.23
C PHE A 995 -23.07 -8.30 -44.52
N ASP A 996 -23.41 -8.08 -45.77
CA ASP A 996 -24.13 -6.89 -46.20
C ASP A 996 -25.49 -7.33 -46.74
N PHE A 997 -26.55 -6.85 -46.12
CA PHE A 997 -27.90 -7.26 -46.47
C PHE A 997 -28.51 -6.39 -47.56
N SER A 998 -27.74 -5.45 -48.11
CA SER A 998 -28.14 -4.69 -49.28
C SER A 998 -27.46 -5.18 -50.55
N GLY A 999 -26.82 -6.35 -50.48
CA GLY A 999 -26.06 -6.87 -51.60
C GLY A 999 -26.57 -8.19 -52.13
N THR A 1000 -25.75 -8.85 -52.95
CA THR A 1000 -26.13 -10.08 -53.62
C THR A 1000 -24.92 -11.00 -53.68
N GLY A 1001 -25.20 -12.30 -53.78
CA GLY A 1001 -24.14 -13.29 -53.82
C GLY A 1001 -24.46 -14.58 -53.10
N MET A 1002 -25.37 -14.52 -52.13
CA MET A 1002 -25.81 -15.72 -51.42
C MET A 1002 -27.24 -15.52 -50.97
N GLU A 1003 -28.17 -16.27 -51.57
CA GLU A 1003 -29.57 -16.22 -51.20
C GLU A 1003 -29.85 -17.36 -50.22
N VAL A 1004 -30.66 -17.08 -49.20
CA VAL A 1004 -30.99 -18.09 -48.21
C VAL A 1004 -32.50 -18.32 -48.22
N SER A 1005 -32.88 -19.56 -48.53
CA SER A 1005 -34.29 -19.94 -48.56
C SER A 1005 -34.40 -21.46 -48.67
N ALA A 1006 -35.45 -21.98 -49.31
CA ALA A 1006 -35.67 -23.41 -49.44
C ALA A 1006 -34.83 -24.07 -50.52
N GLU A 1007 -34.06 -23.32 -51.30
CA GLU A 1007 -33.20 -23.92 -52.31
C GLU A 1007 -32.26 -24.89 -51.62
N ALA A 1008 -31.75 -24.52 -50.47
CA ALA A 1008 -30.90 -25.39 -49.67
C ALA A 1008 -31.80 -25.98 -48.58
N ALA A 1009 -32.57 -26.99 -48.98
CA ALA A 1009 -33.52 -27.62 -48.08
C ALA A 1009 -33.88 -29.00 -48.62
N GLY A 1010 -34.71 -29.71 -47.87
CA GLY A 1010 -35.03 -31.08 -48.22
C GLY A 1010 -35.75 -31.19 -49.56
N LEU A 1011 -36.77 -30.33 -49.75
CA LEU A 1011 -37.69 -30.50 -50.87
C LEU A 1011 -37.02 -30.43 -52.23
N VAL A 1012 -35.74 -30.07 -52.28
CA VAL A 1012 -34.99 -30.01 -53.53
C VAL A 1012 -33.68 -30.75 -53.34
N ALA A 1013 -33.34 -31.59 -54.31
CA ALA A 1013 -32.04 -32.26 -54.43
C ALA A 1013 -31.84 -33.36 -53.41
N MET A 1014 -32.72 -33.47 -52.42
CA MET A 1014 -32.64 -34.62 -51.51
C MET A 1014 -33.98 -35.22 -51.09
N CYS A 1015 -35.11 -34.50 -51.17
CA CYS A 1015 -36.38 -35.10 -50.76
C CYS A 1015 -36.75 -36.28 -51.65
N ARG A 1016 -36.52 -36.13 -52.96
CA ARG A 1016 -36.92 -37.17 -53.91
C ARG A 1016 -36.18 -38.47 -53.68
N TYR A 1017 -35.07 -38.43 -52.94
CA TYR A 1017 -34.37 -39.66 -52.61
C TYR A 1017 -35.23 -40.48 -51.64
N PRO A 1018 -35.50 -41.75 -51.96
CA PRO A 1018 -36.36 -42.55 -51.08
C PRO A 1018 -35.77 -42.71 -49.69
N GLY A 1019 -36.65 -42.70 -48.68
CA GLY A 1019 -36.26 -42.88 -47.31
C GLY A 1019 -35.65 -41.66 -46.64
N LEU A 1020 -35.57 -40.53 -47.34
CA LEU A 1020 -34.93 -39.33 -46.82
C LEU A 1020 -35.94 -38.25 -46.47
N LYS A 1021 -36.87 -37.95 -47.39
CA LYS A 1021 -37.93 -37.00 -47.07
C LYS A 1021 -38.84 -37.53 -45.98
N GLU A 1022 -39.12 -38.82 -45.99
CA GLU A 1022 -39.98 -39.41 -44.96
C GLU A 1022 -39.33 -39.28 -43.59
N ALA A 1023 -38.01 -39.46 -43.51
CA ALA A 1023 -37.31 -39.27 -42.25
C ALA A 1023 -37.42 -37.83 -41.76
N PHE A 1024 -37.26 -36.86 -42.66
CA PHE A 1024 -37.39 -35.46 -42.27
C PHE A 1024 -38.79 -35.14 -41.79
N GLU A 1025 -39.81 -35.66 -42.47
CA GLU A 1025 -41.18 -35.47 -42.01
C GLU A 1025 -41.39 -36.11 -40.65
N SER A 1026 -40.79 -37.28 -40.43
CA SER A 1026 -40.84 -37.91 -39.10
C SER A 1026 -40.01 -37.14 -38.09
N LEU A 1027 -38.95 -36.47 -38.55
CA LEU A 1027 -38.10 -35.69 -37.67
C LEU A 1027 -38.61 -34.27 -37.44
N ASP A 1028 -39.79 -33.94 -37.97
CA ASP A 1028 -40.42 -32.64 -37.78
C ASP A 1028 -39.52 -31.51 -38.29
N ILE A 1029 -39.15 -31.63 -39.56
CA ILE A 1029 -38.35 -30.61 -40.23
C ILE A 1029 -39.12 -30.16 -41.45
N PRO A 1030 -39.98 -29.15 -41.33
CA PRO A 1030 -40.84 -28.76 -42.46
C PRO A 1030 -40.00 -28.30 -43.64
N THR A 1031 -40.46 -28.64 -44.84
CA THR A 1031 -39.78 -28.26 -46.07
C THR A 1031 -40.22 -26.92 -46.61
N LYS A 1032 -41.27 -26.32 -46.03
CA LYS A 1032 -41.79 -25.03 -46.46
C LYS A 1032 -41.65 -24.04 -45.32
N TRP A 1033 -41.10 -22.87 -45.61
CA TRP A 1033 -40.85 -21.86 -44.60
C TRP A 1033 -42.05 -20.94 -44.50
N GLU A 1034 -42.76 -21.03 -43.38
CA GLU A 1034 -43.98 -20.25 -43.20
C GLU A 1034 -43.63 -18.77 -43.03
N PRO A 1035 -44.47 -17.86 -43.52
CA PRO A 1035 -44.16 -16.43 -43.44
C PRO A 1035 -44.45 -15.82 -42.09
N ASN A 1036 -43.50 -15.91 -41.15
CA ASN A 1036 -43.67 -15.26 -39.85
C ASN A 1036 -42.51 -14.32 -39.53
N GLU A 1037 -42.45 -13.85 -38.28
CA GLU A 1037 -41.69 -12.64 -37.95
C GLU A 1037 -40.18 -12.84 -38.11
N ARG A 1038 -39.63 -13.91 -37.55
CA ARG A 1038 -38.19 -14.05 -37.41
C ARG A 1038 -37.67 -15.18 -38.27
N ILE A 1039 -36.48 -14.98 -38.84
CA ILE A 1039 -35.83 -15.95 -39.72
C ILE A 1039 -34.36 -16.06 -39.31
N LEU A 1040 -33.73 -17.13 -39.76
CA LEU A 1040 -32.33 -17.40 -39.40
C LEU A 1040 -31.31 -16.56 -40.13
N ASN A 1041 -30.38 -15.97 -39.40
CA ASN A 1041 -29.33 -15.18 -40.01
C ASN A 1041 -28.42 -16.09 -40.82
N PRO A 1042 -27.56 -15.51 -41.67
CA PRO A 1042 -26.65 -16.36 -42.46
C PRO A 1042 -25.81 -17.31 -41.63
N ALA A 1043 -25.34 -16.88 -40.45
CA ALA A 1043 -24.57 -17.79 -39.60
C ALA A 1043 -25.43 -18.97 -39.14
N GLN A 1044 -26.69 -18.73 -38.82
CA GLN A 1044 -27.59 -19.82 -38.45
C GLN A 1044 -28.01 -20.62 -39.68
N PHE A 1045 -28.16 -19.98 -40.83
CA PHE A 1045 -28.47 -20.70 -42.05
C PHE A 1045 -27.35 -21.66 -42.43
N TYR A 1046 -26.11 -21.31 -42.13
CA TYR A 1046 -24.99 -22.21 -42.37
C TYR A 1046 -25.16 -23.51 -41.58
N ASN A 1047 -25.50 -23.40 -40.30
CA ASN A 1047 -25.70 -24.60 -39.48
C ASN A 1047 -26.94 -25.37 -39.92
N TYR A 1048 -28.00 -24.66 -40.30
CA TYR A 1048 -29.19 -25.30 -40.83
C TYR A 1048 -28.85 -26.16 -42.04
N ARG A 1049 -28.16 -25.57 -43.01
CA ARG A 1049 -27.75 -26.28 -44.21
C ARG A 1049 -26.83 -27.45 -43.87
N GLY A 1050 -25.88 -27.22 -42.96
CA GLY A 1050 -24.97 -28.29 -42.59
C GLY A 1050 -25.67 -29.46 -41.94
N LEU A 1051 -26.64 -29.19 -41.06
CA LEU A 1051 -27.37 -30.26 -40.41
C LEU A 1051 -28.18 -31.06 -41.41
N LEU A 1052 -28.90 -30.38 -42.30
CA LEU A 1052 -29.68 -31.09 -43.31
C LEU A 1052 -28.77 -31.95 -44.18
N GLY A 1053 -27.65 -31.37 -44.64
CA GLY A 1053 -26.74 -32.12 -45.48
C GLY A 1053 -26.10 -33.30 -44.77
N GLU A 1054 -25.75 -33.12 -43.49
CA GLU A 1054 -25.14 -34.20 -42.73
C GLU A 1054 -26.11 -35.35 -42.51
N VAL A 1055 -27.37 -35.05 -42.17
CA VAL A 1055 -28.36 -36.11 -42.00
C VAL A 1055 -28.56 -36.86 -43.31
N SER A 1056 -28.76 -36.11 -44.41
CA SER A 1056 -28.97 -36.75 -45.69
C SER A 1056 -27.76 -37.58 -46.12
N GLY A 1057 -26.56 -37.05 -45.91
CA GLY A 1057 -25.36 -37.78 -46.29
C GLY A 1057 -25.15 -39.05 -45.51
N GLN A 1058 -25.37 -38.99 -44.19
CA GLN A 1058 -25.26 -40.21 -43.39
C GLN A 1058 -26.27 -41.25 -43.86
N PHE A 1059 -27.51 -40.81 -44.12
CA PHE A 1059 -28.53 -41.75 -44.56
C PHE A 1059 -28.15 -42.40 -45.89
N ILE A 1060 -27.73 -41.59 -46.88
CA ILE A 1060 -27.43 -42.14 -48.19
C ILE A 1060 -26.19 -43.02 -48.15
N PHE A 1061 -25.19 -42.66 -47.34
CA PHE A 1061 -24.01 -43.49 -47.20
C PHE A 1061 -24.37 -44.86 -46.62
N GLN A 1062 -25.20 -44.86 -45.56
CA GLN A 1062 -25.61 -46.12 -44.96
C GLN A 1062 -26.44 -46.96 -45.94
N ASN A 1063 -27.30 -46.30 -46.71
CA ASN A 1063 -28.09 -47.02 -47.72
C ASN A 1063 -27.19 -47.64 -48.79
N GLU A 1064 -26.20 -46.89 -49.27
CA GLU A 1064 -25.40 -47.35 -50.39
C GLU A 1064 -24.42 -48.44 -49.98
N TRP A 1065 -23.80 -48.32 -48.81
CA TRP A 1065 -22.74 -49.24 -48.42
C TRP A 1065 -23.12 -50.16 -47.27
N SER A 1066 -24.38 -50.11 -46.82
CA SER A 1066 -24.98 -51.14 -45.97
C SER A 1066 -24.15 -51.41 -44.71
N LEU A 1067 -24.08 -50.39 -43.86
CA LEU A 1067 -23.53 -50.57 -42.52
C LEU A 1067 -24.03 -49.45 -41.63
N LYS A 1068 -24.03 -49.70 -40.32
CA LYS A 1068 -24.41 -48.69 -39.34
C LYS A 1068 -23.15 -47.93 -38.92
N LEU A 1069 -23.09 -46.66 -39.28
CA LEU A 1069 -21.94 -45.82 -38.95
C LEU A 1069 -22.10 -45.33 -37.51
N ALA A 1070 -21.30 -45.89 -36.61
CA ALA A 1070 -21.45 -45.61 -35.19
C ALA A 1070 -21.03 -44.18 -34.85
N ASP A 1071 -21.57 -43.68 -33.75
CA ASP A 1071 -21.28 -42.33 -33.30
C ASP A 1071 -20.04 -42.30 -32.42
N PHE A 1072 -19.36 -41.16 -32.41
CA PHE A 1072 -18.15 -40.98 -31.62
C PHE A 1072 -18.51 -40.84 -30.15
N GLY A 1073 -18.43 -41.93 -29.41
CA GLY A 1073 -18.71 -41.91 -27.99
C GLY A 1073 -17.59 -41.43 -27.11
N LYS A 1074 -16.43 -41.08 -27.71
CA LYS A 1074 -15.27 -40.59 -26.97
C LYS A 1074 -15.40 -39.11 -26.73
N PRO A 1075 -15.32 -38.64 -25.48
CA PRO A 1075 -15.31 -37.20 -25.24
C PRO A 1075 -14.10 -36.51 -25.87
N GLU A 1076 -12.98 -37.21 -25.99
CA GLU A 1076 -11.78 -36.65 -26.60
C GLU A 1076 -11.95 -36.48 -28.10
N ASN A 1077 -12.84 -37.25 -28.72
CA ASN A 1077 -13.03 -37.23 -30.17
C ASN A 1077 -13.90 -36.08 -30.65
N TYR A 1078 -14.14 -35.08 -29.81
CA TYR A 1078 -14.90 -33.92 -30.27
C TYR A 1078 -14.05 -33.09 -31.23
N GLU A 1079 -14.69 -32.61 -32.30
CA GLU A 1079 -14.05 -31.94 -33.43
C GLU A 1079 -13.09 -32.85 -34.19
N LEU A 1080 -12.99 -34.12 -33.82
CA LEU A 1080 -12.08 -35.02 -34.53
C LEU A 1080 -12.62 -35.36 -35.91
N PHE A 1081 -13.78 -36.03 -35.96
CA PHE A 1081 -14.39 -36.37 -37.23
C PHE A 1081 -15.87 -36.63 -37.00
N ASP A 1082 -16.61 -36.69 -38.12
CA ASP A 1082 -18.06 -36.89 -38.03
C ASP A 1082 -18.39 -38.29 -37.51
N PHE A 1083 -17.78 -39.32 -38.09
CA PHE A 1083 -18.13 -40.69 -37.74
C PHE A 1083 -16.91 -41.59 -37.89
N HIS A 1084 -16.99 -42.78 -37.31
CA HIS A 1084 -15.89 -43.74 -37.30
C HIS A 1084 -16.40 -45.10 -37.76
N TRP A 1085 -15.45 -45.96 -38.16
CA TRP A 1085 -15.79 -47.30 -38.63
C TRP A 1085 -14.57 -48.21 -38.56
N GLU A 1086 -14.83 -49.45 -38.11
CA GLU A 1086 -13.85 -50.56 -38.08
C GLU A 1086 -12.50 -50.16 -37.51
N GLY A 1087 -12.47 -49.11 -36.70
CA GLY A 1087 -11.26 -48.71 -36.01
C GLY A 1087 -10.18 -48.10 -36.86
N LYS A 1088 -10.37 -48.03 -38.18
CA LYS A 1088 -9.37 -47.42 -39.05
C LYS A 1088 -9.95 -46.50 -40.12
N VAL A 1089 -11.27 -46.28 -40.13
CA VAL A 1089 -11.91 -45.39 -41.09
C VAL A 1089 -12.59 -44.27 -40.33
N VAL A 1090 -12.40 -43.04 -40.80
CA VAL A 1090 -13.13 -41.87 -40.30
C VAL A 1090 -13.84 -41.22 -41.48
N ILE A 1091 -15.11 -40.88 -41.26
CA ILE A 1091 -15.99 -40.42 -42.32
C ILE A 1091 -16.48 -39.03 -41.97
N ASP A 1092 -16.34 -38.09 -42.91
CA ASP A 1092 -16.77 -36.71 -42.73
C ASP A 1092 -17.69 -36.30 -43.87
N PHE A 1093 -18.82 -35.71 -43.52
CA PHE A 1093 -19.82 -35.28 -44.50
C PHE A 1093 -19.91 -33.76 -44.53
N LYS A 1094 -20.18 -33.21 -45.71
CA LYS A 1094 -20.32 -31.77 -45.89
C LYS A 1094 -21.48 -31.48 -46.84
N ASN A 1095 -22.09 -30.33 -46.65
CA ASN A 1095 -23.20 -29.87 -47.50
C ASN A 1095 -22.82 -28.64 -48.31
N TRP A 1096 -21.55 -28.56 -48.72
CA TRP A 1096 -21.10 -27.45 -49.54
C TRP A 1096 -21.72 -27.54 -50.93
N ARG A 1097 -21.82 -26.38 -51.59
CA ARG A 1097 -22.37 -26.32 -52.93
C ARG A 1097 -21.30 -26.75 -53.94
N ASP A 1098 -21.56 -26.51 -55.22
CA ASP A 1098 -20.56 -26.80 -56.24
C ASP A 1098 -19.29 -25.97 -56.01
N ALA A 1099 -18.27 -26.26 -56.82
CA ALA A 1099 -16.89 -25.81 -56.60
C ALA A 1099 -16.82 -24.32 -56.25
N PRO A 1100 -16.50 -24.01 -54.99
CA PRO A 1100 -16.35 -22.61 -54.59
C PRO A 1100 -14.95 -22.08 -54.90
N ASP A 1101 -14.66 -20.85 -54.45
CA ASP A 1101 -13.33 -20.26 -54.60
C ASP A 1101 -12.41 -20.74 -53.48
N VAL A 1102 -12.32 -22.07 -53.35
CA VAL A 1102 -11.50 -22.71 -52.33
C VAL A 1102 -10.53 -23.67 -53.03
N ASP A 1103 -9.27 -23.61 -52.63
CA ASP A 1103 -8.26 -24.47 -53.23
C ASP A 1103 -8.20 -25.82 -52.52
N THR A 1104 -7.66 -26.81 -53.23
CA THR A 1104 -7.47 -28.13 -52.65
C THR A 1104 -6.41 -28.13 -51.56
N LYS A 1105 -5.48 -27.18 -51.60
CA LYS A 1105 -4.41 -27.12 -50.60
C LYS A 1105 -4.98 -26.95 -49.20
N ALA A 1106 -6.03 -26.13 -49.06
CA ALA A 1106 -6.66 -25.93 -47.76
C ALA A 1106 -7.24 -27.23 -47.22
N GLU A 1107 -7.94 -27.97 -48.08
CA GLU A 1107 -8.48 -29.26 -47.65
C GLU A 1107 -7.37 -30.24 -47.28
N ARG A 1108 -6.29 -30.24 -48.07
CA ARG A 1108 -5.17 -31.14 -47.78
C ARG A 1108 -4.54 -30.84 -46.43
N GLN A 1109 -4.25 -29.56 -46.15
CA GLN A 1109 -3.64 -29.24 -44.86
C GLN A 1109 -4.63 -29.44 -43.71
N LYS A 1110 -5.91 -29.18 -43.94
CA LYS A 1110 -6.91 -29.44 -42.90
C LYS A 1110 -6.94 -30.91 -42.54
N VAL A 1111 -7.03 -31.79 -43.54
CA VAL A 1111 -7.09 -33.23 -43.23
C VAL A 1111 -5.75 -33.71 -42.69
N GLU A 1112 -4.64 -33.10 -43.09
CA GLU A 1112 -3.34 -33.47 -42.53
C GLU A 1112 -3.30 -33.19 -41.03
N ALA A 1113 -3.68 -31.97 -40.63
CA ALA A 1113 -3.70 -31.65 -39.21
C ALA A 1113 -4.73 -32.51 -38.47
N LYS A 1114 -5.88 -32.75 -39.10
CA LYS A 1114 -6.93 -33.53 -38.45
C LYS A 1114 -6.47 -34.96 -38.20
N LEU A 1115 -5.77 -35.56 -39.17
CA LEU A 1115 -5.29 -36.92 -38.99
C LEU A 1115 -4.11 -36.98 -38.04
N ALA A 1116 -3.28 -35.93 -37.97
CA ALA A 1116 -2.26 -35.89 -36.93
C ALA A 1116 -2.91 -35.91 -35.55
N LYS A 1117 -3.94 -35.08 -35.37
CA LYS A 1117 -4.70 -35.10 -34.13
C LYS A 1117 -5.33 -36.47 -33.88
N LEU A 1118 -5.85 -37.09 -34.93
CA LEU A 1118 -6.54 -38.37 -34.79
C LEU A 1118 -5.59 -39.49 -34.38
N GLN A 1119 -4.41 -39.56 -34.99
CA GLN A 1119 -3.41 -40.54 -34.57
C GLN A 1119 -2.92 -40.25 -33.15
N ALA A 1120 -2.75 -38.98 -32.80
CA ALA A 1120 -2.40 -38.67 -31.42
C ALA A 1120 -3.52 -39.00 -30.44
N ASN A 1121 -4.77 -39.08 -30.92
CA ASN A 1121 -5.92 -39.30 -30.07
C ASN A 1121 -6.18 -40.78 -29.84
N THR A 1122 -6.43 -41.53 -30.91
CA THR A 1122 -6.92 -42.90 -30.80
C THR A 1122 -5.83 -43.96 -30.89
N GLN A 1123 -4.57 -43.56 -31.00
CA GLN A 1123 -3.43 -44.49 -30.96
C GLN A 1123 -3.53 -45.57 -32.04
N ARG A 1124 -3.90 -45.16 -33.25
CA ARG A 1124 -4.00 -46.07 -34.38
C ARG A 1124 -3.43 -45.39 -35.60
N GLU A 1125 -3.67 -45.96 -36.79
CA GLU A 1125 -3.25 -45.35 -38.05
C GLU A 1125 -4.49 -45.31 -38.95
N TRP A 1126 -5.29 -44.26 -38.79
CA TRP A 1126 -6.57 -44.08 -39.45
C TRP A 1126 -6.36 -43.62 -40.90
N ARG A 1127 -7.40 -43.84 -41.71
CA ARG A 1127 -7.46 -43.30 -43.07
C ARG A 1127 -8.81 -42.62 -43.26
N VAL A 1128 -8.82 -41.52 -44.01
CA VAL A 1128 -9.93 -40.58 -44.00
C VAL A 1128 -10.66 -40.60 -45.35
N ILE A 1129 -11.98 -40.48 -45.24
CA ILE A 1129 -12.89 -40.27 -46.37
C ILE A 1129 -13.68 -39.00 -46.10
N ILE A 1130 -13.76 -38.12 -47.11
CA ILE A 1130 -14.58 -36.92 -47.03
C ILE A 1130 -15.52 -36.87 -48.22
N ILE A 1131 -16.67 -36.24 -48.02
CA ILE A 1131 -17.80 -36.33 -48.94
C ILE A 1131 -18.37 -34.94 -49.20
N ASN A 1132 -18.65 -34.65 -50.47
CA ASN A 1132 -19.50 -33.53 -50.85
C ASN A 1132 -20.77 -34.09 -51.48
N ILE A 1133 -21.92 -33.55 -51.08
CA ILE A 1133 -23.19 -34.18 -51.42
C ILE A 1133 -23.60 -33.85 -52.85
N LEU A 1134 -23.83 -32.57 -53.13
CA LEU A 1134 -24.39 -32.16 -54.41
C LEU A 1134 -23.30 -31.96 -55.47
N ALA A 1135 -23.61 -32.37 -56.69
CA ALA A 1135 -22.74 -32.14 -57.84
C ALA A 1135 -23.60 -32.15 -59.09
N SER A 1136 -23.50 -31.09 -59.90
CA SER A 1136 -24.30 -31.01 -61.12
C SER A 1136 -23.79 -31.94 -62.21
N ASN A 1137 -22.49 -32.20 -62.23
CA ASN A 1137 -21.86 -32.95 -63.30
C ASN A 1137 -21.18 -34.20 -62.77
N GLN A 1138 -20.59 -34.96 -63.69
CA GLN A 1138 -19.83 -36.16 -63.32
C GLN A 1138 -18.50 -35.74 -62.73
N THR A 1139 -18.38 -35.86 -61.41
CA THR A 1139 -17.14 -35.57 -60.70
C THR A 1139 -16.84 -36.76 -59.79
N ARG A 1140 -15.80 -37.49 -60.13
CA ARG A 1140 -15.43 -38.72 -59.46
C ARG A 1140 -14.35 -38.48 -58.41
N PRO A 1141 -14.26 -39.35 -57.40
CA PRO A 1141 -13.29 -39.14 -56.33
C PRO A 1141 -11.86 -39.12 -56.86
N VAL A 1142 -11.04 -38.25 -56.27
CA VAL A 1142 -9.64 -38.12 -56.64
C VAL A 1142 -8.80 -38.60 -55.46
N MET A 1143 -7.95 -39.59 -55.72
CA MET A 1143 -7.13 -40.20 -54.69
C MET A 1143 -5.73 -39.59 -54.68
N THR A 1144 -5.08 -39.67 -53.52
CA THR A 1144 -3.70 -39.25 -53.40
C THR A 1144 -2.78 -40.21 -54.16
N VAL A 1145 -1.54 -39.77 -54.36
CA VAL A 1145 -0.57 -40.61 -55.06
C VAL A 1145 -0.32 -41.91 -54.29
N ASP A 1146 -0.41 -41.87 -52.97
CA ASP A 1146 -0.26 -43.05 -52.15
C ASP A 1146 -1.58 -43.65 -51.69
N GLY A 1147 -2.72 -43.03 -52.05
CA GLY A 1147 -4.01 -43.55 -51.65
C GLY A 1147 -4.36 -43.33 -50.20
N LYS A 1148 -3.69 -42.39 -49.52
CA LYS A 1148 -3.91 -42.19 -48.10
C LYS A 1148 -5.28 -41.57 -47.82
N ILE A 1149 -5.74 -40.71 -48.72
CA ILE A 1149 -6.93 -39.88 -48.50
C ILE A 1149 -7.96 -40.21 -49.57
N LEU A 1150 -9.23 -40.22 -49.18
CA LEU A 1150 -10.33 -40.37 -50.13
C LEU A 1150 -11.21 -39.14 -50.06
N GLU A 1151 -11.48 -38.54 -51.22
CA GLU A 1151 -12.23 -37.28 -51.31
C GLU A 1151 -13.23 -37.41 -52.45
N ILE A 1152 -14.51 -37.56 -52.11
CA ILE A 1152 -15.57 -37.63 -53.10
C ILE A 1152 -16.18 -36.25 -53.25
N SER A 1153 -16.31 -35.78 -54.49
CA SER A 1153 -16.79 -34.44 -54.79
C SER A 1153 -18.15 -34.47 -55.47
N GLY A 1154 -19.05 -35.32 -54.98
CA GLY A 1154 -20.41 -35.31 -55.46
C GLY A 1154 -21.07 -36.67 -55.51
N LEU A 1155 -22.27 -36.78 -54.95
CA LEU A 1155 -23.03 -38.01 -54.96
C LEU A 1155 -24.38 -37.86 -55.66
N ILE A 1156 -25.18 -36.87 -55.28
CA ILE A 1156 -26.55 -36.74 -55.76
C ILE A 1156 -26.69 -35.41 -56.49
N ASP A 1157 -27.27 -35.45 -57.69
CA ASP A 1157 -27.44 -34.25 -58.49
C ASP A 1157 -28.62 -33.44 -57.95
N HIS A 1158 -28.89 -32.30 -58.59
CA HIS A 1158 -29.87 -31.33 -58.12
C HIS A 1158 -31.31 -31.78 -58.33
N GLN A 1159 -31.56 -33.04 -58.69
CA GLN A 1159 -32.91 -33.56 -58.76
C GLN A 1159 -33.23 -34.52 -57.61
N GLY A 1160 -32.20 -35.02 -56.92
CA GLY A 1160 -32.40 -35.96 -55.84
C GLY A 1160 -32.16 -37.41 -56.21
N LYS A 1161 -31.71 -37.70 -57.42
CA LYS A 1161 -31.47 -39.05 -57.89
C LYS A 1161 -29.98 -39.35 -57.91
N PHE A 1162 -29.66 -40.63 -57.84
CA PHE A 1162 -28.25 -41.03 -57.74
C PHE A 1162 -27.52 -40.73 -59.06
N LEU A 1163 -26.24 -40.40 -58.93
CA LEU A 1163 -25.46 -40.00 -60.09
C LEU A 1163 -24.12 -40.75 -60.16
N LEU A 1164 -23.63 -41.22 -59.03
CA LEU A 1164 -22.31 -41.84 -58.97
C LEU A 1164 -22.29 -43.17 -59.72
N THR A 1165 -21.14 -43.46 -60.33
CA THR A 1165 -21.00 -44.67 -61.14
C THR A 1165 -20.88 -45.91 -60.24
N PRO A 1166 -21.56 -47.01 -60.59
CA PRO A 1166 -21.41 -48.23 -59.80
C PRO A 1166 -19.97 -48.73 -59.68
N GLU A 1167 -19.14 -48.50 -60.70
CA GLU A 1167 -17.72 -48.80 -60.55
C GLU A 1167 -17.09 -47.96 -59.45
N GLN A 1168 -17.48 -46.69 -59.35
CA GLN A 1168 -17.01 -45.87 -58.24
C GLN A 1168 -17.58 -46.35 -56.91
N LYS A 1169 -18.80 -46.90 -56.92
CA LYS A 1169 -19.32 -47.53 -55.72
C LYS A 1169 -18.45 -48.70 -55.29
N LEU A 1170 -18.03 -49.53 -56.24
CA LEU A 1170 -17.12 -50.62 -55.93
C LEU A 1170 -15.79 -50.09 -55.41
N ASN A 1171 -15.30 -49.00 -56.01
CA ASN A 1171 -14.04 -48.41 -55.58
C ASN A 1171 -14.10 -47.97 -54.12
N VAL A 1172 -15.15 -47.23 -53.76
CA VAL A 1172 -15.31 -46.80 -52.38
C VAL A 1172 -15.52 -48.01 -51.47
N TRP A 1173 -16.21 -49.03 -51.96
CA TRP A 1173 -16.48 -50.21 -51.13
C TRP A 1173 -15.19 -50.95 -50.79
N ARG A 1174 -14.32 -51.21 -51.77
CA ARG A 1174 -13.12 -51.97 -51.42
C ARG A 1174 -12.03 -51.08 -50.84
N PHE A 1175 -12.15 -49.75 -50.96
CA PHE A 1175 -11.26 -48.89 -50.18
C PHE A 1175 -11.69 -48.81 -48.72
N LEU A 1176 -12.99 -48.86 -48.45
CA LEU A 1176 -13.47 -48.76 -47.08
C LEU A 1176 -12.95 -49.91 -46.22
N ASN A 1177 -12.97 -51.13 -46.75
CA ASN A 1177 -12.46 -52.29 -46.04
C ASN A 1177 -10.96 -52.48 -46.21
N GLY A 1178 -10.30 -51.63 -46.98
CA GLY A 1178 -8.87 -51.74 -47.18
C GLY A 1178 -8.44 -52.72 -48.25
N MET C 1 48.22 19.18 17.39
CA MET C 1 48.42 17.95 16.62
C MET C 1 48.42 18.24 15.13
N GLN C 2 49.39 17.68 14.42
CA GLN C 2 49.62 18.03 13.03
C GLN C 2 48.71 17.24 12.10
N VAL C 3 48.53 17.78 10.89
CA VAL C 3 47.75 17.11 9.86
C VAL C 3 48.44 15.85 9.37
N SER C 4 49.76 15.77 9.52
CA SER C 4 50.48 14.56 9.10
C SER C 4 50.04 13.34 9.91
N ASP C 5 49.65 13.54 11.17
CA ASP C 5 49.16 12.43 11.98
C ASP C 5 47.90 11.82 11.37
N PHE C 6 46.95 12.68 11.00
CA PHE C 6 45.73 12.17 10.40
C PHE C 6 45.98 11.63 8.99
N SER C 7 46.95 12.19 8.27
CA SER C 7 47.32 11.61 6.99
C SER C 7 47.85 10.20 7.17
N GLY C 8 48.68 9.98 8.19
CA GLY C 8 49.14 8.65 8.49
C GLY C 8 48.00 7.72 8.88
N MET C 9 47.06 8.22 9.66
CA MET C 9 45.89 7.42 10.01
C MET C 9 45.13 6.99 8.76
N ILE C 10 44.89 7.94 7.85
CA ILE C 10 44.12 7.64 6.65
C ILE C 10 44.85 6.63 5.78
N LYS C 11 46.16 6.83 5.58
CA LYS C 11 46.89 5.91 4.70
C LYS C 11 47.02 4.54 5.33
N LYS C 12 47.09 4.46 6.66
CA LYS C 12 47.07 3.16 7.32
C LYS C 12 45.73 2.47 7.11
N LEU C 13 44.63 3.22 7.24
CA LEU C 13 43.32 2.62 7.06
C LEU C 13 43.13 2.15 5.62
N GLN C 14 43.65 2.91 4.66
CA GLN C 14 43.51 2.52 3.26
C GLN C 14 44.35 1.30 2.91
N SER C 15 45.37 0.98 3.71
CA SER C 15 46.18 -0.20 3.48
C SER C 15 45.50 -1.48 3.93
N GLN C 16 44.32 -1.37 4.55
CA GLN C 16 43.53 -2.53 4.99
C GLN C 16 42.47 -2.89 3.96
N SER C 17 42.81 -2.77 2.68
CA SER C 17 41.85 -2.86 1.59
C SER C 17 40.94 -4.07 1.65
N PRO C 18 41.42 -5.29 1.88
CA PRO C 18 40.51 -6.44 1.95
C PRO C 18 39.97 -6.75 3.34
N GLU C 19 40.33 -5.98 4.36
CA GLU C 19 39.90 -6.27 5.72
C GLU C 19 39.08 -5.16 6.37
N HIS C 20 39.36 -3.89 6.07
CA HIS C 20 38.54 -2.77 6.51
C HIS C 20 38.47 -2.69 8.04
N ALA C 21 39.60 -2.26 8.62
CA ALA C 21 39.69 -2.10 10.05
C ALA C 21 38.84 -0.91 10.53
N LEU C 22 38.64 -0.86 11.84
CA LEU C 22 38.00 0.26 12.52
C LEU C 22 39.02 0.94 13.42
N MET C 23 39.15 2.26 13.28
CA MET C 23 40.09 3.02 14.08
C MET C 23 39.34 4.03 14.93
N LEU C 24 39.70 4.10 16.21
CA LEU C 24 39.10 5.03 17.15
C LEU C 24 40.17 5.95 17.70
N LEU C 25 39.79 7.19 17.97
CA LEU C 25 40.74 8.18 18.48
C LEU C 25 40.09 8.94 19.63
N ASN C 26 40.73 8.91 20.79
CA ASN C 26 40.33 9.74 21.93
C ASN C 26 41.24 10.94 21.98
N ALA C 27 40.67 12.13 21.88
CA ALA C 27 41.43 13.34 22.07
C ALA C 27 40.51 14.36 22.72
N PRO C 28 40.96 15.05 23.77
CA PRO C 28 40.08 16.02 24.43
C PRO C 28 39.70 17.14 23.47
N THR C 29 38.54 17.73 23.69
CA THR C 29 38.09 18.80 22.82
C THR C 29 39.06 19.95 22.84
N GLY C 30 39.07 20.73 21.77
CA GLY C 30 40.00 21.84 21.68
C GLY C 30 41.42 21.37 21.47
N THR C 31 41.60 20.36 20.63
CA THR C 31 42.93 19.87 20.34
C THR C 31 43.23 19.82 18.84
N GLY C 32 42.21 19.98 18.00
CA GLY C 32 42.42 19.94 16.55
C GLY C 32 41.74 18.79 15.86
N LYS C 33 41.10 17.91 16.61
CA LYS C 33 40.44 16.74 16.07
C LYS C 33 39.71 17.10 14.79
N SER C 34 38.84 18.09 14.86
CA SER C 34 38.06 18.43 13.68
C SER C 34 38.75 19.40 12.76
N TYR C 35 39.63 20.25 13.28
CA TYR C 35 40.39 21.14 12.40
C TYR C 35 41.30 20.37 11.48
N THR C 36 42.00 19.37 12.00
CA THR C 36 43.01 18.68 11.20
C THR C 36 42.46 17.52 10.40
N ILE C 37 41.37 16.87 10.84
CA ILE C 37 40.81 15.79 10.04
C ILE C 37 40.28 16.33 8.72
N ILE C 38 39.69 17.53 8.74
CA ILE C 38 39.18 18.11 7.50
C ILE C 38 40.32 18.39 6.54
N ARG C 39 41.41 18.98 7.05
CA ARG C 39 42.57 19.24 6.21
C ARG C 39 43.16 17.95 5.66
N ALA C 40 43.25 16.92 6.50
CA ALA C 40 43.83 15.66 6.05
C ALA C 40 42.96 15.00 4.99
N LEU C 41 41.63 15.02 5.17
CA LEU C 41 40.74 14.47 4.16
C LEU C 41 40.88 15.22 2.85
N CYS C 42 40.92 16.55 2.90
CA CYS C 42 41.06 17.33 1.68
C CYS C 42 42.39 17.03 0.99
N ARG C 43 43.48 16.98 1.75
CA ARG C 43 44.79 16.73 1.16
C ARG C 43 44.86 15.34 0.54
N TYR C 44 44.34 14.32 1.23
CA TYR C 44 44.36 12.98 0.68
C TYR C 44 43.48 12.88 -0.56
N ALA C 45 42.32 13.54 -0.55
CA ALA C 45 41.46 13.51 -1.72
C ALA C 45 42.12 14.20 -2.90
N ILE C 46 42.84 15.29 -2.67
CA ILE C 46 43.53 15.97 -3.75
C ILE C 46 44.63 15.10 -4.32
N LYS C 47 45.42 14.46 -3.44
CA LYS C 47 46.54 13.66 -3.93
C LYS C 47 46.06 12.39 -4.63
N HIS C 48 45.06 11.71 -4.08
CA HIS C 48 44.57 10.45 -4.63
C HIS C 48 43.19 10.65 -5.24
N GLU C 49 43.10 10.45 -6.55
CA GLU C 49 41.86 10.75 -7.27
C GLU C 49 40.82 9.66 -7.15
N ASN C 50 41.17 8.47 -6.67
CA ASN C 50 40.22 7.38 -6.48
C ASN C 50 39.80 7.21 -5.03
N PHE C 51 40.17 8.14 -4.17
CA PHE C 51 39.82 8.09 -2.75
C PHE C 51 38.43 8.70 -2.55
N ARG C 52 37.58 7.95 -1.86
CA ARG C 52 36.24 8.43 -1.51
C ARG C 52 36.05 8.34 0.00
N ALA C 53 35.56 9.41 0.60
CA ALA C 53 35.33 9.46 2.02
C ALA C 53 33.94 10.01 2.31
N PHE C 54 33.37 9.54 3.42
CA PHE C 54 32.14 10.06 3.97
C PHE C 54 32.45 10.76 5.29
N PHE C 55 31.79 11.87 5.52
CA PHE C 55 31.92 12.62 6.77
C PHE C 55 30.54 12.64 7.41
N VAL C 56 30.39 11.93 8.52
CA VAL C 56 29.09 11.67 9.13
C VAL C 56 29.09 12.25 10.54
N THR C 57 28.06 13.03 10.84
CA THR C 57 27.85 13.53 12.19
C THR C 57 26.36 13.61 12.46
N ASP C 58 26.01 13.56 13.75
CA ASP C 58 24.59 13.43 14.10
C ASP C 58 23.81 14.69 13.81
N GLN C 59 24.36 15.85 14.17
CA GLN C 59 23.65 17.11 14.07
C GLN C 59 24.18 17.91 12.90
N LYS C 60 23.27 18.41 12.06
CA LYS C 60 23.67 19.17 10.90
C LYS C 60 24.34 20.49 11.27
N LYS C 61 24.22 20.93 12.53
CA LYS C 61 24.98 22.09 12.97
C LYS C 61 26.46 21.78 13.15
N ASN C 62 26.86 20.51 13.09
CA ASN C 62 28.25 20.11 13.20
C ASN C 62 28.82 19.62 11.88
N LEU C 63 28.11 19.82 10.76
CA LEU C 63 28.59 19.28 9.50
C LEU C 63 29.85 20.00 9.02
N LYS C 64 30.02 21.27 9.38
CA LYS C 64 31.21 22.04 9.05
C LYS C 64 31.41 22.15 7.54
N GLU C 65 30.38 22.63 6.85
CA GLU C 65 30.52 22.86 5.42
C GLU C 65 31.56 23.94 5.13
N GLN C 66 31.51 25.03 5.89
CA GLN C 66 32.42 26.15 5.65
C GLN C 66 33.86 25.77 5.95
N ASP C 67 34.08 24.97 6.99
CA ASP C 67 35.43 24.52 7.29
C ASP C 67 35.97 23.66 6.17
N PHE C 68 35.15 22.77 5.61
CA PHE C 68 35.59 21.99 4.46
C PHE C 68 35.91 22.87 3.27
N GLU C 69 35.10 23.90 3.02
CA GLU C 69 35.39 24.79 1.91
C GLU C 69 36.71 25.52 2.10
N VAL C 70 36.97 26.00 3.32
CA VAL C 70 38.22 26.71 3.59
C VAL C 70 39.41 25.77 3.45
N ALA C 71 39.30 24.57 4.00
CA ALA C 71 40.41 23.62 3.91
C ALA C 71 40.68 23.21 2.47
N TRP C 72 39.62 22.99 1.68
CA TRP C 72 39.80 22.66 0.28
C TRP C 72 40.45 23.80 -0.47
N ARG C 73 40.07 25.04 -0.16
CA ARG C 73 40.69 26.18 -0.80
C ARG C 73 42.17 26.25 -0.48
N GLU C 74 42.53 26.03 0.79
CA GLU C 74 43.94 26.18 1.16
C GLU C 74 44.78 24.93 0.87
N GLU C 75 44.15 23.82 0.47
CA GLU C 75 44.90 22.61 0.18
C GLU C 75 45.20 22.43 -1.31
N SER C 76 44.23 22.75 -2.18
CA SER C 76 44.48 22.69 -3.61
C SER C 76 45.45 23.78 -4.01
N GLY C 77 46.47 23.41 -4.79
CA GLY C 77 47.54 24.35 -5.10
C GLY C 77 47.71 24.71 -6.56
N ALA C 78 47.42 23.78 -7.47
CA ALA C 78 47.68 24.00 -8.89
C ALA C 78 46.45 23.93 -9.77
N VAL C 79 45.57 22.95 -9.54
CA VAL C 79 44.39 22.80 -10.38
C VAL C 79 43.23 23.63 -9.87
N HIS C 80 43.02 23.66 -8.56
CA HIS C 80 41.96 24.43 -7.92
C HIS C 80 40.58 24.02 -8.45
N LYS C 81 40.22 22.76 -8.18
CA LYS C 81 38.89 22.28 -8.48
C LYS C 81 37.86 23.07 -7.67
N ALA C 82 36.67 23.22 -8.26
CA ALA C 82 35.69 24.15 -7.72
C ALA C 82 35.08 23.70 -6.40
N PHE C 83 35.49 22.55 -5.87
CA PHE C 83 35.09 22.05 -4.56
C PHE C 83 33.63 21.60 -4.56
N SER C 84 32.90 21.92 -5.62
CA SER C 84 31.52 21.48 -5.74
C SER C 84 31.37 20.20 -6.54
N GLU C 85 32.32 19.93 -7.43
CA GLU C 85 32.36 18.67 -8.17
C GLU C 85 33.17 17.60 -7.44
N ARG C 86 33.85 17.95 -6.36
CA ARG C 86 34.61 17.00 -5.56
C ARG C 86 34.01 16.76 -4.19
N VAL C 87 33.54 17.81 -3.52
CA VAL C 87 33.02 17.71 -2.16
C VAL C 87 31.54 18.05 -2.21
N ALA C 88 30.72 17.15 -1.69
CA ALA C 88 29.28 17.27 -1.78
C ALA C 88 28.67 17.26 -0.39
N VAL C 89 27.52 17.91 -0.26
CA VAL C 89 26.76 17.94 0.99
C VAL C 89 25.39 17.34 0.67
N VAL C 90 25.15 16.12 1.10
CA VAL C 90 23.91 15.42 0.81
C VAL C 90 22.91 15.81 1.89
N ARG C 91 21.97 16.69 1.53
CA ARG C 91 20.97 17.16 2.47
C ARG C 91 19.70 16.35 2.37
N SER C 92 18.87 16.46 3.39
CA SER C 92 17.57 15.81 3.38
C SER C 92 16.66 16.48 2.36
N LEU C 93 15.51 15.85 2.12
CA LEU C 93 14.56 16.41 1.17
C LEU C 93 14.06 17.77 1.64
N GLU C 94 13.76 17.89 2.94
CA GLU C 94 13.28 19.16 3.46
C GLU C 94 14.32 20.25 3.32
N ASP C 95 15.59 19.94 3.63
CA ASP C 95 16.63 20.95 3.53
C ASP C 95 16.91 21.32 2.07
N THR C 96 16.87 20.35 1.17
CA THR C 96 17.01 20.66 -0.25
C THR C 96 15.89 21.57 -0.72
N VAL C 97 14.66 21.29 -0.31
CA VAL C 97 13.54 22.14 -0.71
C VAL C 97 13.70 23.53 -0.13
N ASN C 98 14.15 23.62 1.12
CA ASN C 98 14.36 24.91 1.74
C ASN C 98 15.41 25.72 0.99
N LYS C 99 16.51 25.08 0.61
CA LYS C 99 17.53 25.78 -0.17
C LYS C 99 16.99 26.21 -1.52
N LEU C 100 16.20 25.36 -2.16
CA LEU C 100 15.61 25.72 -3.45
C LEU C 100 14.72 26.94 -3.32
N ILE C 101 13.87 26.96 -2.29
CA ILE C 101 12.95 28.08 -2.10
C ILE C 101 13.73 29.35 -1.80
N ASN C 102 14.76 29.26 -0.94
CA ASN C 102 15.55 30.43 -0.62
C ASN C 102 16.27 30.97 -1.85
N ASP C 103 16.82 30.07 -2.68
CA ASP C 103 17.46 30.51 -3.91
C ASP C 103 16.46 31.17 -4.84
N TRP C 104 15.24 30.65 -4.90
CA TRP C 104 14.20 31.27 -5.70
C TRP C 104 13.87 32.67 -5.21
N ASP C 105 13.80 32.84 -3.89
CA ASP C 105 13.44 34.14 -3.33
C ASP C 105 14.56 35.16 -3.41
N ARG C 106 15.82 34.71 -3.55
CA ARG C 106 16.95 35.63 -3.58
C ARG C 106 17.57 35.75 -4.96
N GLN C 107 16.85 35.33 -6.00
CA GLN C 107 17.30 35.46 -7.38
C GLN C 107 18.67 34.83 -7.59
N GLN C 108 18.87 33.65 -7.00
CA GLN C 108 20.15 32.96 -7.08
C GLN C 108 20.14 31.79 -8.08
N ILE C 109 18.99 31.50 -8.68
CA ILE C 109 18.92 30.45 -9.70
C ILE C 109 19.47 31.04 -11.00
N PRO C 110 20.41 30.36 -11.66
CA PRO C 110 21.26 31.05 -12.65
C PRO C 110 20.62 31.37 -13.98
N ASP C 111 19.41 31.93 -13.98
CA ASP C 111 18.82 32.58 -15.16
C ASP C 111 18.61 31.65 -16.34
N LEU C 112 19.01 30.40 -16.22
CA LEU C 112 18.72 29.41 -17.25
C LEU C 112 17.44 28.66 -16.91
N TYR C 113 17.33 28.24 -15.64
CA TYR C 113 16.09 27.69 -15.14
C TYR C 113 15.08 28.79 -14.83
N ARG C 114 15.57 29.97 -14.45
CA ARG C 114 14.68 31.07 -14.11
C ARG C 114 13.83 31.50 -15.30
N SER C 115 14.42 31.57 -16.48
CA SER C 115 13.69 32.05 -17.65
C SER C 115 12.56 31.12 -18.05
N SER C 116 12.73 29.81 -17.86
CA SER C 116 11.74 28.86 -18.30
C SER C 116 10.46 28.98 -17.48
N PRO C 117 9.30 28.83 -18.11
CA PRO C 117 8.04 28.90 -17.36
C PRO C 117 7.70 27.60 -16.66
N ILE C 118 8.14 26.47 -17.24
CA ILE C 118 7.89 25.18 -16.61
C ILE C 118 8.59 25.11 -15.26
N PHE C 119 9.86 25.53 -15.24
CA PHE C 119 10.61 25.55 -13.99
C PHE C 119 9.97 26.48 -12.97
N LYS C 120 9.52 27.64 -13.41
CA LYS C 120 8.90 28.59 -12.48
C LYS C 120 7.61 28.03 -11.89
N LYS C 121 6.79 27.40 -12.74
CA LYS C 121 5.56 26.79 -12.23
C LYS C 121 5.87 25.66 -11.25
N SER C 122 6.88 24.85 -11.57
CA SER C 122 7.28 23.78 -10.66
C SER C 122 7.75 24.33 -9.34
N LEU C 123 8.50 25.45 -9.36
CA LEU C 123 8.93 26.07 -8.11
C LEU C 123 7.78 26.64 -7.31
N GLU C 124 6.79 27.23 -7.98
CA GLU C 124 5.62 27.71 -7.24
C GLU C 124 4.87 26.54 -6.58
N ASN C 125 4.71 25.45 -7.31
CA ASN C 125 4.07 24.26 -6.74
C ASN C 125 4.90 23.72 -5.58
N LEU C 126 6.22 23.74 -5.72
CA LEU C 126 7.10 23.27 -4.66
C LEU C 126 6.97 24.15 -3.43
N GLY C 127 6.84 25.46 -3.62
CA GLY C 127 6.65 26.35 -2.48
C GLY C 127 5.35 26.07 -1.75
N ASN C 128 4.28 25.83 -2.50
CA ASN C 128 3.02 25.49 -1.85
C ASN C 128 3.14 24.17 -1.08
N ALA C 129 3.79 23.17 -1.69
CA ALA C 129 3.97 21.89 -1.02
C ALA C 129 4.81 22.04 0.23
N PHE C 130 5.84 22.88 0.17
CA PHE C 130 6.68 23.11 1.34
C PHE C 130 5.91 23.80 2.45
N LYS C 131 5.05 24.76 2.10
CA LYS C 131 4.21 25.38 3.10
C LYS C 131 3.29 24.36 3.77
N SER C 132 2.69 23.48 2.97
CA SER C 132 1.84 22.43 3.53
C SER C 132 2.64 21.49 4.44
N PHE C 133 3.85 21.13 4.01
CA PHE C 133 4.69 20.25 4.80
C PHE C 133 5.07 20.89 6.12
N GLY C 134 5.36 22.19 6.11
CA GLY C 134 5.62 22.90 7.35
C GLY C 134 4.40 22.94 8.25
N MET C 135 3.21 23.14 7.66
CA MET C 135 1.99 23.17 8.48
C MET C 135 1.72 21.81 9.13
N MET C 136 1.96 20.73 8.40
CA MET C 136 1.62 19.39 8.87
C MET C 136 2.75 18.73 9.65
N LYS C 137 3.64 19.51 10.27
CA LYS C 137 4.77 18.93 10.97
C LYS C 137 4.43 18.48 12.39
N GLU C 138 3.22 18.72 12.86
CA GLU C 138 2.88 18.39 14.24
C GLU C 138 2.72 16.89 14.42
N ASN C 139 1.77 16.28 13.72
CA ASN C 139 1.48 14.86 13.89
C ASN C 139 2.37 14.03 12.99
N GLU C 140 2.96 12.98 13.55
CA GLU C 140 3.85 12.11 12.78
C GLU C 140 3.10 11.24 11.78
N PHE C 141 1.82 10.98 12.02
CA PHE C 141 1.02 10.26 11.02
C PHE C 141 0.88 11.07 9.74
N ASP C 142 0.65 12.38 9.88
CA ASP C 142 0.59 13.25 8.71
C ASP C 142 1.98 13.55 8.16
N LEU C 143 3.04 13.28 8.92
CA LEU C 143 4.38 13.54 8.44
C LEU C 143 4.70 12.70 7.21
N LYS C 144 4.30 11.44 7.22
CA LYS C 144 4.56 10.57 6.08
C LYS C 144 3.92 11.11 4.81
N ASN C 145 2.63 11.48 4.89
CA ASN C 145 1.93 11.97 3.71
C ASN C 145 2.47 13.31 3.26
N ALA C 146 2.76 14.21 4.19
CA ALA C 146 3.34 15.49 3.81
C ALA C 146 4.69 15.31 3.15
N TRP C 147 5.50 14.39 3.66
CA TRP C 147 6.79 14.12 3.06
C TRP C 147 6.62 13.55 1.65
N THR C 148 5.63 12.67 1.46
CA THR C 148 5.39 12.12 0.13
C THR C 148 5.00 13.21 -0.86
N MET C 149 4.11 14.12 -0.43
CA MET C 149 3.71 15.22 -1.31
C MET C 149 4.90 16.11 -1.65
N LEU C 150 5.73 16.43 -0.65
CA LEU C 150 6.91 17.25 -0.90
C LEU C 150 7.88 16.55 -1.84
N SER C 151 8.04 15.24 -1.67
CA SER C 151 8.91 14.48 -2.56
C SER C 151 8.40 14.51 -3.99
N ARG C 152 7.09 14.39 -4.17
CA ARG C 152 6.53 14.47 -5.51
C ARG C 152 6.78 15.83 -6.14
N ALA C 153 6.59 16.90 -5.37
CA ALA C 153 6.84 18.24 -5.91
C ALA C 153 8.31 18.42 -6.28
N GLU C 154 9.21 17.96 -5.43
CA GLU C 154 10.63 18.07 -5.72
C GLU C 154 10.99 17.26 -6.95
N TYR C 155 10.37 16.09 -7.13
CA TYR C 155 10.63 15.30 -8.32
C TYR C 155 10.15 16.02 -9.57
N GLN C 156 9.02 16.71 -9.49
CA GLN C 156 8.56 17.49 -10.64
C GLN C 156 9.56 18.60 -10.98
N VAL C 157 10.10 19.26 -9.95
CA VAL C 157 11.13 20.26 -10.21
C VAL C 157 12.33 19.63 -10.91
N ARG C 158 12.76 18.46 -10.43
CA ARG C 158 13.90 17.79 -11.03
C ARG C 158 13.61 17.41 -12.49
N ARG C 159 12.38 16.98 -12.77
CA ARG C 159 12.01 16.64 -14.14
C ARG C 159 12.07 17.86 -15.04
N ALA C 160 11.60 19.00 -14.55
CA ALA C 160 11.69 20.23 -15.34
C ALA C 160 13.13 20.56 -15.65
N MET C 161 14.00 20.47 -14.63
CA MET C 161 15.42 20.73 -14.86
C MET C 161 16.01 19.74 -15.85
N ILE C 162 15.56 18.48 -15.79
CA ILE C 162 16.07 17.45 -16.70
C ILE C 162 15.71 17.79 -18.13
N THR C 163 14.46 18.21 -18.37
CA THR C 163 14.07 18.58 -19.73
C THR C 163 14.87 19.77 -20.23
N ILE C 164 15.07 20.78 -19.36
CA ILE C 164 15.81 21.97 -19.76
C ILE C 164 17.24 21.61 -20.12
N LEU C 165 17.87 20.74 -19.35
CA LEU C 165 19.23 20.34 -19.69
C LEU C 165 19.27 19.43 -20.91
N ALA C 166 18.24 18.60 -21.11
CA ALA C 166 18.26 17.68 -22.23
C ALA C 166 18.14 18.41 -23.55
N ASP C 167 17.28 19.43 -23.63
CA ASP C 167 17.15 20.12 -24.91
C ASP C 167 18.41 20.92 -25.24
N LYS C 168 19.10 21.45 -24.22
CA LYS C 168 20.35 22.17 -24.45
C LYS C 168 21.47 21.23 -24.88
N ALA C 169 21.37 19.94 -24.58
CA ALA C 169 22.34 18.95 -25.01
C ALA C 169 21.84 18.13 -26.20
N HIS C 170 20.76 18.55 -26.85
CA HIS C 170 20.19 17.87 -28.00
C HIS C 170 19.78 16.43 -27.67
N VAL C 171 19.47 16.13 -26.43
CA VAL C 171 19.09 14.77 -26.14
C VAL C 171 17.61 14.58 -26.33
N LYS C 172 17.23 13.50 -27.00
CA LYS C 172 15.82 13.22 -27.22
C LYS C 172 15.28 12.60 -25.95
N LEU C 173 14.84 13.46 -25.04
CA LEU C 173 14.31 13.04 -23.76
C LEU C 173 13.17 12.06 -23.93
N LYS C 174 12.06 12.58 -24.44
CA LYS C 174 10.84 11.83 -24.72
C LYS C 174 11.11 10.46 -25.32
N ASN C 175 11.96 10.41 -26.34
CA ASN C 175 12.31 9.15 -26.96
C ASN C 175 13.05 8.26 -25.96
N ILE C 176 13.93 8.87 -25.18
CA ILE C 176 14.71 8.14 -24.18
C ILE C 176 13.86 7.66 -23.02
N SER C 177 12.90 8.52 -22.69
CA SER C 177 11.94 8.35 -21.62
C SER C 177 10.73 7.59 -22.12
N GLU C 178 9.81 8.33 -22.72
CA GLU C 178 8.58 7.74 -23.22
C GLU C 178 7.78 8.91 -23.72
N ALA C 179 7.28 8.80 -24.94
CA ALA C 179 6.48 9.86 -25.51
C ALA C 179 5.42 10.31 -24.52
N GLY C 180 4.95 9.39 -23.68
CA GLY C 180 3.95 9.72 -22.68
C GLY C 180 4.49 10.46 -21.48
N ALA C 181 4.03 10.09 -20.29
CA ALA C 181 4.44 10.82 -19.08
C ALA C 181 5.44 10.06 -18.22
N SER C 182 5.00 9.65 -17.03
CA SER C 182 5.89 8.96 -16.10
C SER C 182 6.87 8.04 -16.82
N ALA C 183 8.13 8.44 -16.86
CA ALA C 183 9.16 7.63 -17.51
C ALA C 183 10.54 8.18 -17.27
N PHE C 184 11.02 9.01 -18.18
CA PHE C 184 12.36 9.55 -18.06
C PHE C 184 13.37 8.54 -17.57
N LYS C 185 13.51 7.45 -18.30
CA LYS C 185 14.48 6.43 -17.97
C LYS C 185 15.40 6.73 -19.13
N LEU C 186 16.50 7.43 -18.83
CA LEU C 186 17.49 7.81 -19.84
C LEU C 186 18.58 6.74 -19.82
N ASP C 187 19.31 6.65 -20.93
CA ASP C 187 20.41 5.71 -21.04
C ASP C 187 21.65 6.30 -20.45
N SER C 188 22.70 5.52 -20.31
CA SER C 188 23.92 6.12 -19.77
C SER C 188 24.47 7.21 -20.68
N ILE C 189 24.30 7.06 -22.00
CA ILE C 189 24.93 7.98 -22.93
C ILE C 189 24.30 9.36 -22.85
N SER C 190 22.98 9.43 -22.74
CA SER C 190 22.30 10.71 -22.68
C SER C 190 22.70 11.49 -21.43
N LYS C 191 22.67 10.83 -20.28
CA LYS C 191 23.08 11.51 -19.05
C LYS C 191 24.56 11.84 -19.07
N GLY C 192 25.37 11.03 -19.74
CA GLY C 192 26.77 11.39 -19.92
C GLY C 192 26.93 12.66 -20.73
N LYS C 193 26.13 12.81 -21.78
CA LYS C 193 26.15 14.05 -22.57
C LYS C 193 25.70 15.24 -21.72
N ILE C 194 24.67 15.04 -20.91
CA ILE C 194 24.20 16.14 -20.05
C ILE C 194 25.27 16.55 -19.06
N ARG C 195 25.95 15.56 -18.46
CA ARG C 195 27.03 15.86 -17.53
C ARG C 195 28.17 16.57 -18.23
N GLU C 196 28.49 16.17 -19.47
CA GLU C 196 29.51 16.88 -20.22
C GLU C 196 29.11 18.33 -20.46
N PHE C 197 27.84 18.55 -20.82
CA PHE C 197 27.38 19.91 -21.08
C PHE C 197 27.48 20.78 -19.83
N VAL C 198 27.06 20.27 -18.69
CA VAL C 198 27.16 21.09 -17.48
C VAL C 198 28.62 21.26 -17.08
N SER C 199 29.47 20.29 -17.42
CA SER C 199 30.90 20.45 -17.14
C SER C 199 31.48 21.61 -17.94
N LYS C 200 31.06 21.75 -19.20
CA LYS C 200 31.52 22.86 -20.01
C LYS C 200 30.70 24.13 -19.82
N GLN C 201 29.68 24.10 -18.96
CA GLN C 201 28.84 25.26 -18.72
C GLN C 201 29.62 26.33 -17.96
N PRO C 202 29.18 27.59 -18.04
CA PRO C 202 29.75 28.63 -17.17
C PRO C 202 29.83 28.20 -15.71
N LYS C 203 30.78 28.80 -14.99
CA LYS C 203 31.11 28.29 -13.66
C LYS C 203 29.99 28.50 -12.65
N ALA C 204 29.29 29.64 -12.73
CA ALA C 204 28.23 29.90 -11.77
C ALA C 204 27.09 28.90 -11.91
N ASP C 205 26.70 28.58 -13.14
CA ASP C 205 25.61 27.65 -13.37
C ASP C 205 25.95 26.26 -12.84
N SER C 206 27.15 25.78 -13.19
CA SER C 206 27.58 24.48 -12.71
C SER C 206 27.71 24.45 -11.20
N LYS C 207 28.20 25.55 -10.62
CA LYS C 207 28.35 25.59 -9.17
C LYS C 207 27.00 25.51 -8.47
N TRP C 208 26.01 26.25 -8.97
CA TRP C 208 24.69 26.16 -8.35
C TRP C 208 24.09 24.77 -8.53
N LEU C 209 24.21 24.19 -9.72
CA LEU C 209 23.63 22.87 -9.95
C LEU C 209 24.29 21.83 -9.06
N ASN C 210 25.61 21.90 -8.91
CA ASN C 210 26.32 20.91 -8.10
C ASN C 210 26.08 21.10 -6.62
N GLU C 211 25.93 22.34 -6.15
CA GLU C 211 25.63 22.55 -4.75
C GLU C 211 24.21 22.09 -4.41
N THR C 212 23.23 22.48 -5.23
CA THR C 212 21.85 22.14 -4.91
C THR C 212 21.60 20.65 -5.05
N TYR C 213 22.20 20.02 -6.06
CA TYR C 213 21.99 18.60 -6.34
C TYR C 213 23.33 17.91 -6.41
N PRO C 214 23.92 17.59 -5.26
CA PRO C 214 25.17 16.82 -5.26
C PRO C 214 25.04 15.47 -5.91
N THR C 215 23.85 14.87 -5.87
CA THR C 215 23.60 13.58 -6.49
C THR C 215 23.53 13.64 -8.00
N PHE C 216 23.76 14.83 -8.59
CA PHE C 216 23.76 14.94 -10.04
C PHE C 216 24.86 14.08 -10.65
N ASP C 217 26.05 14.09 -10.03
CA ASP C 217 27.14 13.18 -10.39
C ASP C 217 27.78 12.74 -9.08
N LEU C 218 27.24 11.67 -8.49
CA LEU C 218 27.70 11.22 -7.19
C LEU C 218 29.01 10.44 -7.26
N GLU C 219 29.39 9.95 -8.43
CA GLU C 219 30.64 9.21 -8.54
C GLU C 219 31.85 10.14 -8.54
N LYS C 220 31.69 11.36 -9.04
CA LYS C 220 32.81 12.28 -9.05
C LYS C 220 33.13 12.83 -7.67
N LYS C 221 32.17 12.80 -6.74
CA LYS C 221 32.38 13.39 -5.42
C LYS C 221 33.36 12.54 -4.62
N GLN C 222 34.43 13.17 -4.17
CA GLN C 222 35.43 12.47 -3.37
C GLN C 222 35.09 12.48 -1.89
N ILE C 223 34.53 13.59 -1.39
CA ILE C 223 34.10 13.70 -0.01
C ILE C 223 32.60 13.94 -0.01
N ILE C 224 31.88 13.18 0.80
CA ILE C 224 30.43 13.29 0.90
C ILE C 224 30.10 13.57 2.35
N ILE C 225 29.48 14.72 2.61
CA ILE C 225 29.21 15.19 3.96
C ILE C 225 27.73 15.01 4.21
N LEU C 226 27.37 14.27 5.26
CA LEU C 226 25.96 14.03 5.50
C LEU C 226 25.76 13.64 6.96
N THR C 227 24.53 13.79 7.42
CA THR C 227 24.19 13.44 8.78
C THR C 227 24.10 11.93 8.94
N THR C 228 24.12 11.48 10.20
CA THR C 228 23.96 10.06 10.46
C THR C 228 22.59 9.57 10.00
N ALA C 229 21.56 10.37 10.24
CA ALA C 229 20.21 9.97 9.85
C ALA C 229 20.11 9.83 8.33
N LYS C 230 20.75 10.72 7.58
CA LYS C 230 20.76 10.58 6.13
C LYS C 230 21.63 9.41 5.70
N PHE C 231 22.74 9.16 6.40
CA PHE C 231 23.61 8.05 6.04
C PHE C 231 22.90 6.71 6.19
N ILE C 232 22.10 6.57 7.24
CA ILE C 232 21.36 5.33 7.43
C ILE C 232 20.36 5.13 6.31
N LYS C 233 19.68 6.20 5.91
CA LYS C 233 18.60 6.12 4.94
C LYS C 233 19.15 6.17 3.52
N SER C 234 18.28 6.46 2.56
CA SER C 234 18.59 6.43 1.15
C SER C 234 18.78 7.83 0.58
N TYR C 235 19.53 7.91 -0.50
CA TYR C 235 19.65 9.12 -1.30
C TYR C 235 18.91 8.91 -2.61
N THR C 236 18.25 9.96 -3.09
CA THR C 236 17.55 9.85 -4.36
C THR C 236 18.47 10.29 -5.49
N PRO C 237 18.78 9.42 -6.45
CA PRO C 237 19.65 9.83 -7.54
C PRO C 237 18.98 10.86 -8.43
N PHE C 238 19.79 11.73 -9.00
CA PHE C 238 19.28 12.58 -10.06
C PHE C 238 18.94 11.71 -11.26
N PHE C 239 17.96 12.15 -12.04
CA PHE C 239 17.41 11.45 -13.21
C PHE C 239 16.52 10.28 -12.85
N GLU C 240 16.30 9.99 -11.57
CA GLU C 240 15.50 8.84 -11.18
C GLU C 240 14.50 9.24 -10.11
N LYS C 241 13.43 8.44 -10.02
CA LYS C 241 12.37 8.66 -9.05
C LYS C 241 12.56 7.86 -7.77
N ARG C 242 12.99 6.61 -7.88
CA ARG C 242 13.18 5.77 -6.71
C ARG C 242 14.55 6.03 -6.08
N SER C 243 14.58 6.06 -4.75
CA SER C 243 15.80 6.34 -4.01
C SER C 243 16.57 5.06 -3.72
N LYS C 244 17.89 5.18 -3.72
CA LYS C 244 18.79 4.06 -3.46
C LYS C 244 19.41 4.21 -2.08
N ALA C 245 19.41 3.12 -1.31
CA ALA C 245 19.94 3.17 0.04
C ALA C 245 21.46 3.26 0.02
N PHE C 246 22.00 4.09 0.91
CA PHE C 246 23.45 4.14 1.09
C PHE C 246 24.01 2.80 1.54
N ARG C 247 23.18 1.99 2.19
CA ARG C 247 23.63 0.74 2.80
C ARG C 247 24.19 -0.21 1.76
N TYR C 248 23.48 -0.38 0.64
CA TYR C 248 23.85 -1.34 -0.39
C TYR C 248 24.43 -0.69 -1.63
N SER C 249 24.59 0.62 -1.63
CA SER C 249 25.09 1.30 -2.81
C SER C 249 26.56 0.94 -3.05
N PRO C 250 26.98 0.86 -4.31
CA PRO C 250 28.40 0.63 -4.60
C PRO C 250 29.28 1.80 -4.22
N ILE C 251 28.70 2.92 -3.78
CA ILE C 251 29.48 4.08 -3.42
C ILE C 251 30.28 3.85 -2.14
N LEU C 252 29.88 2.88 -1.32
CA LEU C 252 30.58 2.61 -0.07
C LEU C 252 31.74 1.65 -0.21
N LYS C 253 31.85 0.91 -1.31
CA LYS C 253 32.87 -0.12 -1.40
C LYS C 253 34.26 0.50 -1.33
N ASP C 254 35.05 0.04 -0.35
CA ASP C 254 36.42 0.50 -0.12
C ASP C 254 36.49 1.98 0.24
N ALA C 255 35.40 2.56 0.72
CA ALA C 255 35.42 3.96 1.13
C ALA C 255 35.95 4.09 2.55
N LEU C 256 36.14 5.32 2.98
CA LEU C 256 36.54 5.64 4.35
C LEU C 256 35.43 6.46 4.98
N VAL C 257 34.82 5.95 6.03
CA VAL C 257 33.74 6.62 6.74
C VAL C 257 34.31 7.23 8.00
N VAL C 258 34.20 8.54 8.13
CA VAL C 258 34.67 9.27 9.30
C VAL C 258 33.42 9.66 10.09
N LEU C 259 33.16 8.94 11.17
CA LEU C 259 32.09 9.27 12.10
C LEU C 259 32.66 10.26 13.11
N ASP C 260 32.35 11.54 12.94
CA ASP C 260 32.90 12.55 13.83
C ASP C 260 32.18 12.61 15.18
N GLU C 261 31.09 11.87 15.36
CA GLU C 261 30.45 11.86 16.67
C GLU C 261 30.31 10.46 17.24
N PHE C 262 30.96 9.48 16.62
CA PHE C 262 31.27 8.24 17.33
C PHE C 262 31.80 8.62 18.70
N ASP C 263 31.04 8.34 19.75
CA ASP C 263 29.93 7.42 19.96
C ASP C 263 28.49 7.95 19.93
N SER C 264 28.29 9.24 19.70
CA SER C 264 26.92 9.76 19.72
C SER C 264 26.07 9.14 18.62
N THR C 265 26.68 8.57 17.59
CA THR C 265 25.93 7.99 16.48
C THR C 265 25.07 6.82 16.91
N LYS C 266 25.56 5.98 17.84
CA LYS C 266 24.89 4.73 18.13
C LYS C 266 23.41 4.93 18.45
N LYS C 267 23.11 5.82 19.40
CA LYS C 267 21.72 6.09 19.75
C LYS C 267 20.92 6.39 18.51
N GLN C 268 21.40 7.32 17.69
CA GLN C 268 20.69 7.66 16.46
C GLN C 268 20.41 6.41 15.65
N ILE C 269 21.45 5.62 15.36
CA ILE C 269 21.26 4.39 14.61
C ILE C 269 20.24 3.51 15.31
N LEU C 270 20.44 3.31 16.62
CA LEU C 270 19.50 2.48 17.36
C LEU C 270 18.08 2.97 17.17
N GLU C 271 17.86 4.28 17.36
CA GLU C 271 16.51 4.80 17.23
C GLU C 271 15.96 4.47 15.86
N SER C 272 16.73 4.76 14.80
CA SER C 272 16.27 4.45 13.45
C SER C 272 15.93 2.98 13.33
N ALA C 273 16.82 2.11 13.82
CA ALA C 273 16.57 0.68 13.73
C ALA C 273 15.22 0.35 14.34
N ILE C 274 14.96 0.86 15.55
CA ILE C 274 13.71 0.54 16.22
C ILE C 274 12.53 0.93 15.34
N ASP C 275 12.56 2.16 14.81
CA ASP C 275 11.46 2.60 13.97
C ASP C 275 11.27 1.66 12.81
N GLU C 276 12.36 1.28 12.13
CA GLU C 276 12.24 0.41 10.99
C GLU C 276 11.62 -0.93 11.40
N ALA C 277 12.04 -1.45 12.55
CA ALA C 277 11.51 -2.73 13.00
C ALA C 277 10.00 -2.66 13.15
N LEU C 278 9.48 -1.52 13.58
CA LEU C 278 8.06 -1.43 13.82
C LEU C 278 7.29 -1.19 12.53
N LYS C 279 7.96 -0.70 11.50
CA LYS C 279 7.26 -0.44 10.24
C LYS C 279 6.93 -1.72 9.52
N ILE C 280 7.73 -2.76 9.73
CA ILE C 280 7.66 -3.97 8.94
C ILE C 280 7.07 -5.07 9.82
N GLN C 281 5.85 -5.49 9.51
CA GLN C 281 5.20 -6.57 10.24
C GLN C 281 4.45 -7.45 9.26
N ALA C 282 4.30 -8.72 9.61
CA ALA C 282 3.60 -9.64 8.74
C ALA C 282 3.02 -10.77 9.57
N ASP C 283 2.00 -11.41 9.01
CA ASP C 283 1.39 -12.58 9.65
C ASP C 283 2.38 -13.72 9.61
N LEU C 284 2.76 -14.23 10.78
CA LEU C 284 3.82 -15.23 10.86
C LEU C 284 3.42 -16.52 10.15
N ASN C 285 2.19 -16.98 10.34
CA ASN C 285 1.76 -18.25 9.77
C ASN C 285 1.78 -18.20 8.25
N SER C 286 1.15 -17.17 7.68
CA SER C 286 1.12 -17.05 6.23
C SER C 286 2.51 -16.85 5.65
N LEU C 287 3.34 -16.08 6.35
CA LEU C 287 4.72 -15.88 5.90
C LEU C 287 5.47 -17.20 5.82
N PHE C 288 5.41 -17.99 6.88
CA PHE C 288 6.08 -19.28 6.88
C PHE C 288 5.52 -20.20 5.81
N VAL C 289 4.20 -20.25 5.67
CA VAL C 289 3.59 -21.13 4.69
C VAL C 289 4.01 -20.75 3.28
N ASP C 290 4.01 -19.45 2.99
CA ASP C 290 4.38 -18.99 1.65
C ASP C 290 5.86 -19.26 1.36
N LEU C 291 6.73 -19.04 2.34
CA LEU C 291 8.14 -19.34 2.11
C LEU C 291 8.36 -20.84 1.90
N SER C 292 7.67 -21.67 2.67
CA SER C 292 7.79 -23.11 2.48
C SER C 292 7.31 -23.52 1.09
N LYS C 293 6.19 -22.95 0.65
CA LYS C 293 5.66 -23.26 -0.67
C LYS C 293 6.63 -22.85 -1.76
N GLY C 294 7.23 -21.66 -1.63
CA GLY C 294 8.20 -21.22 -2.61
C GLY C 294 9.42 -22.12 -2.66
N LEU C 295 9.94 -22.52 -1.50
CA LEU C 295 11.10 -23.40 -1.47
C LEU C 295 10.77 -24.74 -2.10
N ASN C 296 9.57 -25.26 -1.84
CA ASN C 296 9.17 -26.51 -2.47
C ASN C 296 9.09 -26.36 -3.99
N LYS C 297 8.58 -25.21 -4.46
CA LYS C 297 8.62 -24.96 -5.90
C LYS C 297 10.04 -25.00 -6.43
N VAL C 298 10.98 -24.43 -5.68
CA VAL C 298 12.38 -24.50 -6.08
C VAL C 298 12.82 -25.95 -6.19
N ASN C 299 12.36 -26.79 -5.24
CA ASN C 299 12.79 -28.19 -5.24
C ASN C 299 12.34 -28.92 -6.49
N GLU C 300 11.08 -28.73 -6.89
CA GLU C 300 10.53 -29.44 -8.05
C GLU C 300 10.96 -28.85 -9.38
N GLY C 301 11.96 -27.98 -9.39
CA GLY C 301 12.47 -27.42 -10.63
C GLY C 301 11.46 -26.59 -11.38
N GLN C 302 10.68 -25.78 -10.69
CA GLN C 302 9.69 -24.91 -11.31
C GLN C 302 10.13 -23.46 -11.33
N LEU C 303 11.40 -23.18 -11.14
CA LEU C 303 11.96 -21.84 -11.26
C LEU C 303 13.09 -21.87 -12.27
N PRO C 304 13.43 -20.72 -12.86
CA PRO C 304 14.46 -20.72 -13.91
C PRO C 304 15.75 -21.35 -13.43
N ALA C 305 16.46 -21.99 -14.36
CA ALA C 305 17.63 -22.76 -13.99
C ALA C 305 18.68 -21.91 -13.30
N LYS C 306 18.67 -20.59 -13.56
CA LYS C 306 19.69 -19.69 -13.04
C LYS C 306 19.85 -19.83 -11.53
N LEU C 307 18.75 -19.74 -10.79
CA LEU C 307 18.84 -19.92 -9.35
C LEU C 307 18.48 -21.34 -8.92
N GLY C 308 17.69 -22.05 -9.71
CA GLY C 308 17.32 -23.40 -9.33
C GLY C 308 18.53 -24.32 -9.23
N LYS C 309 19.46 -24.21 -10.16
CA LYS C 309 20.63 -25.08 -10.11
C LYS C 309 21.59 -24.70 -8.99
N SER C 310 21.45 -23.50 -8.42
CA SER C 310 22.27 -23.09 -7.29
C SER C 310 21.62 -23.44 -5.96
N PHE C 311 20.29 -23.51 -5.91
CA PHE C 311 19.62 -23.92 -4.68
C PHE C 311 19.82 -25.41 -4.42
N THR C 312 19.64 -26.24 -5.44
CA THR C 312 19.38 -27.65 -5.23
C THR C 312 20.60 -28.49 -4.90
N PHE C 313 21.80 -28.03 -5.22
CA PHE C 313 22.97 -28.88 -5.04
C PHE C 313 23.55 -28.80 -3.63
N ARG C 314 22.95 -28.03 -2.74
CA ARG C 314 23.44 -27.86 -1.39
C ARG C 314 22.62 -28.68 -0.41
N ASP C 315 23.31 -29.42 0.47
CA ASP C 315 22.61 -30.24 1.45
C ASP C 315 21.80 -29.40 2.41
N ALA C 316 22.23 -28.17 2.66
CA ALA C 316 21.46 -27.26 3.50
C ALA C 316 20.07 -27.03 2.93
N PHE C 317 19.92 -27.07 1.61
CA PHE C 317 18.60 -26.92 1.01
C PHE C 317 17.70 -28.08 1.38
N LYS C 318 18.20 -29.30 1.28
CA LYS C 318 17.42 -30.46 1.66
C LYS C 318 17.05 -30.40 3.14
N GLU C 319 17.99 -29.98 3.97
CA GLU C 319 17.70 -29.88 5.40
C GLU C 319 16.65 -28.81 5.68
N ILE C 320 16.70 -27.68 4.97
CA ILE C 320 15.70 -26.64 5.14
C ILE C 320 14.32 -27.15 4.74
N LEU C 321 14.24 -27.86 3.62
CA LEU C 321 12.96 -28.42 3.20
C LEU C 321 12.43 -29.42 4.22
N ASN C 322 13.31 -30.26 4.76
CA ASN C 322 12.88 -31.23 5.77
C ASN C 322 12.37 -30.53 7.02
N ASP C 323 13.07 -29.49 7.47
CA ASP C 323 12.60 -28.75 8.64
C ASP C 323 11.28 -28.07 8.36
N ALA C 324 11.10 -27.52 7.17
CA ALA C 324 9.83 -26.88 6.84
C ALA C 324 8.70 -27.89 6.89
N GLU C 325 8.90 -29.08 6.32
CA GLU C 325 7.86 -30.09 6.34
C GLU C 325 7.55 -30.54 7.77
N GLN C 326 8.60 -30.77 8.57
CA GLN C 326 8.40 -31.23 9.94
C GLN C 326 7.69 -30.18 10.78
N LEU C 327 8.03 -28.91 10.58
CA LEU C 327 7.38 -27.84 11.32
C LEU C 327 5.93 -27.67 10.90
N THR C 328 5.66 -27.79 9.60
CA THR C 328 4.28 -27.70 9.13
C THR C 328 3.43 -28.82 9.70
N ALA C 329 3.98 -30.02 9.76
CA ALA C 329 3.23 -31.14 10.33
C ALA C 329 3.09 -31.02 11.84
N GLU C 330 4.10 -30.48 12.52
CA GLU C 330 4.10 -30.49 13.97
C GLU C 330 3.13 -29.46 14.55
N PHE C 331 3.10 -28.27 13.98
CA PHE C 331 2.31 -27.17 14.52
C PHE C 331 1.01 -26.97 13.77
N LYS C 332 0.64 -27.89 12.87
CA LYS C 332 -0.61 -27.80 12.13
C LYS C 332 -0.74 -26.48 11.40
N LEU C 333 0.38 -25.99 10.85
CA LEU C 333 0.39 -24.68 10.24
C LEU C 333 -0.36 -24.62 8.92
N ASP C 334 -0.78 -25.77 8.37
CA ASP C 334 -1.63 -25.77 7.19
C ASP C 334 -3.01 -25.21 7.47
N PHE C 335 -3.45 -25.26 8.73
CA PHE C 335 -4.79 -24.88 9.12
C PHE C 335 -4.80 -23.45 9.67
N LEU C 336 -6.00 -22.91 9.81
CA LEU C 336 -6.17 -21.54 10.26
C LEU C 336 -6.17 -21.48 11.78
N TYR C 337 -5.42 -20.52 12.32
CA TYR C 337 -5.42 -20.25 13.76
C TYR C 337 -6.51 -19.24 14.06
N LYS C 338 -7.53 -19.67 14.80
CA LYS C 338 -8.63 -18.78 15.16
C LYS C 338 -8.61 -18.55 16.66
N MET C 339 -8.52 -17.29 17.06
CA MET C 339 -8.45 -16.88 18.45
C MET C 339 -9.72 -16.11 18.77
N GLU C 340 -10.60 -16.71 19.56
CA GLU C 340 -11.91 -16.14 19.86
C GLU C 340 -11.75 -15.13 20.99
N GLU C 341 -12.07 -13.87 20.70
CA GLU C 341 -12.14 -12.86 21.74
C GLU C 341 -13.57 -12.35 21.94
N GLN C 342 -13.94 -12.18 23.19
CA GLN C 342 -15.18 -11.57 23.61
C GLN C 342 -15.07 -10.05 23.73
N GLY C 343 -13.88 -9.50 23.49
CA GLY C 343 -13.64 -8.07 23.56
C GLY C 343 -12.48 -7.66 24.43
N ARG C 344 -12.00 -8.54 25.31
CA ARG C 344 -10.89 -8.19 26.17
C ARG C 344 -9.61 -7.99 25.37
N ASP C 345 -8.79 -7.04 25.82
CA ASP C 345 -7.53 -6.77 25.13
C ASP C 345 -6.61 -7.98 25.20
N SER C 346 -5.95 -8.26 24.09
CA SER C 346 -5.07 -9.42 24.00
C SER C 346 -3.64 -9.12 24.38
N GLY C 347 -3.26 -7.85 24.44
CA GLY C 347 -1.87 -7.54 24.72
C GLY C 347 -0.97 -8.03 23.61
N PHE C 348 0.24 -8.45 24.00
CA PHE C 348 1.17 -9.00 23.03
C PHE C 348 2.13 -9.94 23.75
N VAL C 349 2.94 -10.63 22.97
CA VAL C 349 3.91 -11.60 23.47
C VAL C 349 5.29 -11.15 23.02
N MET C 350 6.23 -11.12 23.94
CA MET C 350 7.62 -10.77 23.66
C MET C 350 8.50 -11.99 23.82
N ARG C 351 9.55 -12.06 23.02
CA ARG C 351 10.55 -13.11 23.12
C ARG C 351 11.90 -12.42 23.18
N VAL C 352 12.58 -12.51 24.32
CA VAL C 352 13.91 -11.93 24.49
C VAL C 352 14.86 -13.09 24.74
N PRO C 353 16.17 -12.95 24.48
CA PRO C 353 17.08 -14.09 24.56
C PRO C 353 17.05 -14.81 25.90
N GLN C 354 16.43 -14.25 26.92
CA GLN C 354 16.37 -14.87 28.22
C GLN C 354 15.05 -15.59 28.49
N THR C 355 13.94 -15.14 27.92
CA THR C 355 12.65 -15.70 28.28
C THR C 355 11.57 -15.22 27.31
N ASN C 356 10.44 -15.91 27.37
CA ASN C 356 9.20 -15.40 26.81
C ASN C 356 8.54 -14.45 27.79
N TRP C 357 7.50 -13.75 27.33
CA TRP C 357 6.84 -12.76 28.15
C TRP C 357 5.45 -12.51 27.58
N VAL C 358 4.45 -12.50 28.45
CA VAL C 358 3.08 -12.23 28.06
C VAL C 358 2.59 -11.01 28.83
N SER C 359 2.05 -10.04 28.11
CA SER C 359 1.65 -8.78 28.71
C SER C 359 0.35 -8.86 29.51
N VAL C 360 -0.35 -9.98 29.46
CA VAL C 360 -1.62 -10.12 30.17
C VAL C 360 -1.61 -11.37 31.03
N GLY C 361 -0.43 -11.80 31.43
CA GLY C 361 -0.32 -12.83 32.45
C GLY C 361 -0.50 -14.26 31.97
N LYS C 362 -1.74 -14.64 31.67
CA LYS C 362 -2.03 -16.04 31.37
C LYS C 362 -1.40 -16.43 30.04
N PRO C 363 -0.61 -17.49 29.99
CA PRO C 363 0.04 -17.88 28.73
C PRO C 363 -0.97 -18.31 27.69
N TRP C 364 -0.59 -18.14 26.43
CA TRP C 364 -1.45 -18.54 25.33
C TRP C 364 -1.26 -20.01 25.03
N ASN C 365 -2.35 -20.71 24.77
CA ASN C 365 -2.35 -22.12 24.46
C ASN C 365 -3.08 -22.35 23.16
N ALA C 366 -2.74 -23.44 22.48
CA ALA C 366 -3.33 -23.74 21.18
C ALA C 366 -3.45 -25.24 21.02
N TYR C 367 -4.59 -25.67 20.51
CA TYR C 367 -4.80 -27.08 20.20
C TYR C 367 -5.49 -27.19 18.86
N PHE C 368 -5.56 -28.41 18.33
CA PHE C 368 -6.16 -28.65 17.03
C PHE C 368 -7.58 -29.19 17.22
N ASP C 369 -8.58 -28.35 16.94
CA ASP C 369 -9.96 -28.80 16.96
C ASP C 369 -10.25 -29.50 15.64
N GLU C 370 -10.38 -30.84 15.71
CA GLU C 370 -10.56 -31.66 14.53
C GLU C 370 -11.95 -31.50 13.95
N GLU C 371 -12.97 -31.37 14.80
CA GLU C 371 -14.33 -31.18 14.31
C GLU C 371 -14.46 -29.86 13.56
N LEU C 372 -13.84 -28.81 14.07
CA LEU C 372 -13.85 -27.52 13.39
C LEU C 372 -12.80 -27.43 12.29
N ARG C 373 -11.86 -28.36 12.24
CA ARG C 373 -10.70 -28.28 11.34
C ARG C 373 -9.95 -26.98 11.51
N GLN C 374 -9.80 -26.53 12.75
CA GLN C 374 -9.07 -25.31 13.04
C GLN C 374 -8.04 -25.54 14.12
N VAL C 375 -7.21 -24.53 14.33
CA VAL C 375 -6.32 -24.49 15.48
C VAL C 375 -6.90 -23.45 16.43
N VAL C 376 -7.49 -23.91 17.53
CA VAL C 376 -8.05 -23.02 18.53
C VAL C 376 -6.92 -22.46 19.38
N LEU C 377 -6.83 -21.15 19.43
CA LEU C 377 -5.83 -20.43 20.20
C LEU C 377 -6.55 -19.55 21.22
N GLY C 378 -6.08 -19.60 22.47
CA GLY C 378 -6.75 -18.84 23.50
C GLY C 378 -6.12 -19.09 24.85
N ARG C 379 -6.86 -18.78 25.90
CA ARG C 379 -6.37 -18.89 27.26
C ARG C 379 -6.80 -20.18 27.95
N GLN C 380 -7.35 -21.13 27.20
CA GLN C 380 -7.79 -22.37 27.79
C GLN C 380 -6.59 -23.17 28.30
N PRO C 381 -6.80 -24.04 29.29
CA PRO C 381 -5.68 -24.88 29.77
C PRO C 381 -5.15 -25.85 28.74
N ARG C 382 -5.94 -26.22 27.73
CA ARG C 382 -5.51 -27.23 26.78
C ARG C 382 -4.47 -26.64 25.83
N ASN C 383 -3.28 -27.25 25.81
CA ASN C 383 -2.18 -26.83 24.94
C ASN C 383 -1.58 -28.09 24.34
N ASP C 384 -2.14 -28.54 23.22
CA ASP C 384 -1.66 -29.74 22.54
C ASP C 384 -0.66 -29.43 21.45
N LEU C 385 -0.36 -28.16 21.20
CA LEU C 385 0.54 -27.77 20.13
C LEU C 385 1.76 -26.99 20.61
N ASN C 386 1.84 -26.64 21.89
CA ASN C 386 2.98 -25.90 22.44
C ASN C 386 3.17 -24.57 21.71
N PHE C 387 2.15 -23.71 21.86
CA PHE C 387 2.16 -22.43 21.18
C PHE C 387 3.37 -21.59 21.58
N GLN C 388 3.68 -21.55 22.87
CA GLN C 388 4.84 -20.79 23.33
C GLN C 388 6.13 -21.36 22.80
N ARG C 389 6.11 -22.61 22.33
CA ARG C 389 7.22 -23.17 21.59
C ARG C 389 7.10 -22.91 20.10
N MET C 390 5.87 -22.83 19.58
CA MET C 390 5.68 -22.56 18.15
C MET C 390 6.24 -21.20 17.77
N LEU C 391 5.98 -20.18 18.59
CA LEU C 391 6.34 -18.82 18.19
C LEU C 391 7.84 -18.65 17.94
N PRO C 392 8.76 -19.11 18.81
CA PRO C 392 10.18 -18.89 18.51
C PRO C 392 10.77 -19.87 17.51
N ARG C 393 10.20 -21.08 17.42
CA ARG C 393 10.74 -22.07 16.50
C ARG C 393 10.56 -21.62 15.05
N ILE C 394 9.39 -21.09 14.71
CA ILE C 394 9.15 -20.60 13.35
C ILE C 394 10.06 -19.42 13.06
N SER C 395 10.29 -18.57 14.07
CA SER C 395 11.19 -17.43 13.88
C SER C 395 12.61 -17.89 13.59
N VAL C 396 13.09 -18.89 14.32
CA VAL C 396 14.43 -19.41 14.09
C VAL C 396 14.53 -20.00 12.69
N PHE C 397 13.52 -20.78 12.29
CA PHE C 397 13.53 -21.33 10.94
C PHE C 397 13.55 -20.22 9.90
N LEU C 398 12.76 -19.18 10.09
CA LEU C 398 12.73 -18.09 9.12
C LEU C 398 14.07 -17.40 9.04
N LYS C 399 14.71 -17.15 10.17
CA LYS C 399 16.01 -16.49 10.16
C LYS C 399 17.03 -17.32 9.40
N GLY C 400 17.07 -18.62 9.67
CA GLY C 400 18.03 -19.46 8.97
C GLY C 400 17.76 -19.57 7.48
N ALA C 401 16.49 -19.76 7.11
CA ALA C 401 16.14 -19.89 5.69
C ALA C 401 16.44 -18.59 4.95
N THR C 402 16.18 -17.45 5.58
CA THR C 402 16.50 -16.18 4.95
C THR C 402 18.00 -15.99 4.79
N LYS C 403 18.80 -16.48 5.74
CA LYS C 403 20.24 -16.41 5.54
C LYS C 403 20.68 -17.25 4.36
N PHE C 404 20.11 -18.45 4.22
CA PHE C 404 20.42 -19.28 3.06
C PHE C 404 20.05 -18.58 1.76
N ILE C 405 18.86 -18.00 1.73
CA ILE C 405 18.41 -17.29 0.53
C ILE C 405 19.29 -16.08 0.26
N LEU C 406 19.78 -15.43 1.30
CA LEU C 406 20.68 -14.30 1.10
C LEU C 406 21.99 -14.74 0.46
N ASN C 407 22.54 -15.87 0.90
CA ASN C 407 23.73 -16.39 0.25
C ASN C 407 23.47 -16.69 -1.22
N ARG C 408 22.33 -17.33 -1.51
CA ARG C 408 22.02 -17.64 -2.90
C ARG C 408 21.82 -16.37 -3.73
N ALA C 409 21.21 -15.35 -3.13
CA ALA C 409 21.00 -14.09 -3.83
C ALA C 409 22.32 -13.39 -4.10
N ARG C 410 23.27 -13.50 -3.17
CA ARG C 410 24.59 -12.94 -3.42
C ARG C 410 25.26 -13.62 -4.60
N GLU C 411 25.17 -14.95 -4.66
CA GLU C 411 25.71 -15.67 -5.81
C GLU C 411 25.03 -15.22 -7.10
N TYR C 412 23.70 -15.08 -7.06
CA TYR C 412 22.96 -14.69 -8.25
C TYR C 412 23.34 -13.29 -8.71
N GLN C 413 23.49 -12.35 -7.78
CA GLN C 413 23.88 -11.00 -8.14
C GLN C 413 25.28 -10.97 -8.74
N VAL C 414 26.21 -11.72 -8.15
CA VAL C 414 27.56 -11.75 -8.70
C VAL C 414 27.55 -12.32 -10.11
N SER C 415 26.81 -13.40 -10.34
CA SER C 415 26.76 -14.00 -11.67
C SER C 415 26.12 -13.05 -12.67
N GLU C 416 25.04 -12.36 -12.27
CA GLU C 416 24.33 -11.48 -13.19
C GLU C 416 25.15 -10.26 -13.54
N ASN C 417 25.92 -9.72 -12.60
CA ASN C 417 26.73 -8.55 -12.89
C ASN C 417 27.85 -8.84 -13.89
N GLN C 418 28.19 -10.11 -14.12
CA GLN C 418 29.15 -10.45 -15.16
C GLN C 418 28.57 -10.20 -16.55
N LYS C 419 27.28 -10.50 -16.74
CA LYS C 419 26.65 -10.31 -18.05
C LYS C 419 26.64 -8.84 -18.45
N LEU C 420 26.40 -7.96 -17.49
CA LEU C 420 26.29 -6.53 -17.80
C LEU C 420 27.59 -6.00 -18.38
N SER C 421 27.48 -5.23 -19.46
CA SER C 421 28.66 -4.62 -20.05
C SER C 421 29.04 -3.34 -19.30
N SER C 422 28.17 -2.34 -19.34
CA SER C 422 28.42 -1.09 -18.62
C SER C 422 28.00 -1.29 -17.17
N LEU C 423 28.99 -1.37 -16.28
CA LEU C 423 28.72 -1.61 -14.85
C LEU C 423 28.30 -0.31 -14.16
N ASP C 424 27.32 0.35 -14.76
CA ASP C 424 26.71 1.54 -14.19
C ASP C 424 25.28 1.31 -13.73
N ASP C 425 24.64 0.21 -14.15
CA ASP C 425 23.31 -0.16 -13.74
C ASP C 425 23.31 -1.55 -13.12
N ALA C 426 24.35 -1.86 -12.34
CA ALA C 426 24.44 -3.14 -11.68
C ALA C 426 23.33 -3.29 -10.64
N MET C 427 22.96 -4.53 -10.38
CA MET C 427 21.94 -4.81 -9.38
C MET C 427 22.59 -4.96 -8.02
N THR C 428 21.95 -4.38 -7.01
CA THR C 428 22.45 -4.46 -5.65
C THR C 428 22.03 -5.77 -5.00
N ILE C 429 22.57 -6.03 -3.82
CA ILE C 429 22.20 -7.23 -3.09
C ILE C 429 20.72 -7.18 -2.71
N GLU C 430 20.22 -5.99 -2.39
CA GLU C 430 18.80 -5.86 -2.06
C GLU C 430 17.93 -6.21 -3.27
N ASP C 431 18.31 -5.77 -4.46
CA ASP C 431 17.57 -6.12 -5.66
C ASP C 431 17.59 -7.62 -5.90
N ALA C 432 18.74 -8.26 -5.71
CA ALA C 432 18.82 -9.70 -5.90
C ALA C 432 17.93 -10.43 -4.91
N CYS C 433 17.95 -10.01 -3.63
CA CYS C 433 17.10 -10.66 -2.64
C CYS C 433 15.62 -10.47 -2.97
N PHE C 434 15.23 -9.26 -3.37
CA PHE C 434 13.84 -9.02 -3.70
C PHE C 434 13.41 -9.83 -4.92
N SER C 435 14.30 -9.94 -5.91
CA SER C 435 13.99 -10.75 -7.09
C SER C 435 13.84 -12.22 -6.72
N ILE C 436 14.70 -12.73 -5.85
CA ILE C 436 14.59 -14.12 -5.42
C ILE C 436 13.27 -14.34 -4.69
N TYR C 437 12.93 -13.42 -3.78
CA TYR C 437 11.70 -13.58 -3.02
C TYR C 437 10.47 -13.48 -3.91
N ALA C 438 10.48 -12.57 -4.87
CA ALA C 438 9.36 -12.46 -5.81
C ALA C 438 9.23 -13.71 -6.66
N ALA C 439 10.36 -14.26 -7.11
CA ALA C 439 10.31 -15.49 -7.91
C ALA C 439 9.76 -16.65 -7.11
N LEU C 440 9.97 -16.65 -5.79
CA LEU C 440 9.42 -17.68 -4.93
C LEU C 440 7.93 -17.50 -4.69
N GLY C 441 7.35 -16.39 -5.13
CA GLY C 441 5.93 -16.15 -4.98
C GLY C 441 5.53 -15.35 -3.77
N LEU C 442 6.48 -14.73 -3.06
CA LEU C 442 6.19 -13.95 -1.88
C LEU C 442 5.73 -12.55 -2.25
N SER C 443 4.94 -11.95 -1.38
CA SER C 443 4.49 -10.58 -1.58
C SER C 443 5.65 -9.61 -1.34
N LYS C 444 5.42 -8.35 -1.69
CA LYS C 444 6.44 -7.33 -1.46
C LYS C 444 6.66 -7.11 0.03
N SER C 445 5.59 -7.07 0.81
CA SER C 445 5.74 -6.91 2.26
C SER C 445 6.42 -8.12 2.88
N GLN C 446 6.07 -9.32 2.42
CA GLN C 446 6.73 -10.52 2.92
C GLN C 446 8.20 -10.53 2.54
N ALA C 447 8.52 -10.06 1.33
CA ALA C 447 9.92 -9.94 0.95
C ALA C 447 10.66 -8.95 1.84
N LYS C 448 10.03 -7.82 2.16
CA LYS C 448 10.67 -6.85 3.04
C LYS C 448 10.93 -7.43 4.41
N ILE C 449 9.95 -8.11 4.99
CA ILE C 449 10.15 -8.61 6.35
C ILE C 449 11.15 -9.77 6.36
N LEU C 450 11.16 -10.60 5.32
CA LEU C 450 12.12 -11.70 5.30
C LEU C 450 13.53 -11.19 5.08
N PHE C 451 13.69 -10.17 4.26
CA PHE C 451 15.00 -9.59 4.01
C PHE C 451 15.55 -8.84 5.22
N SER C 452 14.69 -8.30 6.07
CA SER C 452 15.13 -7.54 7.23
C SER C 452 15.53 -8.42 8.40
N LEU C 453 15.31 -9.73 8.31
CA LEU C 453 15.76 -10.63 9.36
C LEU C 453 17.28 -10.68 9.45
N GLY C 454 17.98 -10.31 8.39
CA GLY C 454 19.40 -10.06 8.40
C GLY C 454 19.75 -9.37 7.10
N HIS C 455 20.38 -8.22 7.19
CA HIS C 455 20.61 -7.36 6.03
C HIS C 455 22.02 -7.64 5.54
N ASP C 456 22.12 -8.41 4.47
CA ASP C 456 23.33 -8.71 3.69
C ASP C 456 24.55 -9.01 4.55
N PHE C 457 24.36 -9.48 5.78
CA PHE C 457 25.47 -9.82 6.67
C PHE C 457 25.70 -11.33 6.60
N SER C 458 26.80 -11.76 5.99
CA SER C 458 27.03 -13.21 5.79
C SER C 458 28.44 -13.58 6.19
N SER C 459 29.11 -12.68 6.88
CA SER C 459 30.49 -12.85 7.35
C SER C 459 31.60 -12.96 6.28
N PRO C 460 32.84 -13.16 6.73
CA PRO C 460 33.98 -13.27 5.82
C PRO C 460 34.16 -14.75 5.48
N THR C 461 35.37 -15.11 5.09
CA THR C 461 35.67 -16.49 4.71
C THR C 461 36.61 -17.29 5.61
N LYS C 462 36.04 -17.91 6.64
CA LYS C 462 36.78 -18.69 7.64
C LYS C 462 37.94 -17.85 8.12
N VAL C 463 37.70 -16.55 8.08
CA VAL C 463 38.67 -15.50 8.43
C VAL C 463 40.05 -15.81 7.88
N LYS C 464 40.09 -16.67 6.85
CA LYS C 464 41.35 -17.11 6.28
C LYS C 464 42.33 -17.57 7.35
N THR C 465 41.79 -18.18 8.40
CA THR C 465 42.57 -18.69 9.54
C THR C 465 43.44 -17.59 10.15
N THR C 466 42.79 -16.46 10.45
CA THR C 466 43.51 -15.33 11.03
C THR C 466 43.07 -15.07 12.46
N TYR C 467 41.79 -14.77 12.64
CA TYR C 467 41.25 -14.40 13.95
C TYR C 467 39.86 -14.99 14.08
N HIS C 468 39.55 -15.53 15.25
CA HIS C 468 38.28 -16.18 15.51
C HIS C 468 37.36 -15.20 16.21
N ALA C 469 36.35 -14.72 15.51
CA ALA C 469 35.38 -13.80 16.08
C ALA C 469 34.40 -14.59 16.94
N HIS C 470 34.42 -14.35 18.23
CA HIS C 470 33.59 -15.06 19.19
C HIS C 470 32.93 -14.06 20.12
N SER C 471 31.77 -14.43 20.65
CA SER C 471 31.07 -13.55 21.57
C SER C 471 30.06 -14.36 22.37
N GLY C 472 29.93 -14.04 23.65
CA GLY C 472 28.93 -14.64 24.51
C GLY C 472 27.72 -13.77 24.75
N ARG C 473 27.58 -12.66 24.04
CA ARG C 473 26.44 -11.75 24.22
C ARG C 473 25.27 -12.27 23.39
N ARG C 474 24.22 -12.72 24.07
CA ARG C 474 23.12 -13.39 23.37
C ARG C 474 22.20 -12.40 22.66
N PHE C 475 22.05 -11.18 23.17
CA PHE C 475 21.12 -10.26 22.54
C PHE C 475 21.65 -9.76 21.21
N GLN C 476 22.96 -9.59 21.09
CA GLN C 476 23.54 -9.21 19.81
C GLN C 476 23.37 -10.31 18.77
N GLN C 477 23.27 -11.55 19.21
CA GLN C 477 23.21 -12.67 18.29
C GLN C 477 21.79 -13.13 17.99
N ARG C 478 20.82 -12.84 18.85
CA ARG C 478 19.45 -13.28 18.64
C ARG C 478 18.44 -12.16 18.57
N GLY C 479 18.77 -10.96 19.03
CA GLY C 479 17.79 -9.89 18.97
C GLY C 479 16.60 -10.19 19.85
N LEU C 480 15.44 -9.70 19.43
CA LEU C 480 14.21 -10.00 20.13
C LEU C 480 13.05 -9.94 19.14
N SER C 481 11.91 -10.48 19.55
CA SER C 481 10.74 -10.53 18.69
C SER C 481 9.49 -10.19 19.46
N LEU C 482 8.50 -9.66 18.74
CA LEU C 482 7.23 -9.23 19.29
C LEU C 482 6.12 -9.82 18.44
N PHE C 483 5.02 -10.22 19.09
CA PHE C 483 3.91 -10.83 18.38
C PHE C 483 2.60 -10.31 18.94
N GLN C 484 1.71 -9.88 18.06
CA GLN C 484 0.40 -9.39 18.46
C GLN C 484 -0.67 -10.11 17.64
N PHE C 485 -1.75 -10.51 18.31
CA PHE C 485 -2.83 -11.24 17.67
C PHE C 485 -3.97 -10.29 17.34
N THR C 486 -4.41 -10.32 16.09
CA THR C 486 -5.38 -9.37 15.57
C THR C 486 -6.55 -10.12 14.94
N ASN C 487 -7.76 -9.72 15.30
CA ASN C 487 -8.99 -10.23 14.71
C ASN C 487 -9.68 -9.11 13.95
N ASP C 488 -10.05 -9.37 12.71
CA ASP C 488 -10.73 -8.38 11.89
C ASP C 488 -11.93 -9.03 11.21
N PRO C 489 -13.04 -8.29 11.05
CA PRO C 489 -14.20 -8.88 10.37
C PRO C 489 -13.95 -9.22 8.92
N GLN C 490 -12.94 -8.64 8.27
CA GLN C 490 -12.67 -8.95 6.88
C GLN C 490 -11.76 -10.16 6.69
N HIS C 491 -11.21 -10.71 7.76
CA HIS C 491 -10.60 -12.04 7.76
C HIS C 491 -11.12 -12.82 8.94
N ASP C 492 -12.46 -12.88 9.02
CA ASP C 492 -13.17 -13.40 10.18
C ASP C 492 -12.82 -14.85 10.49
N LEU C 493 -12.29 -15.59 9.53
CA LEU C 493 -12.04 -17.01 9.72
C LEU C 493 -10.73 -17.33 10.41
N GLN C 494 -9.80 -16.39 10.52
CA GLN C 494 -8.55 -16.69 11.20
C GLN C 494 -8.06 -15.47 11.94
N THR C 495 -7.11 -15.70 12.84
CA THR C 495 -6.48 -14.66 13.64
C THR C 495 -5.08 -14.41 13.11
N LYS C 496 -4.75 -13.15 12.86
CA LYS C 496 -3.44 -12.82 12.32
C LYS C 496 -2.44 -12.65 13.45
N ILE C 497 -1.30 -13.31 13.32
CA ILE C 497 -0.22 -13.20 14.29
C ILE C 497 0.82 -12.29 13.67
N ASN C 498 0.70 -10.99 13.94
CA ASN C 498 1.63 -10.00 13.41
C ASN C 498 2.94 -10.09 14.18
N ALA C 499 4.04 -10.24 13.45
CA ALA C 499 5.35 -10.42 14.04
C ALA C 499 6.22 -9.19 13.76
N CYS C 500 7.16 -8.95 14.67
CA CYS C 500 8.01 -7.77 14.61
C CYS C 500 9.37 -8.17 15.16
N PHE C 501 10.38 -8.25 14.30
CA PHE C 501 11.69 -8.73 14.71
C PHE C 501 12.70 -7.59 14.75
N PHE C 502 13.47 -7.53 15.82
CA PHE C 502 14.58 -6.60 15.95
C PHE C 502 15.86 -7.41 16.06
N ASN C 503 16.73 -7.26 15.07
CA ASN C 503 17.96 -8.03 15.05
C ASN C 503 19.19 -7.14 14.87
N GLU C 504 19.02 -6.02 14.17
CA GLU C 504 20.18 -5.19 13.83
C GLU C 504 20.40 -4.14 14.90
N THR C 505 21.17 -4.50 15.91
CA THR C 505 21.63 -3.52 16.87
C THR C 505 22.69 -2.64 16.20
N PRO C 506 22.93 -1.45 16.75
CA PRO C 506 23.95 -0.58 16.14
C PRO C 506 25.31 -1.22 16.01
N GLU C 507 25.68 -2.11 16.94
CA GLU C 507 26.95 -2.81 16.82
C GLU C 507 26.97 -3.70 15.59
N ARG C 508 25.86 -4.40 15.33
CA ARG C 508 25.79 -5.24 14.13
C ARG C 508 25.80 -4.39 12.87
N TYR C 509 25.13 -3.24 12.89
CA TYR C 509 25.19 -2.34 11.75
C TYR C 509 26.61 -1.87 11.50
N LEU C 510 27.34 -1.54 12.56
CA LEU C 510 28.72 -1.09 12.39
C LEU C 510 29.59 -2.21 11.86
N LEU C 511 29.42 -3.43 12.35
CA LEU C 511 30.19 -4.56 11.83
C LEU C 511 29.89 -4.80 10.35
N ASN C 512 28.61 -4.74 9.99
CA ASN C 512 28.23 -4.91 8.59
C ASN C 512 28.83 -3.81 7.71
N LEU C 513 28.84 -2.58 8.23
CA LEU C 513 29.49 -1.50 7.49
C LEU C 513 30.98 -1.76 7.35
N LEU C 514 31.62 -2.26 8.40
CA LEU C 514 33.03 -2.60 8.34
C LEU C 514 33.31 -3.76 7.39
N SER C 515 32.29 -4.53 7.02
CA SER C 515 32.50 -5.56 6.00
C SER C 515 32.79 -4.98 4.63
N LYS C 516 32.59 -3.68 4.42
CA LYS C 516 32.80 -3.10 3.10
C LYS C 516 33.47 -1.72 3.10
N ALA C 517 33.87 -1.19 4.25
CA ALA C 517 34.47 0.13 4.28
C ALA C 517 35.26 0.31 5.57
N ASN C 518 36.30 1.13 5.50
CA ASN C 518 37.02 1.52 6.70
C ASN C 518 36.25 2.59 7.45
N VAL C 519 36.34 2.55 8.78
CA VAL C 519 35.63 3.49 9.64
C VAL C 519 36.63 4.12 10.58
N LEU C 520 36.56 5.44 10.70
CA LEU C 520 37.39 6.20 11.63
C LEU C 520 36.48 6.94 12.59
N GLY C 521 36.60 6.64 13.87
CA GLY C 521 35.72 7.24 14.86
C GLY C 521 36.42 8.27 15.72
N LEU C 522 35.85 9.46 15.81
CA LEU C 522 36.49 10.59 16.47
C LEU C 522 35.53 11.18 17.50
N SER C 523 36.02 11.33 18.74
CA SER C 523 35.36 12.14 19.76
C SER C 523 36.26 12.12 20.99
N ALA C 524 35.93 12.99 21.95
CA ALA C 524 36.62 13.00 23.22
C ALA C 524 36.16 11.89 24.14
N THR C 525 35.05 11.23 23.81
CA THR C 525 34.48 10.16 24.60
C THR C 525 34.23 8.93 23.75
N ALA C 526 35.15 8.66 22.82
CA ALA C 526 34.94 7.57 21.87
C ALA C 526 35.04 6.21 22.53
N THR C 527 35.77 6.11 23.65
CA THR C 527 35.99 4.83 24.30
C THR C 527 35.58 4.85 25.76
N LEU C 528 34.56 5.61 26.12
CA LEU C 528 34.02 5.51 27.46
C LEU C 528 33.30 4.18 27.61
N PRO C 529 33.56 3.43 28.68
CA PRO C 529 32.89 2.15 28.83
C PRO C 529 31.43 2.33 29.23
N THR C 530 30.55 2.17 28.24
CA THR C 530 29.11 2.30 28.45
C THR C 530 28.41 1.72 27.24
N VAL C 531 27.30 1.04 27.48
CA VAL C 531 26.52 0.41 26.42
C VAL C 531 25.22 1.13 26.17
N LEU C 532 24.96 2.23 26.85
CA LEU C 532 23.76 3.02 26.67
C LEU C 532 23.97 4.17 25.69
N ASP C 533 25.05 4.92 25.84
CA ASP C 533 25.34 6.05 24.97
C ASP C 533 26.66 5.85 24.23
N ASN C 534 27.03 4.60 23.99
CA ASN C 534 28.22 4.25 23.23
C ASN C 534 28.06 2.80 22.79
N TYR C 535 28.76 2.45 21.72
CA TYR C 535 28.74 1.07 21.25
C TYR C 535 29.26 0.13 22.34
N ASP C 536 28.88 -1.13 22.24
CA ASP C 536 29.42 -2.13 23.14
C ASP C 536 30.85 -2.44 22.72
N LEU C 537 31.81 -1.64 23.19
CA LEU C 537 33.20 -1.83 22.76
C LEU C 537 33.72 -3.21 23.12
N GLY C 538 33.19 -3.83 24.17
CA GLY C 538 33.55 -5.21 24.46
C GLY C 538 33.15 -6.13 23.33
N TYR C 539 31.91 -5.99 22.86
CA TYR C 539 31.44 -6.81 21.74
C TYR C 539 32.21 -6.49 20.47
N LEU C 540 32.47 -5.20 20.22
CA LEU C 540 33.19 -4.81 19.02
C LEU C 540 34.60 -5.38 19.01
N ARG C 541 35.30 -5.32 20.15
CA ARG C 541 36.64 -5.88 20.18
C ARG C 541 36.59 -7.40 20.09
N GLU C 542 35.58 -8.04 20.70
CA GLU C 542 35.44 -9.49 20.58
C GLU C 542 35.29 -9.91 19.13
N MET C 543 34.48 -9.19 18.37
CA MET C 543 34.19 -9.56 17.00
C MET C 543 35.18 -9.01 15.99
N LEU C 544 36.05 -8.07 16.39
CA LEU C 544 36.99 -7.46 15.47
C LEU C 544 38.43 -7.89 15.69
N GLY C 545 38.90 -7.93 16.94
CA GLY C 545 40.27 -8.31 17.21
C GLY C 545 41.27 -7.30 16.70
N PRO C 546 42.17 -7.75 15.83
CA PRO C 546 43.17 -6.84 15.28
C PRO C 546 42.59 -5.71 14.44
N ARG C 547 41.36 -5.87 13.96
CA ARG C 547 40.75 -4.86 13.10
C ARG C 547 40.22 -3.67 13.87
N LEU C 548 40.27 -3.69 15.20
CA LEU C 548 39.91 -2.54 16.04
C LEU C 548 41.22 -1.85 16.41
N LEU C 549 41.61 -0.87 15.59
CA LEU C 549 42.86 -0.17 15.81
C LEU C 549 42.67 0.98 16.79
N ASP C 550 43.79 1.58 17.19
CA ASP C 550 43.81 2.71 18.10
C ASP C 550 44.49 3.89 17.42
N GLY C 551 43.89 5.07 17.54
CA GLY C 551 44.42 6.24 16.87
C GLY C 551 45.66 6.82 17.53
N VAL C 552 45.76 6.74 18.86
CA VAL C 552 46.86 7.36 19.57
C VAL C 552 48.21 6.75 19.21
N HIS C 553 48.23 5.62 18.51
CA HIS C 553 49.49 5.06 18.05
C HIS C 553 50.09 5.87 16.91
N TYR C 554 49.35 6.83 16.35
CA TYR C 554 49.80 7.61 15.21
C TYR C 554 49.95 9.09 15.56
N LEU C 555 50.30 9.38 16.81
CA LEU C 555 50.54 10.74 17.26
C LEU C 555 51.89 10.81 17.96
N SER C 556 52.56 11.95 17.82
CA SER C 556 53.81 12.17 18.52
C SER C 556 53.55 12.45 20.00
N ASP C 557 54.44 11.96 20.85
CA ASP C 557 54.25 12.05 22.29
C ASP C 557 54.12 13.48 22.79
N THR C 558 54.61 14.45 22.02
CA THR C 558 54.43 15.85 22.39
C THR C 558 52.94 16.19 22.46
N THR C 559 52.15 15.67 21.52
CA THR C 559 50.72 15.94 21.55
C THR C 559 50.06 15.36 22.79
N ILE C 560 50.43 14.13 23.17
CA ILE C 560 49.86 13.51 24.36
C ILE C 560 50.25 14.29 25.61
N LYS C 561 51.52 14.72 25.69
CA LYS C 561 51.91 15.56 26.82
C LYS C 561 51.17 16.90 26.81
N GLU C 562 50.82 17.40 25.62
CA GLU C 562 50.03 18.60 25.52
C GLU C 562 48.59 18.39 25.97
N PHE C 563 48.10 17.15 25.88
CA PHE C 563 46.74 16.88 26.33
C PHE C 563 46.57 17.18 27.81
N ASP C 564 47.65 17.09 28.60
CA ASP C 564 47.57 17.39 30.02
C ASP C 564 47.29 18.86 30.26
N PHE C 565 46.53 19.14 31.32
CA PHE C 565 46.15 20.51 31.65
C PHE C 565 46.37 20.89 33.11
N GLU C 566 46.58 19.92 34.00
CA GLU C 566 46.72 20.24 35.43
C GLU C 566 48.02 20.99 35.72
N SER C 567 49.00 20.95 34.82
CA SER C 567 50.23 21.70 35.01
C SER C 567 50.12 23.11 34.43
N ARG C 568 49.57 23.23 33.23
CA ARG C 568 49.42 24.55 32.61
C ARG C 568 48.44 25.42 33.39
N TYR C 569 47.37 24.83 33.93
CA TYR C 569 46.45 25.59 34.75
C TYR C 569 47.14 26.13 36.01
N ALA C 570 47.94 25.29 36.65
CA ALA C 570 48.65 25.73 37.85
C ALA C 570 49.67 26.81 37.54
N LYS C 571 50.38 26.67 36.41
CA LYS C 571 51.41 27.64 36.07
C LYS C 571 50.85 29.03 35.85
N GLN C 572 49.60 29.13 35.41
CA GLN C 572 48.94 30.41 35.20
C GLN C 572 48.00 30.77 36.34
N LYS C 573 47.98 29.98 37.41
CA LYS C 573 47.15 30.24 38.58
C LYS C 573 45.66 30.35 38.21
N ILE C 574 45.21 29.47 37.33
CA ILE C 574 43.79 29.36 37.03
C ILE C 574 43.14 28.45 38.07
N GLU C 575 42.11 28.97 38.73
CA GLU C 575 41.46 28.26 39.83
C GLU C 575 40.02 27.96 39.46
N VAL C 576 39.63 26.70 39.61
CA VAL C 576 38.27 26.24 39.30
C VAL C 576 37.54 25.99 40.61
N LYS C 577 36.34 26.55 40.73
CA LYS C 577 35.55 26.49 41.95
C LYS C 577 34.22 25.80 41.62
N VAL C 578 33.97 24.68 42.26
CA VAL C 578 32.73 23.95 42.09
C VAL C 578 31.74 24.40 43.17
N GLU C 579 30.55 24.79 42.74
CA GLU C 579 29.51 25.26 43.65
C GLU C 579 28.28 24.37 43.47
N THR C 580 27.98 23.58 44.49
CA THR C 580 26.83 22.69 44.47
C THR C 580 25.65 23.38 45.15
N GLY C 581 24.46 23.16 44.57
CA GLY C 581 23.29 23.85 45.05
C GLY C 581 22.41 23.00 45.95
N ILE C 582 22.50 23.24 47.26
CA ILE C 582 21.64 22.55 48.23
C ILE C 582 20.42 23.45 48.41
N VAL C 583 19.46 23.31 47.49
CA VAL C 583 18.25 24.12 47.46
C VAL C 583 17.07 23.19 47.32
N ASP C 584 16.05 23.36 48.17
CA ASP C 584 14.88 22.49 48.11
C ASP C 584 13.58 23.23 47.83
N ARG C 585 13.24 24.26 48.60
CA ARG C 585 11.85 24.67 48.52
C ARG C 585 11.62 26.14 48.17
N PHE C 586 12.38 27.06 48.77
CA PHE C 586 12.04 28.47 48.67
C PHE C 586 13.30 29.32 48.48
N PHE C 587 13.09 30.51 47.93
CA PHE C 587 14.13 31.26 47.24
C PHE C 587 15.13 31.95 48.16
N SER C 588 14.85 32.04 49.46
CA SER C 588 15.82 32.68 50.35
C SER C 588 17.11 31.88 50.42
N GLU C 589 17.06 30.60 50.04
CA GLU C 589 18.24 29.75 50.10
C GLU C 589 19.22 30.03 48.98
N ILE C 590 18.77 30.66 47.90
CA ILE C 590 19.65 30.98 46.79
C ILE C 590 20.11 32.43 46.81
N LEU C 591 19.33 33.34 47.38
CA LEU C 591 19.74 34.73 47.48
C LEU C 591 20.97 34.83 48.38
N PRO C 592 21.87 35.78 48.11
CA PRO C 592 23.06 35.90 48.95
C PRO C 592 22.72 36.36 50.35
N LYS C 593 22.79 35.44 51.32
CA LYS C 593 22.37 35.73 52.67
C LYS C 593 23.33 36.65 53.42
N ASN C 594 24.33 37.20 52.74
CA ASN C 594 25.17 38.21 53.37
C ASN C 594 24.33 39.45 53.69
N ASN C 595 24.76 40.21 54.70
CA ASN C 595 23.92 41.26 55.25
C ASN C 595 23.84 42.49 54.36
N GLN C 596 23.27 42.33 53.18
CA GLN C 596 22.81 43.44 52.35
C GLN C 596 21.32 43.30 52.07
N LYS C 597 20.58 42.89 53.09
CA LYS C 597 19.16 42.59 52.98
C LYS C 597 18.40 43.75 52.35
N ILE C 598 17.67 43.44 51.28
CA ILE C 598 16.91 44.47 50.59
C ILE C 598 15.50 44.56 51.14
N ASP C 599 14.76 43.45 51.08
CA ASP C 599 13.39 43.41 51.58
C ASP C 599 13.01 41.97 51.87
N ASN C 600 12.26 41.78 52.96
CA ASN C 600 11.71 40.48 53.32
C ASN C 600 10.32 40.28 52.76
N LYS C 601 9.96 41.00 51.70
CA LYS C 601 8.64 40.86 51.10
C LYS C 601 8.75 40.55 49.61
N LYS C 602 9.66 41.24 48.90
CA LYS C 602 9.74 41.06 47.46
C LYS C 602 10.09 39.63 47.09
N ILE C 603 11.04 39.03 47.80
CA ILE C 603 11.32 37.62 47.59
C ILE C 603 10.13 36.74 47.97
N TRP C 604 9.24 37.24 48.84
CA TRP C 604 8.07 36.45 49.19
C TRP C 604 7.06 36.39 48.04
N GLU C 605 6.82 37.51 47.36
CA GLU C 605 5.97 37.35 46.17
C GLU C 605 6.72 36.67 45.05
N LEU C 606 8.06 36.69 45.05
CA LEU C 606 8.80 35.85 44.11
C LEU C 606 8.50 34.38 44.34
N ASP C 607 8.53 33.95 45.61
CA ASP C 607 8.15 32.59 45.96
C ASP C 607 6.69 32.31 45.59
N ALA C 608 5.82 33.31 45.78
CA ALA C 608 4.42 33.16 45.39
C ALA C 608 4.28 32.94 43.90
N GLU C 609 5.04 33.70 43.10
CA GLU C 609 5.02 33.53 41.65
C GLU C 609 5.48 32.13 41.26
N LEU C 610 6.56 31.67 41.90
CA LEU C 610 7.07 30.32 41.60
C LEU C 610 6.03 29.26 41.94
N ALA C 611 5.41 29.38 43.11
CA ALA C 611 4.40 28.39 43.51
C ALA C 611 3.19 28.43 42.59
N LYS C 612 2.77 29.64 42.18
CA LYS C 612 1.66 29.76 41.25
C LYS C 612 1.99 29.10 39.92
N LEU C 613 3.20 29.31 39.42
CA LEU C 613 3.59 28.70 38.15
C LEU C 613 3.63 27.18 38.25
N VAL C 614 4.21 26.66 39.33
CA VAL C 614 4.29 25.21 39.49
C VAL C 614 2.90 24.61 39.63
N ASN C 615 2.01 25.27 40.37
CA ASN C 615 0.69 24.71 40.63
C ASN C 615 -0.13 24.60 39.36
N CYS C 616 0.11 25.47 38.39
CA CYS C 616 -0.67 25.49 37.16
C CYS C 616 -0.24 24.41 36.16
N ILE C 617 0.56 23.45 36.58
CA ILE C 617 1.05 22.40 35.68
C ILE C 617 -0.02 21.32 35.57
N PRO C 618 -0.42 21.03 34.33
CA PRO C 618 -1.45 20.02 34.08
C PRO C 618 -1.02 18.64 34.59
N ASP C 626 3.16 16.86 39.31
CA ASP C 626 3.70 16.19 40.49
C ASP C 626 4.18 17.21 41.53
N LYS C 627 4.82 18.27 41.04
CA LYS C 627 5.26 19.40 41.86
C LYS C 627 6.36 19.00 42.83
N LYS C 628 6.83 19.96 43.63
CA LYS C 628 7.83 19.74 44.67
C LYS C 628 9.19 19.37 44.08
N TYR C 629 9.23 19.16 42.78
CA TYR C 629 10.46 18.85 42.06
C TYR C 629 10.78 19.90 41.01
N PHE C 630 9.77 20.39 40.29
CA PHE C 630 9.99 21.48 39.35
C PHE C 630 10.48 22.73 40.08
N ALA C 631 10.06 22.89 41.33
CA ALA C 631 10.55 24.01 42.13
C ALA C 631 12.05 23.93 42.33
N ARG C 632 12.58 22.73 42.60
CA ARG C 632 14.02 22.60 42.75
C ARG C 632 14.76 22.92 41.47
N ARG C 633 14.24 22.50 40.32
CA ARG C 633 14.89 22.81 39.05
C ARG C 633 14.91 24.31 38.83
N TYR C 634 13.76 24.97 39.00
CA TYR C 634 13.70 26.41 38.82
C TYR C 634 14.67 27.11 39.77
N LEU C 635 14.71 26.67 41.03
CA LEU C 635 15.55 27.33 42.01
C LEU C 635 17.03 27.12 41.73
N ASN C 636 17.40 25.93 41.24
CA ASN C 636 18.79 25.71 40.85
C ASN C 636 19.20 26.62 39.71
N LEU C 637 18.33 26.75 38.69
CA LEU C 637 18.66 27.64 37.59
C LEU C 637 18.77 29.08 38.05
N PHE C 638 17.85 29.51 38.92
CA PHE C 638 17.86 30.88 39.42
C PHE C 638 19.09 31.12 40.27
N ASN C 639 19.50 30.13 41.06
CA ASN C 639 20.75 30.23 41.82
C ASN C 639 21.94 30.37 40.90
N SER C 640 21.95 29.61 39.80
CA SER C 640 23.05 29.71 38.85
C SER C 640 23.18 31.13 38.31
N PHE C 641 22.08 31.71 37.83
CA PHE C 641 22.32 33.04 37.31
C PHE C 641 22.29 34.14 38.37
N VAL C 642 21.95 33.84 39.62
CA VAL C 642 22.30 34.74 40.71
C VAL C 642 23.82 34.80 40.86
N ILE C 643 24.46 33.64 40.88
CA ILE C 643 25.92 33.59 40.93
C ILE C 643 26.52 34.33 39.75
N PHE C 644 25.89 34.16 38.58
CA PHE C 644 26.34 34.91 37.40
C PHE C 644 26.18 36.41 37.59
N LEU C 645 25.06 36.85 38.18
CA LEU C 645 24.77 38.27 38.33
C LEU C 645 25.56 38.92 39.44
N THR C 646 26.23 38.16 40.30
CA THR C 646 26.94 38.78 41.41
C THR C 646 28.45 38.64 41.28
N ASP C 647 28.97 38.86 40.08
CA ASP C 647 30.42 38.77 39.90
C ASP C 647 30.90 39.77 38.86
N PRO C 648 31.80 40.70 39.24
CA PRO C 648 32.41 41.58 38.23
C PRO C 648 33.43 40.81 37.39
N SER C 649 33.01 39.67 36.89
CA SER C 649 33.78 38.79 36.04
C SER C 649 32.78 37.91 35.30
N MET C 650 33.25 36.83 34.69
CA MET C 650 32.37 35.86 34.05
C MET C 650 31.56 36.53 32.95
N THR C 651 32.29 37.12 31.99
CA THR C 651 31.66 37.81 30.88
C THR C 651 30.76 36.90 30.06
N SER C 652 31.05 35.60 30.04
CA SER C 652 30.24 34.65 29.29
C SER C 652 29.91 33.48 30.20
N PHE C 653 28.63 33.17 30.31
CA PHE C 653 28.17 32.06 31.13
C PHE C 653 27.22 31.21 30.32
N LEU C 654 27.35 29.89 30.46
CA LEU C 654 26.49 28.95 29.74
C LEU C 654 25.76 28.06 30.73
N GLY C 655 24.44 28.02 30.62
CA GLY C 655 23.65 27.15 31.47
C GLY C 655 22.94 26.08 30.68
N LEU C 656 23.34 24.83 30.86
CA LEU C 656 22.81 23.72 30.09
C LEU C 656 21.89 22.89 30.97
N GLN C 657 20.71 22.58 30.44
CA GLN C 657 19.79 21.66 31.07
C GLN C 657 19.48 20.54 30.09
N SER C 658 18.61 19.63 30.51
CA SER C 658 18.13 18.57 29.64
C SER C 658 16.79 18.89 29.01
N LEU C 659 16.28 20.10 29.23
CA LEU C 659 14.98 20.51 28.73
C LEU C 659 15.11 21.91 28.13
N LEU C 660 14.46 22.12 26.99
CA LEU C 660 14.48 23.46 26.42
C LEU C 660 13.30 24.28 26.96
N PRO C 661 13.53 25.56 27.28
CA PRO C 661 12.42 26.41 27.70
C PRO C 661 11.38 26.53 26.60
N GLY C 662 10.11 26.52 27.00
CA GLY C 662 9.03 26.58 26.04
C GLY C 662 7.79 27.24 26.58
N ALA C 663 6.63 26.61 26.34
CA ALA C 663 5.35 27.13 26.81
C ALA C 663 4.83 26.45 28.06
N ASP C 664 5.25 25.21 28.33
CA ASP C 664 4.73 24.48 29.46
C ASP C 664 5.26 25.07 30.77
N GLY C 665 4.54 24.79 31.85
CA GLY C 665 4.91 25.32 33.15
C GLY C 665 6.11 24.65 33.77
N ARG C 666 6.46 23.44 33.32
CA ARG C 666 7.60 22.74 33.88
C ARG C 666 8.91 23.45 33.59
N MET C 667 9.01 24.09 32.43
CA MET C 667 10.12 24.99 32.12
C MET C 667 9.54 26.09 31.24
N ASP C 668 9.19 27.22 31.86
CA ASP C 668 8.43 28.27 31.20
C ASP C 668 9.39 29.39 30.78
N GLU C 669 9.37 29.72 29.49
CA GLU C 669 10.40 30.61 28.94
C GLU C 669 10.28 32.03 29.50
N ASN C 670 9.15 32.69 29.24
CA ASN C 670 9.01 34.09 29.63
C ASN C 670 9.01 34.24 31.14
N TYR C 671 8.59 33.21 31.88
CA TYR C 671 8.76 33.25 33.32
C TYR C 671 10.23 33.32 33.71
N ILE C 672 11.07 32.52 33.04
CA ILE C 672 12.50 32.57 33.30
C ILE C 672 13.05 33.95 32.96
N LYS C 673 12.62 34.51 31.83
CA LYS C 673 13.10 35.82 31.43
C LYS C 673 12.75 36.89 32.47
N GLU C 674 11.49 36.92 32.89
CA GLU C 674 11.08 37.93 33.87
C GLU C 674 11.74 37.70 35.22
N THR C 675 11.95 36.44 35.61
CA THR C 675 12.67 36.16 36.85
C THR C 675 14.09 36.68 36.77
N PHE C 676 14.75 36.48 35.62
CA PHE C 676 16.10 37.00 35.45
C PHE C 676 16.13 38.51 35.56
N THR C 677 15.17 39.19 34.92
CA THR C 677 15.15 40.65 34.98
C THR C 677 14.92 41.14 36.40
N THR C 678 13.98 40.52 37.11
CA THR C 678 13.72 40.92 38.49
C THR C 678 14.93 40.70 39.37
N LEU C 679 15.62 39.57 39.19
CA LEU C 679 16.82 39.33 39.98
C LEU C 679 17.93 40.31 39.62
N LYS C 680 18.01 40.70 38.35
CA LYS C 680 19.03 41.65 37.94
C LYS C 680 18.80 43.01 38.58
N ASP C 681 17.55 43.47 38.61
CA ASP C 681 17.28 44.74 39.28
C ASP C 681 17.13 44.58 40.78
N LEU C 682 17.20 43.36 41.30
CA LEU C 682 17.08 43.11 42.73
C LEU C 682 18.43 42.80 43.38
N VAL C 683 19.32 42.14 42.66
CA VAL C 683 20.67 41.85 43.14
C VAL C 683 21.68 42.42 42.14
N GLY C 684 22.68 43.12 42.65
CA GLY C 684 23.73 43.65 41.81
C GLY C 684 23.47 45.09 41.39
N GLY C 685 24.16 46.03 42.02
CA GLY C 685 23.99 47.42 41.67
C GLY C 685 24.67 47.77 40.38
N GLN C 686 26.00 47.64 40.36
CA GLN C 686 26.78 47.87 39.15
C GLN C 686 27.27 46.59 38.51
N ASP C 687 27.12 45.45 39.17
CA ASP C 687 27.56 44.18 38.61
C ASP C 687 26.60 43.66 37.55
N GLY C 688 25.30 43.89 37.73
CA GLY C 688 24.31 43.29 36.85
C GLY C 688 23.82 44.19 35.73
N VAL C 689 24.14 45.48 35.79
CA VAL C 689 23.65 46.40 34.77
C VAL C 689 24.22 46.06 33.40
N ASN C 690 25.42 45.49 33.36
CA ASN C 690 26.10 45.14 32.11
C ASN C 690 25.79 43.73 31.66
N THR C 691 24.65 43.17 32.06
CA THR C 691 24.34 41.77 31.81
C THR C 691 23.11 41.63 30.94
N GLU C 692 22.95 40.43 30.38
CA GLU C 692 21.81 40.12 29.52
C GLU C 692 21.63 38.61 29.52
N LEU C 693 20.46 38.17 29.07
CA LEU C 693 20.12 36.76 29.01
C LEU C 693 19.67 36.40 27.61
N ARG C 694 20.22 35.30 27.07
CA ARG C 694 19.82 34.79 25.77
C ARG C 694 19.48 33.31 25.91
N ILE C 695 18.39 32.90 25.27
CA ILE C 695 17.95 31.52 25.28
C ILE C 695 18.18 30.96 23.88
N VAL C 696 19.25 30.19 23.72
CA VAL C 696 19.60 29.60 22.44
C VAL C 696 18.80 28.30 22.30
N SER C 697 17.88 28.26 21.34
CA SER C 697 16.95 27.15 21.23
C SER C 697 16.62 26.91 19.76
N SER C 698 16.12 25.71 19.49
CA SER C 698 15.62 25.38 18.17
C SER C 698 14.21 25.87 17.92
N ARG C 699 13.52 26.35 18.96
CA ARG C 699 12.17 26.89 18.80
C ARG C 699 12.18 28.29 18.21
N ASN C 700 13.32 28.98 18.22
CA ASN C 700 13.38 30.32 17.66
C ASN C 700 13.34 30.28 16.14
N GLN C 701 13.11 31.44 15.55
CA GLN C 701 12.91 31.55 14.11
C GLN C 701 14.21 31.77 13.34
N GLU C 702 15.35 31.39 13.91
CA GLU C 702 16.62 31.48 13.21
C GLU C 702 17.53 30.37 13.69
N GLY C 703 18.54 30.06 12.88
CA GLY C 703 19.43 28.97 13.20
C GLY C 703 20.24 29.22 14.45
N ILE C 704 20.66 28.12 15.08
CA ILE C 704 21.41 28.21 16.32
C ILE C 704 22.72 28.96 16.10
N GLN C 705 23.28 28.90 14.90
CA GLN C 705 24.55 29.55 14.63
C GLN C 705 24.46 31.06 14.85
N GLU C 706 23.44 31.71 14.27
CA GLU C 706 23.34 33.15 14.44
C GLU C 706 22.90 33.53 15.85
N GLN C 707 22.07 32.70 16.50
CA GLN C 707 21.73 32.96 17.89
C GLN C 707 22.98 33.01 18.75
N LEU C 708 23.83 31.99 18.64
CA LEU C 708 25.07 31.96 19.38
C LEU C 708 25.97 33.11 18.99
N SER C 709 26.03 33.43 17.70
CA SER C 709 26.92 34.48 17.23
C SER C 709 26.52 35.83 17.81
N GLU C 710 25.23 36.14 17.82
CA GLU C 710 24.81 37.43 18.36
C GLU C 710 24.90 37.46 19.88
N ALA C 711 24.63 36.33 20.54
CA ALA C 711 24.77 36.28 21.99
C ALA C 711 26.22 36.53 22.40
N LEU C 712 27.18 35.99 21.64
CA LEU C 712 28.58 36.20 21.96
C LEU C 712 29.10 37.54 21.44
N ASN C 713 28.47 38.10 20.40
CA ASN C 713 28.83 39.45 19.98
C ASN C 713 28.39 40.49 20.99
N LEU C 714 27.35 40.18 21.76
CA LEU C 714 26.98 41.06 22.86
C LEU C 714 28.12 41.23 23.86
N VAL C 715 29.03 40.27 23.92
CA VAL C 715 30.17 40.34 24.82
C VAL C 715 31.43 40.83 24.12
N SER C 716 31.70 40.30 22.92
CA SER C 716 32.91 40.69 22.20
C SER C 716 32.87 42.15 21.78
N GLN C 717 31.72 42.64 21.34
CA GLN C 717 31.59 44.01 20.87
C GLN C 717 30.65 44.86 21.71
N GLY C 718 29.55 44.30 22.21
CA GLY C 718 28.58 45.07 22.95
C GLY C 718 29.00 45.45 24.36
N GLY C 719 30.11 44.92 24.84
CA GLY C 719 30.59 45.25 26.17
C GLY C 719 29.72 44.77 27.29
N LYS C 720 28.90 43.75 27.05
CA LYS C 720 27.98 43.23 28.05
C LYS C 720 28.46 41.87 28.54
N ARG C 721 27.67 41.27 29.42
CA ARG C 721 27.93 39.93 29.96
C ARG C 721 26.69 39.09 29.70
N VAL C 722 26.82 38.10 28.85
CA VAL C 722 25.65 37.32 28.42
C VAL C 722 25.57 36.06 29.24
N TYR C 723 24.34 35.63 29.51
CA TYR C 723 24.04 34.31 30.06
C TYR C 723 23.33 33.54 28.96
N ILE C 724 24.00 32.53 28.41
CA ILE C 724 23.43 31.70 27.37
C ILE C 724 22.82 30.47 28.01
N LEU C 725 21.52 30.28 27.84
CA LEU C 725 20.81 29.14 28.39
C LEU C 725 20.29 28.26 27.25
N SER C 726 20.57 26.96 27.33
CA SER C 726 20.14 26.04 26.30
C SER C 726 20.10 24.64 26.89
N ALA C 727 19.87 23.66 26.02
CA ALA C 727 19.75 22.27 26.42
C ALA C 727 21.02 21.49 26.06
N TYR C 728 21.17 20.33 26.71
CA TYR C 728 22.31 19.47 26.40
C TYR C 728 22.26 18.98 24.96
N GLN C 729 21.06 18.62 24.49
CA GLN C 729 20.92 18.06 23.16
C GLN C 729 21.06 19.10 22.05
N THR C 730 21.10 20.38 22.39
CA THR C 730 21.17 21.42 21.36
C THR C 730 22.62 21.84 21.08
N ILE C 731 23.32 22.33 22.09
CA ILE C 731 24.67 22.82 21.88
C ILE C 731 25.62 22.18 22.88
N GLY C 732 25.25 21.00 23.39
CA GLY C 732 26.12 20.33 24.34
C GLY C 732 27.28 19.59 23.73
N ILE C 733 27.25 19.33 22.43
CA ILE C 733 28.25 18.50 21.77
C ILE C 733 28.84 19.27 20.60
N GLY C 734 30.17 19.43 20.61
CA GLY C 734 30.89 19.93 19.46
C GLY C 734 30.50 21.31 19.01
N GLN C 735 30.15 22.21 19.92
CA GLN C 735 29.75 23.56 19.57
C GLN C 735 30.79 24.56 20.08
N ASN C 736 31.06 25.57 19.27
CA ASN C 736 32.02 26.61 19.61
C ASN C 736 31.30 27.73 20.36
N LEU C 737 31.77 28.04 21.56
CA LEU C 737 31.16 29.07 22.39
C LEU C 737 32.14 30.16 22.81
N GLN C 738 33.39 30.10 22.35
CA GLN C 738 34.33 31.16 22.65
C GLN C 738 33.97 32.42 21.86
N HIS C 739 34.60 33.53 22.23
CA HIS C 739 34.36 34.79 21.55
C HIS C 739 35.64 35.61 21.55
N GLU C 740 35.69 36.59 20.65
CA GLU C 740 36.81 37.51 20.62
C GLU C 740 36.86 38.30 21.91
N MET C 741 38.06 38.46 22.45
CA MET C 741 38.19 39.17 23.72
C MET C 741 37.84 40.64 23.55
N ASN C 742 37.62 41.30 24.68
CA ASN C 742 37.55 42.74 24.75
C ASN C 742 38.65 43.26 25.66
N GLU C 743 38.66 44.57 25.90
CA GLU C 743 39.71 45.16 26.72
C GLU C 743 39.70 44.60 28.14
N PHE C 744 38.50 44.40 28.70
CA PHE C 744 38.39 43.85 30.05
C PHE C 744 38.97 42.44 30.10
N GLU C 745 38.56 41.59 29.17
CA GLU C 745 39.10 40.24 29.12
C GLU C 745 40.58 40.23 28.77
N ARG C 746 41.03 41.18 27.95
CA ARG C 746 42.45 41.25 27.63
C ARG C 746 43.28 41.55 28.87
N GLU C 747 42.83 42.50 29.69
CA GLU C 747 43.58 42.87 30.87
C GLU C 747 43.27 41.98 32.07
N GLN C 748 42.31 41.07 31.95
CA GLN C 748 41.92 40.22 33.07
C GLN C 748 42.27 38.75 32.89
N ALA C 749 42.25 38.23 31.67
CA ALA C 749 42.40 36.81 31.44
C ALA C 749 43.85 36.37 31.51
N ALA C 750 44.05 35.06 31.49
CA ALA C 750 45.37 34.44 31.47
C ALA C 750 45.48 33.54 30.26
N ASN C 751 46.71 33.34 29.79
CA ASN C 751 46.97 32.57 28.59
C ASN C 751 47.72 31.29 28.93
N ILE C 752 47.29 30.17 28.34
CA ILE C 752 47.89 28.87 28.61
C ILE C 752 48.41 28.22 27.33
N ALA C 753 48.65 28.99 26.28
CA ALA C 753 49.08 28.42 25.02
C ALA C 753 50.43 27.75 25.18
N PRO C 754 50.62 26.55 24.65
CA PRO C 754 51.90 25.87 24.79
C PRO C 754 53.00 26.59 24.05
N LYS C 755 54.24 26.39 24.52
CA LYS C 755 55.39 27.01 23.88
C LYS C 755 55.64 26.34 22.54
N GLY C 756 55.52 27.11 21.46
CA GLY C 756 55.68 26.57 20.13
C GLY C 756 54.43 26.68 19.29
N VAL C 757 53.61 27.70 19.57
CA VAL C 757 52.36 27.91 18.86
C VAL C 757 52.44 29.27 18.15
N SER C 758 51.79 29.34 16.99
CA SER C 758 51.81 30.55 16.18
C SER C 758 50.88 31.60 16.77
N LYS C 759 51.09 32.85 16.35
CA LYS C 759 50.22 33.95 16.74
C LYS C 759 49.01 34.09 15.82
N SER C 760 49.01 33.43 14.67
CA SER C 760 47.89 33.50 13.75
C SER C 760 46.78 32.53 14.12
N ASP C 761 46.97 31.70 15.13
CA ASP C 761 45.93 30.78 15.56
C ASP C 761 44.77 31.57 16.16
N ARG C 762 43.55 31.14 15.83
CA ARG C 762 42.37 31.81 16.37
C ARG C 762 42.25 31.61 17.87
N ARG C 763 42.75 30.49 18.38
CA ARG C 763 42.68 30.21 19.81
C ARG C 763 43.50 31.19 20.64
N GLN C 764 44.40 31.94 20.02
CA GLN C 764 45.17 32.96 20.72
C GLN C 764 44.47 34.31 20.77
N HIS C 765 43.39 34.49 20.03
CA HIS C 765 42.66 35.75 20.01
C HIS C 765 41.28 35.66 20.64
N THR C 766 40.87 34.49 21.10
CA THR C 766 39.56 34.31 21.71
C THR C 766 39.71 33.91 23.17
N ILE C 767 38.60 33.95 23.89
CA ILE C 767 38.57 33.58 25.30
C ILE C 767 37.41 32.63 25.53
N ASP C 768 37.64 31.62 26.35
CA ASP C 768 36.61 30.62 26.57
C ASP C 768 35.58 31.07 27.58
N LEU C 769 34.54 30.28 27.77
CA LEU C 769 33.53 30.60 28.77
C LEU C 769 34.17 30.69 30.15
N ALA C 770 33.64 31.58 30.97
CA ALA C 770 34.13 31.76 32.33
C ALA C 770 33.26 31.08 33.36
N GLY C 771 32.19 30.41 32.96
CA GLY C 771 31.31 29.76 33.91
C GLY C 771 30.21 28.94 33.29
N MET C 772 29.89 27.81 33.90
CA MET C 772 28.90 26.90 33.36
C MET C 772 28.01 26.36 34.47
N TYR C 773 26.72 26.32 34.19
CA TYR C 773 25.74 25.68 35.05
C TYR C 773 25.36 24.34 34.42
N LEU C 774 25.57 23.27 35.16
CA LEU C 774 25.34 21.91 34.68
C LEU C 774 24.03 21.39 35.27
N GLY C 775 22.96 21.43 34.49
CA GLY C 775 21.71 20.87 34.93
C GLY C 775 21.76 19.35 34.95
N GLU C 776 20.71 18.77 35.49
CA GLU C 776 20.64 17.32 35.59
C GLU C 776 20.46 16.68 34.22
N VAL C 777 21.23 15.63 33.95
CA VAL C 777 21.08 14.84 32.73
C VAL C 777 20.03 13.78 33.03
N THR C 778 18.92 13.83 32.29
CA THR C 778 17.69 13.22 32.79
C THR C 778 17.28 11.92 32.11
N HIS C 779 17.57 11.72 30.83
CA HIS C 779 16.94 10.64 30.08
C HIS C 779 17.94 9.57 29.71
N ILE C 780 18.78 9.16 30.66
CA ILE C 780 19.75 8.09 30.40
C ILE C 780 19.03 6.78 30.13
N LEU C 781 18.06 6.43 30.97
CA LEU C 781 17.26 5.23 30.82
C LEU C 781 15.79 5.61 30.69
N SER C 782 15.05 4.83 29.93
CA SER C 782 13.65 5.13 29.69
C SER C 782 12.85 5.12 30.96
N SER C 783 11.71 5.78 30.94
CA SER C 783 10.85 5.83 32.10
C SER C 783 9.40 5.77 31.66
N ASN C 784 9.18 5.69 30.36
CA ASN C 784 7.83 5.60 29.85
C ASN C 784 7.12 4.49 30.57
N LEU C 785 5.86 4.69 30.95
CA LEU C 785 5.17 3.69 31.76
C LEU C 785 4.20 2.78 31.01
N PRO C 786 3.29 3.35 30.21
CA PRO C 786 2.42 2.40 29.52
C PRO C 786 3.21 1.57 28.53
N PHE C 787 3.51 0.32 28.85
CA PHE C 787 4.34 -0.50 27.97
C PHE C 787 3.58 -1.12 26.82
N ARG C 788 3.61 -0.52 25.65
CA ARG C 788 2.95 -1.03 24.46
C ARG C 788 4.01 -1.34 23.41
N MET C 789 3.57 -1.94 22.32
CA MET C 789 4.48 -2.35 21.24
C MET C 789 4.72 -1.15 20.33
N ASP C 790 5.55 -0.24 20.82
CA ASP C 790 5.88 0.97 20.08
C ASP C 790 7.35 1.30 20.32
N ALA C 791 7.78 2.49 19.89
CA ALA C 791 9.19 2.84 19.94
C ALA C 791 9.70 2.92 21.37
N ALA C 792 8.93 3.53 22.27
CA ALA C 792 9.39 3.69 23.64
C ALA C 792 9.56 2.36 24.34
N GLY C 793 8.60 1.45 24.15
CA GLY C 793 8.71 0.14 24.79
C GLY C 793 9.88 -0.66 24.27
N LEU C 794 10.09 -0.65 22.95
CA LEU C 794 11.26 -1.31 22.39
C LEU C 794 12.54 -0.70 22.93
N ARG C 795 12.60 0.63 23.05
CA ARG C 795 13.80 1.25 23.56
C ARG C 795 14.06 0.82 25.00
N SER C 796 13.01 0.68 25.79
CA SER C 796 13.16 0.26 27.15
C SER C 796 13.70 -1.15 27.24
N ILE C 797 13.07 -2.06 26.51
CA ILE C 797 13.48 -3.46 26.55
C ILE C 797 14.91 -3.60 26.04
N ILE C 798 15.25 -2.87 24.98
CA ILE C 798 16.58 -2.97 24.39
C ILE C 798 17.63 -2.41 25.34
N GLU C 799 17.31 -1.35 26.07
CA GLU C 799 18.24 -0.84 27.07
C GLU C 799 18.49 -1.88 28.15
N GLN C 800 17.44 -2.54 28.61
CA GLN C 800 17.64 -3.58 29.63
C GLN C 800 18.46 -4.74 29.08
N GLU C 801 18.21 -5.13 27.82
CA GLU C 801 18.99 -6.20 27.22
C GLU C 801 20.46 -5.80 27.08
N TYR C 802 20.73 -4.55 26.72
CA TYR C 802 22.10 -4.07 26.67
C TYR C 802 22.76 -4.14 28.04
N LEU C 803 22.04 -3.74 29.08
CA LEU C 803 22.59 -3.82 30.42
C LEU C 803 22.89 -5.25 30.81
N PHE C 804 22.00 -6.19 30.44
CA PHE C 804 22.24 -7.59 30.73
C PHE C 804 23.47 -8.11 29.99
N ASP C 805 23.63 -7.73 28.72
CA ASP C 805 24.76 -8.22 27.94
C ASP C 805 26.07 -7.76 28.53
N ALA C 806 26.14 -6.53 29.01
CA ALA C 806 27.36 -5.98 29.58
C ALA C 806 27.57 -6.39 31.02
N ASN C 807 26.85 -7.41 31.50
CA ASN C 807 26.99 -7.91 32.87
C ASN C 807 26.82 -6.81 33.90
N GLU C 808 25.75 -6.03 33.74
CA GLU C 808 25.43 -4.97 34.68
C GLU C 808 24.12 -5.19 35.43
N ILE C 809 23.25 -6.05 34.93
CA ILE C 809 22.09 -6.52 35.68
C ILE C 809 22.00 -8.03 35.52
N ASN C 810 21.58 -8.71 36.57
CA ASN C 810 21.44 -10.15 36.56
C ASN C 810 20.02 -10.54 36.17
N ILE C 811 19.79 -11.85 36.04
CA ILE C 811 18.47 -12.32 35.62
C ILE C 811 17.42 -11.97 36.66
N LYS C 812 17.82 -11.85 37.93
CA LYS C 812 16.87 -11.46 38.96
C LYS C 812 16.31 -10.08 38.71
N TYR C 813 17.19 -9.12 38.41
CA TYR C 813 16.71 -7.76 38.16
C TYR C 813 15.90 -7.67 36.88
N LEU C 814 16.31 -8.40 35.84
CA LEU C 814 15.54 -8.40 34.60
C LEU C 814 14.16 -8.99 34.80
N ASN C 815 14.07 -10.08 35.57
CA ASN C 815 12.75 -10.66 35.86
C ASN C 815 11.90 -9.71 36.66
N LYS C 816 12.49 -9.02 37.65
CA LYS C 816 11.74 -8.05 38.42
C LYS C 816 11.24 -6.91 37.53
N TYR C 817 12.08 -6.44 36.61
CA TYR C 817 11.70 -5.37 35.72
C TYR C 817 10.58 -5.79 34.79
N LEU C 818 10.65 -7.01 34.27
CA LEU C 818 9.58 -7.50 33.39
C LEU C 818 8.28 -7.67 34.15
N LYS C 819 8.34 -8.18 35.38
CA LYS C 819 7.14 -8.31 36.19
C LYS C 819 6.54 -6.94 36.49
N GLY C 820 7.38 -5.95 36.76
CA GLY C 820 6.88 -4.60 36.94
C GLY C 820 6.22 -4.06 35.68
N LEU C 821 6.81 -4.34 34.52
CA LEU C 821 6.22 -3.91 33.27
C LEU C 821 4.86 -4.56 33.03
N GLN C 822 4.69 -5.80 33.48
CA GLN C 822 3.38 -6.45 33.36
C GLN C 822 2.30 -5.72 34.15
N HIS C 823 2.68 -4.95 35.17
CA HIS C 823 1.71 -4.30 36.05
C HIS C 823 1.72 -2.77 35.91
N GLN C 824 2.56 -2.22 35.04
CA GLN C 824 2.78 -0.77 34.97
C GLN C 824 3.32 -0.23 36.30
N ARG C 825 4.31 -0.91 36.85
CA ARG C 825 4.90 -0.52 38.12
C ARG C 825 6.38 -0.65 37.95
N LEU C 826 6.95 0.18 37.11
CA LEU C 826 8.37 0.12 36.75
C LEU C 826 9.26 0.28 37.98
N GLU C 827 10.37 -0.45 37.98
CA GLU C 827 11.26 -0.52 39.13
C GLU C 827 12.25 0.64 39.12
N ARG C 828 12.98 0.77 40.22
CA ARG C 828 14.05 1.76 40.30
C ARG C 828 15.18 1.37 39.36
N HIS C 829 15.96 2.37 38.94
CA HIS C 829 17.11 2.09 38.10
C HIS C 829 18.13 1.27 38.89
N PRO C 830 18.88 0.40 38.22
CA PRO C 830 19.89 -0.39 38.92
C PRO C 830 20.92 0.51 39.58
N GLU C 831 21.28 0.15 40.82
CA GLU C 831 22.14 1.02 41.61
C GLU C 831 23.59 0.97 41.17
N TYR C 832 24.07 -0.20 40.75
CA TYR C 832 25.48 -0.39 40.43
C TYR C 832 25.68 -0.81 38.99
N ALA C 833 24.89 -0.23 38.09
CA ALA C 833 25.09 -0.40 36.66
C ALA C 833 26.05 0.69 36.19
N ARG C 834 27.27 0.28 35.84
CA ARG C 834 28.31 1.23 35.48
C ARG C 834 27.89 2.12 34.32
N SER C 835 27.13 1.56 33.38
CA SER C 835 26.83 2.27 32.15
C SER C 835 26.01 3.54 32.40
N LEU C 836 25.09 3.47 33.36
CA LEU C 836 24.27 4.64 33.67
C LEU C 836 25.15 5.82 34.11
N TYR C 837 26.02 5.58 35.08
CA TYR C 837 26.89 6.64 35.58
C TYR C 837 27.88 7.09 34.52
N VAL C 838 28.38 6.17 33.70
CA VAL C 838 29.32 6.57 32.66
C VAL C 838 28.64 7.42 31.60
N SER C 839 27.39 7.12 31.28
CA SER C 839 26.66 7.95 30.32
C SER C 839 26.37 9.33 30.90
N TYR C 840 26.00 9.40 32.18
CA TYR C 840 25.83 10.69 32.83
C TYR C 840 27.13 11.49 32.75
N SER C 841 28.24 10.84 33.08
CA SER C 841 29.55 11.46 33.01
C SER C 841 29.89 11.87 31.59
N ARG C 842 29.45 11.10 30.59
CA ARG C 842 29.75 11.43 29.22
C ARG C 842 29.06 12.73 28.82
N THR C 843 27.78 12.86 29.18
CA THR C 843 27.09 14.12 28.90
C THR C 843 27.75 15.28 29.62
N ILE C 844 28.16 15.06 30.87
CA ILE C 844 28.82 16.14 31.63
C ILE C 844 30.15 16.51 31.00
N ILE C 845 30.92 15.52 30.55
CA ILE C 845 32.21 15.77 29.92
C ILE C 845 32.04 16.55 28.63
N GLN C 846 31.06 16.15 27.81
CA GLN C 846 30.81 16.88 26.57
C GLN C 846 30.40 18.31 26.88
N ALA C 847 29.58 18.51 27.91
CA ALA C 847 29.17 19.87 28.27
C ALA C 847 30.38 20.69 28.70
N LEU C 848 31.22 20.13 29.56
CA LEU C 848 32.38 20.88 30.05
C LEU C 848 33.42 21.10 28.98
N GLY C 849 33.38 20.33 27.89
CA GLY C 849 34.30 20.60 26.80
C GLY C 849 33.95 21.83 25.99
N ARG C 850 32.75 22.40 26.18
CA ARG C 850 32.37 23.60 25.44
C ARG C 850 33.06 24.85 25.95
N MET C 851 33.74 24.78 27.08
CA MET C 851 34.52 25.90 27.59
C MET C 851 36.01 25.64 27.53
N ASN C 852 36.46 24.83 26.58
CA ASN C 852 37.87 24.52 26.39
C ASN C 852 38.26 24.62 24.93
N ARG C 853 37.84 25.70 24.27
CA ARG C 853 38.11 25.89 22.86
C ARG C 853 38.98 27.14 22.62
N SER C 854 39.80 27.51 23.59
CA SER C 854 40.61 28.71 23.46
C SER C 854 41.82 28.62 24.39
N PHE C 855 42.78 29.51 24.15
CA PHE C 855 43.98 29.58 24.97
C PHE C 855 43.89 30.64 26.06
N ASN C 856 42.98 31.59 25.96
CA ASN C 856 42.81 32.60 26.98
C ASN C 856 41.63 32.21 27.87
N LYS C 857 41.88 32.16 29.18
CA LYS C 857 40.88 31.78 30.15
C LYS C 857 40.88 32.77 31.29
N MET C 858 39.71 32.99 31.88
CA MET C 858 39.61 33.89 33.02
C MET C 858 40.32 33.26 34.22
N PRO C 859 40.94 34.07 35.08
CA PRO C 859 41.74 33.50 36.17
C PRO C 859 40.95 32.63 37.12
N LEU C 860 39.65 32.87 37.28
CA LEU C 860 38.82 32.07 38.17
C LEU C 860 37.58 31.60 37.42
N ILE C 861 37.34 30.30 37.43
CA ILE C 861 36.22 29.69 36.74
C ILE C 861 35.28 29.10 37.79
N ARG C 862 33.98 29.20 37.55
CA ARG C 862 32.97 28.75 38.49
C ARG C 862 32.01 27.79 37.80
N LEU C 863 31.92 26.58 38.32
CA LEU C 863 30.99 25.57 37.80
C LEU C 863 29.90 25.34 38.82
N VAL C 864 28.65 25.65 38.45
CA VAL C 864 27.52 25.56 39.35
C VAL C 864 26.64 24.40 38.92
N MET C 865 26.32 23.52 39.86
CA MET C 865 25.43 22.41 39.53
C MET C 865 24.69 21.98 40.79
N PRO C 866 23.57 21.30 40.64
CA PRO C 866 22.90 20.70 41.80
C PRO C 866 23.68 19.50 42.33
N VAL C 867 23.26 19.03 43.51
CA VAL C 867 23.96 17.94 44.16
C VAL C 867 23.83 16.65 43.39
N ASN C 868 22.73 16.47 42.65
CA ASN C 868 22.51 15.23 41.93
C ASN C 868 23.60 14.99 40.90
N VAL C 869 24.06 16.04 40.23
CA VAL C 869 25.15 15.91 39.28
C VAL C 869 26.41 15.42 39.97
N LEU C 870 26.69 15.93 41.16
CA LEU C 870 27.83 15.43 41.93
C LEU C 870 27.65 13.95 42.25
N GLN C 871 26.44 13.55 42.62
CA GLN C 871 26.21 12.18 43.03
C GLN C 871 26.26 11.21 41.85
N MET C 872 25.98 11.67 40.63
CA MET C 872 25.85 10.77 39.49
C MET C 872 27.15 10.58 38.72
N VAL C 873 28.02 11.59 38.67
CA VAL C 873 29.25 11.44 37.90
C VAL C 873 30.19 10.46 38.57
N THR C 874 31.12 9.92 37.79
CA THR C 874 32.06 8.93 38.27
C THR C 874 33.28 8.91 37.37
N ASP C 875 34.29 8.16 37.79
CA ASP C 875 35.49 7.92 36.99
C ASP C 875 35.79 6.42 37.08
N SER C 876 35.14 5.64 36.22
CA SER C 876 35.33 4.20 36.18
C SER C 876 35.51 3.82 34.73
N GLY C 877 36.76 3.61 34.32
CA GLY C 877 37.07 3.42 32.93
C GLY C 877 37.28 4.71 32.16
N ILE C 878 37.10 5.86 32.81
CA ILE C 878 37.36 7.15 32.19
C ILE C 878 38.76 7.59 32.56
N ASP C 879 39.61 7.77 31.55
CA ASP C 879 40.97 8.25 31.81
C ASP C 879 40.92 9.73 32.15
N VAL C 880 40.89 10.05 33.45
CA VAL C 880 40.80 11.44 33.86
C VAL C 880 42.07 12.20 33.56
N GLU C 881 43.18 11.50 33.32
CA GLU C 881 44.44 12.18 33.05
C GLU C 881 44.35 13.00 31.77
N LYS C 882 43.71 12.46 30.73
CA LYS C 882 43.55 13.15 29.46
C LYS C 882 42.16 13.77 29.33
N THR C 883 41.59 14.22 30.43
CA THR C 883 40.32 14.93 30.45
C THR C 883 40.56 16.37 30.89
N SER C 884 39.57 17.22 30.65
CA SER C 884 39.68 18.63 30.99
C SER C 884 39.85 18.82 32.49
N GLN C 885 40.57 19.88 32.85
CA GLN C 885 40.79 20.20 34.26
C GLN C 885 39.48 20.47 34.98
N GLU C 886 38.50 21.04 34.29
CA GLU C 886 37.22 21.31 34.92
C GLU C 886 36.56 20.03 35.41
N TYR C 887 36.60 18.98 34.59
CA TYR C 887 36.00 17.71 35.01
C TYR C 887 36.77 17.09 36.17
N ARG C 888 38.09 17.23 36.18
CA ARG C 888 38.88 16.70 37.30
C ARG C 888 38.53 17.41 38.59
N CYS C 889 38.39 18.73 38.55
CA CYS C 889 37.99 19.47 39.74
C CYS C 889 36.58 19.08 40.17
N LEU C 890 35.69 18.86 39.21
CA LEU C 890 34.35 18.38 39.52
C LEU C 890 34.39 17.02 40.21
N LEU C 891 35.28 16.14 39.75
CA LEU C 891 35.41 14.83 40.39
C LEU C 891 35.96 14.94 41.80
N THR C 892 36.95 15.80 42.00
CA THR C 892 37.48 16.00 43.35
C THR C 892 36.42 16.59 44.26
N ALA C 893 35.50 17.37 43.71
CA ALA C 893 34.36 17.84 44.49
C ALA C 893 33.34 16.74 44.77
N ALA C 894 33.16 15.81 43.84
CA ALA C 894 32.15 14.76 43.95
C ALA C 894 32.69 13.48 44.57
N LYS C 895 33.94 13.51 45.04
CA LYS C 895 34.56 12.33 45.62
C LYS C 895 33.79 11.74 46.79
N ASP C 896 32.93 12.53 47.45
CA ASP C 896 32.21 12.03 48.61
C ASP C 896 31.19 10.95 48.28
N TRP C 897 30.87 10.73 47.00
CA TRP C 897 29.87 9.73 46.62
C TRP C 897 30.40 8.70 45.64
N GLU C 898 31.72 8.51 45.57
CA GLU C 898 32.27 7.58 44.59
C GLU C 898 31.85 6.15 44.90
N ARG C 899 31.49 5.41 43.85
CA ARG C 899 31.01 4.05 43.98
C ARG C 899 32.07 3.05 43.57
N ASP C 900 31.84 1.80 43.95
CA ASP C 900 32.68 0.67 43.52
C ASP C 900 31.86 -0.16 42.55
N PHE C 901 32.28 -0.18 41.30
CA PHE C 901 31.58 -0.94 40.27
C PHE C 901 32.24 -2.28 39.96
N GLU C 902 33.51 -2.45 40.30
CA GLU C 902 34.22 -3.66 39.91
C GLU C 902 33.64 -4.90 40.57
N LYS C 903 33.33 -4.82 41.86
CA LYS C 903 32.80 -5.99 42.56
C LYS C 903 31.44 -6.40 42.03
N PRO C 904 30.38 -5.58 42.12
CA PRO C 904 29.08 -6.05 41.63
C PRO C 904 29.13 -6.47 40.17
N SER C 905 29.97 -5.81 39.38
CA SER C 905 30.13 -6.24 38.00
C SER C 905 30.72 -7.64 37.92
N ALA C 906 31.67 -7.96 38.80
CA ALA C 906 32.26 -9.30 38.77
C ALA C 906 31.24 -10.37 39.14
N GLU C 907 30.52 -10.18 40.23
CA GLU C 907 29.52 -11.19 40.58
C GLU C 907 28.40 -11.27 39.55
N ILE C 908 27.99 -10.13 38.98
CA ILE C 908 26.96 -10.19 37.95
C ILE C 908 27.47 -10.90 36.71
N ALA C 909 28.75 -10.73 36.38
CA ALA C 909 29.31 -11.46 35.25
C ALA C 909 29.29 -12.95 35.50
N LYS C 910 29.64 -13.37 36.72
CA LYS C 910 29.58 -14.80 37.03
C LYS C 910 28.16 -15.33 36.92
N GLN C 911 27.19 -14.59 37.48
CA GLN C 911 25.79 -15.03 37.44
C GLN C 911 25.28 -15.10 36.00
N ASN C 912 25.62 -14.11 35.18
CA ASN C 912 25.14 -14.09 33.81
C ASN C 912 25.78 -15.19 32.98
N ALA C 913 27.07 -15.46 33.19
CA ALA C 913 27.71 -16.56 32.48
C ALA C 913 27.06 -17.90 32.86
N THR C 914 26.79 -18.09 34.15
CA THR C 914 26.12 -19.33 34.57
C THR C 914 24.73 -19.44 33.95
N PHE C 915 23.98 -18.34 33.95
CA PHE C 915 22.63 -18.36 33.39
C PHE C 915 22.67 -18.66 31.90
N ASN C 916 23.62 -18.08 31.17
CA ASN C 916 23.73 -18.34 29.74
C ASN C 916 24.10 -19.79 29.47
N THR C 917 25.02 -20.34 30.26
CA THR C 917 25.35 -21.75 30.08
C THR C 917 24.13 -22.63 30.33
N PHE C 918 23.35 -22.31 31.35
CA PHE C 918 22.18 -23.11 31.66
C PHE C 918 21.15 -23.01 30.54
N ARG C 919 20.95 -21.82 29.99
CA ARG C 919 20.02 -21.67 28.87
C ARG C 919 20.50 -22.45 27.64
N ASP C 920 21.81 -22.39 27.38
CA ASP C 920 22.36 -23.14 26.25
C ASP C 920 22.09 -24.62 26.40
N TYR C 921 22.28 -25.16 27.61
CA TYR C 921 22.06 -26.59 27.80
C TYR C 921 20.58 -26.95 27.76
N ARG C 922 19.72 -26.07 28.28
CA ARG C 922 18.28 -26.30 28.16
C ARG C 922 17.86 -26.39 26.71
N PHE C 923 18.40 -25.51 25.86
CA PHE C 923 18.14 -25.63 24.43
C PHE C 923 18.70 -26.93 23.86
N VAL C 924 19.95 -27.25 24.19
CA VAL C 924 20.63 -28.30 23.45
C VAL C 924 20.02 -29.66 23.76
N LEU C 925 19.50 -29.87 24.97
CA LEU C 925 18.83 -31.14 25.24
C LEU C 925 17.59 -31.30 24.36
N ALA C 926 16.75 -30.27 24.33
CA ALA C 926 15.50 -30.34 23.57
C ALA C 926 15.79 -30.50 22.07
N TYR C 927 16.84 -29.86 21.58
CA TYR C 927 17.17 -30.03 20.16
C TYR C 927 17.84 -31.37 19.88
N LEU C 928 18.72 -31.81 20.76
CA LEU C 928 19.39 -33.11 20.63
C LEU C 928 18.39 -34.24 20.60
N GLN C 929 17.20 -34.02 21.17
CA GLN C 929 16.08 -34.93 20.95
C GLN C 929 15.98 -35.41 19.50
N THR C 930 16.16 -34.50 18.55
CA THR C 930 15.96 -34.79 17.13
C THR C 930 17.10 -34.23 16.29
N SER C 931 18.34 -34.55 16.67
CA SER C 931 19.49 -34.12 15.89
C SER C 931 20.61 -35.15 16.02
N LYS C 932 21.63 -34.99 15.17
CA LYS C 932 22.77 -35.91 15.18
C LYS C 932 24.10 -35.23 15.42
N SER C 933 24.35 -34.08 14.78
CA SER C 933 25.64 -33.41 14.95
C SER C 933 25.72 -32.73 16.31
N TRP C 934 24.64 -32.06 16.73
CA TRP C 934 24.66 -31.37 18.00
C TRP C 934 24.92 -32.33 19.15
N ALA C 935 24.64 -33.62 18.96
CA ALA C 935 25.15 -34.62 19.88
C ALA C 935 26.67 -34.59 19.93
N GLN C 936 27.31 -34.45 18.76
CA GLN C 936 28.76 -34.38 18.72
C GLN C 936 29.27 -33.13 19.41
N ILE C 937 28.60 -31.99 19.21
CA ILE C 937 29.00 -30.76 19.90
C ILE C 937 28.87 -30.91 21.41
N TYR C 938 27.75 -31.49 21.86
CA TYR C 938 27.53 -31.68 23.29
C TYR C 938 28.57 -32.61 23.90
N HIS C 939 28.87 -33.71 23.19
CA HIS C 939 29.93 -34.62 23.61
C HIS C 939 31.27 -33.90 23.72
N ASP C 940 31.60 -33.10 22.70
CA ASP C 940 32.88 -32.40 22.69
C ASP C 940 32.97 -31.41 23.84
N THR C 941 31.88 -30.69 24.12
CA THR C 941 31.90 -29.72 25.22
C THR C 941 32.07 -30.42 26.57
N ARG C 942 31.34 -31.52 26.79
CA ARG C 942 31.48 -32.21 28.07
C ARG C 942 32.89 -32.76 28.25
N TRP C 943 33.46 -33.33 27.19
CA TRP C 943 34.81 -33.85 27.32
C TRP C 943 35.81 -32.72 27.49
N PHE C 944 35.54 -31.56 26.90
CA PHE C 944 36.40 -30.41 27.16
C PHE C 944 36.32 -30.00 28.62
N TYR C 945 35.12 -30.06 29.20
CA TYR C 945 34.97 -29.78 30.63
C TYR C 945 35.86 -30.71 31.45
N VAL C 946 35.77 -32.01 31.20
CA VAL C 946 36.46 -32.97 32.06
C VAL C 946 37.95 -33.08 31.75
N ARG C 947 38.40 -32.67 30.56
CA ARG C 947 39.83 -32.76 30.26
C ARG C 947 40.63 -31.73 31.05
N HIS C 948 40.04 -30.58 31.34
CA HIS C 948 40.68 -29.59 32.20
C HIS C 948 39.65 -28.65 32.80
N PRO C 949 39.33 -28.81 34.09
CA PRO C 949 38.35 -27.93 34.74
C PRO C 949 38.82 -26.49 34.80
N THR C 950 40.10 -26.30 35.07
CA THR C 950 40.73 -24.98 35.01
C THR C 950 41.58 -24.92 33.74
N VAL C 951 41.39 -23.87 32.96
CA VAL C 951 42.05 -23.74 31.67
C VAL C 951 42.56 -22.31 31.52
N SER C 952 43.74 -22.17 30.94
CA SER C 952 44.27 -20.85 30.68
C SER C 952 43.48 -20.18 29.56
N ASP C 953 43.57 -18.85 29.51
CA ASP C 953 42.75 -18.09 28.57
C ASP C 953 43.07 -18.45 27.13
N LYS C 954 44.35 -18.44 26.76
CA LYS C 954 44.73 -18.76 25.40
C LYS C 954 44.42 -20.22 25.07
N ASP C 955 44.53 -21.11 26.06
CA ASP C 955 44.19 -22.51 25.83
C ASP C 955 42.71 -22.69 25.55
N LEU C 956 41.86 -21.90 26.22
CA LEU C 956 40.44 -21.97 25.95
C LEU C 956 40.10 -21.36 24.60
N LYS C 957 40.75 -20.25 24.24
CA LYS C 957 40.44 -19.59 22.98
C LYS C 957 40.82 -20.46 21.78
N SER C 958 41.90 -21.22 21.88
CA SER C 958 42.37 -22.09 20.80
C SER C 958 41.98 -23.51 21.15
N SER C 959 40.85 -23.96 20.61
CA SER C 959 40.37 -25.32 20.84
C SER C 959 39.39 -25.69 19.73
N GLN C 960 39.21 -26.98 19.53
CA GLN C 960 38.27 -27.43 18.51
C GLN C 960 36.84 -27.11 18.86
N VAL C 961 36.52 -26.93 20.14
CA VAL C 961 35.17 -26.62 20.56
C VAL C 961 34.92 -25.10 20.58
N PHE C 962 35.97 -24.31 20.74
CA PHE C 962 35.81 -22.86 20.76
C PHE C 962 35.96 -22.23 19.38
N GLN C 963 36.79 -22.81 18.52
CA GLN C 963 37.04 -22.26 17.20
C GLN C 963 36.01 -22.70 16.16
N GLN C 964 35.04 -23.51 16.54
CA GLN C 964 34.12 -24.10 15.58
C GLN C 964 32.69 -23.61 15.70
N ARG C 965 32.37 -22.83 16.73
CA ARG C 965 30.98 -22.51 17.02
C ARG C 965 30.66 -21.02 16.85
N ASP C 966 31.66 -20.15 16.82
CA ASP C 966 31.51 -18.72 16.56
C ASP C 966 30.88 -17.99 17.74
N ASP C 967 30.43 -18.74 18.75
CA ASP C 967 30.08 -18.17 20.03
C ASP C 967 30.65 -19.09 21.10
N GLU C 968 30.22 -18.90 22.34
CA GLU C 968 30.79 -19.61 23.47
C GLU C 968 29.81 -20.64 24.03
N PHE C 969 29.11 -21.34 23.14
CA PHE C 969 28.05 -22.26 23.55
C PHE C 969 28.52 -23.24 24.61
N GLY C 970 27.99 -23.10 25.83
CA GLY C 970 28.38 -23.97 26.92
C GLY C 970 29.71 -23.59 27.52
N LEU C 971 30.52 -22.84 26.78
CA LEU C 971 31.89 -22.53 27.18
C LEU C 971 31.97 -21.12 27.78
N GLN C 972 31.21 -20.88 28.84
CA GLN C 972 31.28 -19.63 29.58
C GLN C 972 31.99 -19.94 30.89
N TYR C 973 33.31 -19.96 30.85
CA TYR C 973 34.10 -20.19 32.05
C TYR C 973 34.11 -18.94 32.90
N LEU C 974 34.20 -19.13 34.22
CA LEU C 974 34.26 -18.01 35.14
C LEU C 974 35.66 -17.40 35.09
N LEU C 975 35.93 -16.47 36.00
CA LEU C 975 37.24 -15.83 36.08
C LEU C 975 37.77 -15.99 37.50
N ASN C 976 39.00 -16.46 37.61
CA ASN C 976 39.67 -16.60 38.90
C ASN C 976 40.74 -15.51 38.99
N GLU C 977 40.40 -14.41 39.67
CA GLU C 977 41.36 -13.35 39.88
C GLU C 977 42.50 -13.77 40.78
N HIS C 978 42.29 -14.79 41.62
CA HIS C 978 43.32 -15.29 42.53
C HIS C 978 43.85 -16.65 42.11
N LEU C 979 43.45 -17.14 40.95
CA LEU C 979 43.88 -18.45 40.46
C LEU C 979 43.54 -19.56 41.45
N ASP C 980 42.42 -19.39 42.14
CA ASP C 980 41.99 -20.38 43.12
C ASP C 980 41.51 -21.65 42.43
N VAL C 981 41.45 -22.74 43.20
CA VAL C 981 41.01 -24.03 42.70
C VAL C 981 39.65 -24.43 43.23
N SER C 982 38.98 -23.56 43.98
CA SER C 982 37.72 -23.91 44.60
C SER C 982 36.89 -22.67 44.83
N TYR C 983 35.58 -22.84 44.90
CA TYR C 983 34.70 -21.76 45.32
C TYR C 983 33.39 -22.34 45.80
N GLU C 984 32.56 -21.48 46.37
CA GLU C 984 31.30 -21.89 46.98
C GLU C 984 30.18 -20.98 46.51
N VAL C 985 29.05 -21.57 46.15
CA VAL C 985 27.92 -20.89 45.54
C VAL C 985 26.64 -21.35 46.20
N LYS C 986 25.72 -20.42 46.45
CA LYS C 986 24.41 -20.78 46.96
C LYS C 986 23.41 -20.76 45.83
N PRO C 987 22.81 -21.88 45.44
CA PRO C 987 21.81 -21.85 44.38
C PRO C 987 20.52 -21.22 44.87
N ILE C 988 19.98 -20.32 44.06
CA ILE C 988 18.70 -19.68 44.35
C ILE C 988 17.55 -20.44 43.71
N ASN C 989 17.66 -20.71 42.41
CA ASN C 989 16.68 -21.54 41.72
C ASN C 989 17.43 -22.29 40.61
N HIS C 990 17.87 -23.50 40.94
CA HIS C 990 18.55 -24.34 39.95
C HIS C 990 17.64 -24.68 38.78
N ASP C 991 16.32 -24.60 38.98
CA ASP C 991 15.39 -24.78 37.87
C ASP C 991 15.56 -23.68 36.83
N ASN C 992 15.90 -22.47 37.27
CA ASN C 992 16.10 -21.34 36.37
C ASN C 992 17.58 -21.01 36.22
N GLY C 993 18.46 -21.82 36.79
CA GLY C 993 19.89 -21.55 36.70
C GLY C 993 20.35 -20.29 37.39
N GLN C 994 19.75 -19.95 38.53
CA GLN C 994 20.12 -18.76 39.28
C GLN C 994 21.02 -19.14 40.46
N PHE C 995 22.15 -18.46 40.56
CA PHE C 995 23.12 -18.76 41.61
C PHE C 995 23.61 -17.47 42.23
N ASP C 996 24.00 -17.55 43.50
CA ASP C 996 24.59 -16.42 44.22
C ASP C 996 26.01 -16.80 44.60
N PHE C 997 26.97 -16.03 44.13
CA PHE C 997 28.38 -16.33 44.32
C PHE C 997 28.95 -15.72 45.58
N SER C 998 28.11 -15.09 46.40
CA SER C 998 28.51 -14.66 47.73
C SER C 998 27.97 -15.57 48.83
N GLY C 999 26.99 -16.42 48.52
CA GLY C 999 26.40 -17.31 49.50
C GLY C 999 27.15 -18.62 49.64
N THR C 1000 26.59 -19.51 50.44
CA THR C 1000 27.21 -20.79 50.77
C THR C 1000 26.12 -21.86 50.81
N GLY C 1001 25.95 -22.58 49.70
CA GLY C 1001 24.98 -23.66 49.66
C GLY C 1001 25.43 -24.86 48.84
N MET C 1002 26.64 -24.79 48.30
CA MET C 1002 27.19 -25.81 47.41
C MET C 1002 28.65 -25.46 47.15
N GLU C 1003 29.50 -26.47 47.00
CA GLU C 1003 30.91 -26.23 46.74
C GLU C 1003 31.27 -26.75 45.36
N VAL C 1004 31.94 -25.92 44.57
CA VAL C 1004 32.49 -26.30 43.28
C VAL C 1004 34.00 -26.39 43.46
N SER C 1005 34.52 -27.60 43.41
CA SER C 1005 35.94 -27.88 43.60
C SER C 1005 36.19 -29.33 43.20
N ALA C 1006 37.39 -29.82 43.49
CA ALA C 1006 37.75 -31.19 43.17
C ALA C 1006 37.27 -32.19 44.22
N GLU C 1007 36.65 -31.74 45.31
CA GLU C 1007 36.13 -32.68 46.29
C GLU C 1007 35.03 -33.54 45.71
N ALA C 1008 34.13 -32.95 44.92
CA ALA C 1008 33.11 -33.71 44.22
C ALA C 1008 33.66 -34.40 42.98
N ALA C 1009 34.88 -34.06 42.58
CA ALA C 1009 35.55 -34.69 41.46
C ALA C 1009 36.26 -35.98 41.92
N GLY C 1010 37.18 -36.46 41.10
CA GLY C 1010 37.87 -37.70 41.38
C GLY C 1010 38.90 -37.64 42.49
N LEU C 1011 39.22 -36.45 43.00
CA LEU C 1011 40.26 -36.33 44.01
C LEU C 1011 39.94 -37.14 45.25
N VAL C 1012 38.68 -37.09 45.70
CA VAL C 1012 38.27 -37.73 46.94
C VAL C 1012 37.15 -38.72 46.63
N ALA C 1013 37.28 -39.91 47.22
CA ALA C 1013 36.26 -40.95 47.19
C ALA C 1013 36.03 -41.51 45.79
N MET C 1014 36.84 -41.10 44.82
CA MET C 1014 36.71 -41.64 43.48
C MET C 1014 38.02 -42.26 43.00
N CYS C 1015 39.14 -41.61 43.31
CA CYS C 1015 40.45 -42.14 42.95
C CYS C 1015 40.88 -43.25 43.92
N ARG C 1016 40.04 -43.56 44.90
CA ARG C 1016 40.30 -44.61 45.87
C ARG C 1016 39.79 -45.97 45.41
N TYR C 1017 39.71 -46.17 44.10
CA TYR C 1017 39.27 -47.44 43.55
C TYR C 1017 40.36 -48.03 42.65
N PRO C 1018 40.55 -49.34 42.67
CA PRO C 1018 41.61 -49.94 41.83
C PRO C 1018 41.30 -49.85 40.35
N GLY C 1019 42.14 -49.13 39.61
CA GLY C 1019 41.99 -48.98 38.18
C GLY C 1019 41.21 -47.77 37.74
N LEU C 1020 40.53 -47.09 38.67
CA LEU C 1020 39.78 -45.89 38.30
C LEU C 1020 40.73 -44.72 38.02
N LYS C 1021 41.72 -44.52 38.88
CA LYS C 1021 42.73 -43.50 38.62
C LYS C 1021 43.52 -43.84 37.36
N GLU C 1022 43.75 -45.12 37.11
CA GLU C 1022 44.38 -45.53 35.86
C GLU C 1022 43.48 -45.20 34.68
N ALA C 1023 42.17 -45.39 34.84
CA ALA C 1023 41.24 -45.01 33.77
C ALA C 1023 41.26 -43.52 33.51
N PHE C 1024 41.38 -42.72 34.58
CA PHE C 1024 41.44 -41.27 34.42
C PHE C 1024 42.72 -40.86 33.69
N GLU C 1025 43.86 -41.39 34.14
CA GLU C 1025 45.13 -41.03 33.51
C GLU C 1025 45.20 -41.55 32.07
N SER C 1026 44.45 -42.61 31.77
CA SER C 1026 44.38 -43.13 30.41
C SER C 1026 43.48 -42.28 29.53
N LEU C 1027 42.43 -41.71 30.12
CA LEU C 1027 41.49 -40.85 29.41
C LEU C 1027 41.88 -39.38 29.47
N ASP C 1028 43.07 -39.07 30.00
CA ASP C 1028 43.61 -37.70 30.02
C ASP C 1028 42.71 -36.76 30.82
N ILE C 1029 42.22 -37.25 31.95
CA ILE C 1029 41.41 -36.48 32.88
C ILE C 1029 42.25 -36.21 34.13
N PRO C 1030 42.58 -34.96 34.44
CA PRO C 1030 43.41 -34.68 35.61
C PRO C 1030 42.68 -35.04 36.89
N THR C 1031 43.44 -35.54 37.87
CA THR C 1031 42.86 -35.90 39.15
C THR C 1031 42.60 -34.67 40.01
N LYS C 1032 43.46 -33.65 39.92
CA LYS C 1032 43.35 -32.45 40.72
C LYS C 1032 43.19 -31.24 39.81
N TRP C 1033 42.46 -30.24 40.28
CA TRP C 1033 42.26 -29.02 39.52
C TRP C 1033 43.46 -28.10 39.69
N GLU C 1034 44.31 -28.05 38.68
CA GLU C 1034 45.51 -27.23 38.75
C GLU C 1034 45.13 -25.76 38.75
N PRO C 1035 45.71 -24.95 39.63
CA PRO C 1035 45.39 -23.51 39.66
C PRO C 1035 45.73 -22.85 38.34
N ASN C 1036 44.72 -22.24 37.72
CA ASN C 1036 44.88 -21.64 36.41
C ASN C 1036 43.97 -20.43 36.31
N GLU C 1037 43.75 -19.94 35.09
CA GLU C 1037 43.07 -18.66 34.90
C GLU C 1037 41.57 -18.77 35.09
N ARG C 1038 40.90 -19.60 34.28
CA ARG C 1038 39.45 -19.67 34.24
C ARG C 1038 38.98 -21.01 34.75
N ILE C 1039 37.84 -21.01 35.43
CA ILE C 1039 37.30 -22.20 36.09
C ILE C 1039 35.84 -22.38 35.66
N LEU C 1040 35.33 -23.59 35.85
CA LEU C 1040 33.97 -23.92 35.45
C LEU C 1040 32.96 -23.22 36.34
N ASN C 1041 31.82 -22.87 35.74
CA ASN C 1041 30.70 -22.31 36.48
C ASN C 1041 29.79 -23.43 36.98
N PRO C 1042 28.91 -23.13 37.96
CA PRO C 1042 28.06 -24.19 38.51
C PRO C 1042 27.25 -24.95 37.48
N ALA C 1043 26.72 -24.28 36.46
CA ALA C 1043 26.02 -25.00 35.40
C ALA C 1043 26.97 -25.92 34.66
N GLN C 1044 28.21 -25.46 34.41
CA GLN C 1044 29.20 -26.32 33.80
C GLN C 1044 29.67 -27.40 34.76
N PHE C 1045 29.84 -27.06 36.03
CA PHE C 1045 30.30 -28.05 37.00
C PHE C 1045 29.29 -29.17 37.18
N TYR C 1046 28.00 -28.87 37.00
CA TYR C 1046 27.00 -29.92 37.01
C TYR C 1046 27.32 -30.99 35.98
N ASN C 1047 27.51 -30.58 34.72
CA ASN C 1047 27.81 -31.55 33.67
C ASN C 1047 29.17 -32.20 33.91
N TYR C 1048 30.12 -31.44 34.47
CA TYR C 1048 31.45 -31.99 34.73
C TYR C 1048 31.38 -33.15 35.70
N ARG C 1049 30.74 -32.93 36.86
CA ARG C 1049 30.64 -34.02 37.83
C ARG C 1049 29.73 -35.12 37.33
N GLY C 1050 28.71 -34.78 36.53
CA GLY C 1050 27.87 -35.81 35.97
C GLY C 1050 28.61 -36.75 35.03
N LEU C 1051 29.45 -36.20 34.15
CA LEU C 1051 30.22 -37.03 33.24
C LEU C 1051 31.29 -37.81 33.99
N LEU C 1052 31.91 -37.18 34.99
CA LEU C 1052 32.92 -37.89 35.77
C LEU C 1052 32.31 -39.09 36.49
N GLY C 1053 31.16 -38.88 37.12
CA GLY C 1053 30.44 -39.96 37.76
C GLY C 1053 29.98 -41.00 36.77
N GLU C 1054 29.53 -40.58 35.60
CA GLU C 1054 29.13 -41.52 34.55
C GLU C 1054 30.26 -42.47 34.22
N VAL C 1055 31.44 -41.90 33.93
CA VAL C 1055 32.59 -42.72 33.54
C VAL C 1055 32.99 -43.64 34.68
N SER C 1056 33.14 -43.09 35.89
CA SER C 1056 33.61 -43.90 37.01
C SER C 1056 32.62 -45.01 37.35
N GLY C 1057 31.32 -44.68 37.37
CA GLY C 1057 30.33 -45.67 37.72
C GLY C 1057 30.20 -46.77 36.68
N GLN C 1058 30.24 -46.41 35.40
CA GLN C 1058 30.19 -47.44 34.36
C GLN C 1058 31.43 -48.33 34.44
N PHE C 1059 32.60 -47.73 34.69
CA PHE C 1059 33.83 -48.51 34.83
C PHE C 1059 33.73 -49.49 35.99
N ILE C 1060 33.31 -49.02 37.16
CA ILE C 1060 33.23 -49.89 38.33
C ILE C 1060 32.13 -50.95 38.16
N PHE C 1061 31.02 -50.58 37.51
CA PHE C 1061 29.95 -51.53 37.24
C PHE C 1061 30.45 -52.66 36.34
N GLN C 1062 31.21 -52.31 35.31
CA GLN C 1062 31.81 -53.34 34.44
C GLN C 1062 32.82 -54.18 35.21
N ASN C 1063 33.61 -53.55 36.09
CA ASN C 1063 34.57 -54.30 36.89
C ASN C 1063 33.90 -55.30 37.81
N GLU C 1064 32.85 -54.85 38.50
CA GLU C 1064 32.18 -55.71 39.48
C GLU C 1064 31.23 -56.75 38.91
N TRP C 1065 30.22 -56.30 38.18
CA TRP C 1065 29.22 -57.22 37.68
C TRP C 1065 29.64 -57.91 36.39
N SER C 1066 30.77 -57.50 35.81
CA SER C 1066 31.38 -58.19 34.66
C SER C 1066 30.39 -58.33 33.51
N LEU C 1067 29.69 -57.24 33.21
CA LEU C 1067 28.75 -57.20 32.08
C LEU C 1067 29.12 -56.03 31.18
N LYS C 1068 28.98 -56.25 29.88
CA LYS C 1068 29.30 -55.25 28.87
C LYS C 1068 28.00 -54.63 28.37
N LEU C 1069 27.81 -53.35 28.67
CA LEU C 1069 26.60 -52.63 28.27
C LEU C 1069 26.77 -52.05 26.87
N ALA C 1070 25.63 -51.77 26.24
CA ALA C 1070 25.59 -51.24 24.88
C ALA C 1070 24.77 -49.96 24.83
N ASP C 1071 25.10 -49.11 23.86
CA ASP C 1071 24.46 -47.81 23.69
C ASP C 1071 23.36 -47.87 22.65
N PHE C 1072 22.46 -46.89 22.72
CA PHE C 1072 21.32 -46.85 21.81
C PHE C 1072 21.74 -46.30 20.44
N GLY C 1073 20.89 -46.54 19.45
CA GLY C 1073 21.20 -46.14 18.09
C GLY C 1073 20.05 -45.55 17.30
N LYS C 1074 19.05 -44.99 18.00
CA LYS C 1074 17.95 -44.34 17.30
C LYS C 1074 17.88 -42.86 17.68
N PRO C 1075 17.74 -41.97 16.69
CA PRO C 1075 18.00 -40.55 16.92
C PRO C 1075 16.92 -39.83 17.73
N GLU C 1076 15.66 -40.25 17.59
CA GLU C 1076 14.59 -39.48 18.20
C GLU C 1076 14.38 -39.80 19.67
N ASN C 1077 15.24 -40.64 20.26
CA ASN C 1077 15.06 -41.01 21.65
C ASN C 1077 16.28 -40.71 22.51
N TYR C 1078 17.05 -39.69 22.12
CA TYR C 1078 18.22 -39.30 22.89
C TYR C 1078 17.79 -38.66 24.21
N GLU C 1079 18.77 -38.43 25.08
CA GLU C 1079 18.65 -37.88 26.44
C GLU C 1079 17.56 -38.56 27.26
N LEU C 1080 17.15 -39.76 26.87
CA LEU C 1080 16.13 -40.50 27.61
C LEU C 1080 16.75 -41.54 28.56
N PHE C 1081 17.64 -42.37 28.05
CA PHE C 1081 18.34 -43.34 28.89
C PHE C 1081 19.80 -43.41 28.46
N ASP C 1082 20.68 -43.52 29.45
CA ASP C 1082 22.11 -43.44 29.19
C ASP C 1082 22.58 -44.58 28.30
N PHE C 1083 22.22 -45.81 28.65
CA PHE C 1083 22.69 -46.97 27.90
C PHE C 1083 21.58 -48.02 27.91
N HIS C 1084 21.82 -49.13 27.22
CA HIS C 1084 20.88 -50.25 27.22
C HIS C 1084 21.65 -51.55 27.46
N TRP C 1085 20.89 -52.62 27.63
CA TRP C 1085 21.44 -53.93 27.96
C TRP C 1085 20.63 -54.99 27.24
N GLU C 1086 21.21 -55.53 26.16
CA GLU C 1086 20.75 -56.73 25.48
C GLU C 1086 19.31 -56.63 25.00
N GLY C 1087 18.86 -55.43 24.67
CA GLY C 1087 17.46 -55.26 24.36
C GLY C 1087 16.53 -55.55 25.50
N LYS C 1088 17.06 -55.62 26.73
CA LYS C 1088 16.31 -56.02 27.91
C LYS C 1088 16.12 -54.86 28.87
N VAL C 1089 17.20 -54.14 29.19
CA VAL C 1089 17.15 -53.12 30.23
C VAL C 1089 17.65 -51.80 29.66
N VAL C 1090 17.18 -50.69 30.23
CA VAL C 1090 17.77 -49.38 29.99
C VAL C 1090 18.39 -48.90 31.30
N ILE C 1091 19.58 -48.33 31.20
CA ILE C 1091 20.40 -47.99 32.36
C ILE C 1091 20.65 -46.49 32.35
N ASP C 1092 20.42 -45.86 33.50
CA ASP C 1092 20.64 -44.44 33.71
C ASP C 1092 21.55 -44.24 34.91
N PHE C 1093 22.56 -43.38 34.78
CA PHE C 1093 23.54 -43.15 35.81
C PHE C 1093 23.34 -41.77 36.44
N LYS C 1094 23.70 -41.67 37.72
CA LYS C 1094 23.52 -40.45 38.49
C LYS C 1094 24.75 -40.20 39.36
N ASN C 1095 25.01 -38.93 39.61
CA ASN C 1095 26.02 -38.50 40.58
C ASN C 1095 25.41 -37.40 41.44
N TRP C 1096 25.33 -37.65 42.74
CA TRP C 1096 24.63 -36.75 43.64
C TRP C 1096 25.31 -36.77 45.01
N ARG C 1097 24.78 -35.94 45.90
CA ARG C 1097 25.21 -35.94 47.30
C ARG C 1097 24.45 -37.03 48.05
N ASP C 1098 24.50 -36.99 49.38
CA ASP C 1098 23.68 -37.89 50.18
C ASP C 1098 22.21 -37.69 49.83
N ALA C 1099 21.43 -38.76 49.96
CA ALA C 1099 20.06 -38.75 49.47
C ALA C 1099 19.21 -37.79 50.29
N PRO C 1100 18.62 -36.76 49.67
CA PRO C 1100 17.72 -35.86 50.41
C PRO C 1100 16.29 -36.35 50.37
N ASP C 1101 15.37 -35.57 50.93
CA ASP C 1101 13.93 -35.87 50.85
C ASP C 1101 13.42 -35.41 49.48
N VAL C 1102 13.91 -36.09 48.44
CA VAL C 1102 13.58 -35.72 47.08
C VAL C 1102 12.14 -36.10 46.77
N ASP C 1103 11.53 -35.38 45.81
CA ASP C 1103 10.17 -35.68 45.39
C ASP C 1103 10.18 -36.99 44.61
N THR C 1104 9.78 -38.07 45.27
CA THR C 1104 9.77 -39.38 44.62
C THR C 1104 8.82 -39.40 43.42
N LYS C 1105 7.62 -38.85 43.60
CA LYS C 1105 6.58 -39.02 42.59
C LYS C 1105 6.92 -38.30 41.28
N ALA C 1106 7.49 -37.10 41.34
CA ALA C 1106 7.86 -36.40 40.12
C ALA C 1106 8.96 -37.13 39.37
N GLU C 1107 9.98 -37.62 40.10
CA GLU C 1107 11.06 -38.37 39.47
C GLU C 1107 10.52 -39.63 38.81
N ARG C 1108 9.65 -40.36 39.51
CA ARG C 1108 9.09 -41.59 38.94
C ARG C 1108 8.19 -41.27 37.75
N GLN C 1109 7.44 -40.18 37.82
CA GLN C 1109 6.61 -39.78 36.70
C GLN C 1109 7.45 -39.52 35.46
N LYS C 1110 8.54 -38.78 35.61
CA LYS C 1110 9.39 -38.47 34.47
C LYS C 1110 10.07 -39.72 33.92
N VAL C 1111 10.62 -40.56 34.80
CA VAL C 1111 11.33 -41.75 34.34
C VAL C 1111 10.35 -42.73 33.69
N GLU C 1112 9.12 -42.80 34.20
CA GLU C 1112 8.13 -43.68 33.59
C GLU C 1112 7.61 -43.10 32.28
N ALA C 1113 7.61 -41.77 32.13
CA ALA C 1113 7.22 -41.18 30.86
C ALA C 1113 8.24 -41.51 29.78
N LYS C 1114 9.53 -41.35 30.09
CA LYS C 1114 10.55 -41.73 29.10
C LYS C 1114 10.52 -43.24 28.85
N LEU C 1115 10.28 -44.03 29.91
CA LEU C 1115 10.14 -45.47 29.74
C LEU C 1115 8.97 -45.79 28.82
N ALA C 1116 7.85 -45.10 28.98
CA ALA C 1116 6.66 -45.39 28.18
C ALA C 1116 6.86 -45.03 26.72
N LYS C 1117 7.51 -43.89 26.45
CA LYS C 1117 7.79 -43.57 25.05
C LYS C 1117 8.77 -44.56 24.44
N LEU C 1118 9.75 -45.02 25.23
CA LEU C 1118 10.64 -46.06 24.73
C LEU C 1118 9.90 -47.39 24.55
N GLN C 1119 8.90 -47.65 25.38
CA GLN C 1119 8.05 -48.85 25.19
C GLN C 1119 7.31 -48.77 23.87
N ALA C 1120 6.74 -47.61 23.58
CA ALA C 1120 6.00 -47.42 22.34
C ALA C 1120 6.91 -47.49 21.13
N ASN C 1121 8.18 -47.11 21.27
CA ASN C 1121 9.08 -47.07 20.12
C ASN C 1121 9.88 -48.33 19.89
N THR C 1122 10.23 -49.03 20.95
CA THR C 1122 11.03 -50.25 20.85
C THR C 1122 10.21 -51.52 20.74
N GLN C 1123 8.89 -51.45 20.97
CA GLN C 1123 8.01 -52.60 20.87
C GLN C 1123 8.42 -53.73 21.82
N ARG C 1124 8.96 -53.38 22.98
CA ARG C 1124 9.33 -54.35 23.99
C ARG C 1124 8.95 -53.81 25.37
N GLU C 1125 8.85 -54.73 26.32
CA GLU C 1125 8.65 -54.37 27.72
C GLU C 1125 10.02 -54.26 28.38
N TRP C 1126 10.29 -53.10 29.00
CA TRP C 1126 11.62 -52.77 29.48
C TRP C 1126 11.64 -52.54 30.98
N ARG C 1127 12.77 -52.85 31.59
CA ARG C 1127 13.08 -52.48 32.96
C ARG C 1127 13.91 -51.21 32.95
N VAL C 1128 14.35 -50.75 34.12
CA VAL C 1128 15.17 -49.55 34.21
C VAL C 1128 15.94 -49.60 35.52
N ILE C 1129 17.14 -49.00 35.51
CA ILE C 1129 18.03 -48.96 36.66
C ILE C 1129 18.39 -47.51 36.94
N ILE C 1130 18.27 -47.10 38.19
CA ILE C 1130 18.79 -45.81 38.67
C ILE C 1130 19.91 -46.13 39.64
N ILE C 1131 21.08 -45.58 39.38
CA ILE C 1131 22.30 -45.93 40.12
C ILE C 1131 22.98 -44.65 40.60
N ASN C 1132 23.43 -44.67 41.86
CA ASN C 1132 24.19 -43.59 42.46
C ASN C 1132 25.59 -44.11 42.81
N ILE C 1133 26.57 -43.22 42.78
CA ILE C 1133 27.97 -43.59 42.93
C ILE C 1133 28.46 -43.43 44.36
N LEU C 1134 28.06 -42.36 45.05
CA LEU C 1134 28.54 -42.07 46.39
C LEU C 1134 27.39 -41.91 47.36
N ALA C 1135 27.56 -42.45 48.56
CA ALA C 1135 26.57 -42.35 49.63
C ALA C 1135 27.30 -42.38 50.97
N SER C 1136 26.53 -42.40 52.05
CA SER C 1136 27.10 -42.43 53.39
C SER C 1136 26.41 -43.42 54.33
N ASN C 1137 25.35 -44.10 53.90
CA ASN C 1137 24.67 -45.07 54.76
C ASN C 1137 24.52 -46.41 54.04
N GLN C 1138 23.72 -47.30 54.61
CA GLN C 1138 23.50 -48.62 54.02
C GLN C 1138 22.80 -48.49 52.68
N THR C 1139 23.30 -49.24 51.70
CA THR C 1139 22.70 -49.26 50.37
C THR C 1139 21.51 -50.22 50.35
N ARG C 1140 20.44 -49.79 49.67
CA ARG C 1140 19.22 -50.60 49.57
C ARG C 1140 18.62 -50.42 48.18
N PRO C 1141 18.87 -51.36 47.27
CA PRO C 1141 18.17 -51.34 45.98
C PRO C 1141 16.71 -51.69 46.12
N VAL C 1142 15.84 -50.70 46.00
CA VAL C 1142 14.40 -50.86 46.19
C VAL C 1142 13.73 -50.87 44.82
N MET C 1143 12.88 -51.86 44.60
CA MET C 1143 12.13 -51.99 43.37
C MET C 1143 10.65 -51.74 43.64
N THR C 1144 9.93 -51.40 42.56
CA THR C 1144 8.50 -51.20 42.64
C THR C 1144 7.81 -52.56 42.82
N VAL C 1145 6.55 -52.53 43.26
CA VAL C 1145 5.82 -53.77 43.56
C VAL C 1145 5.79 -54.69 42.36
N ASP C 1146 5.58 -54.14 41.16
CA ASP C 1146 5.65 -54.96 39.95
C ASP C 1146 7.07 -55.46 39.71
N GLY C 1147 8.06 -54.61 39.96
CA GLY C 1147 9.45 -55.01 39.83
C GLY C 1147 10.15 -54.56 38.57
N LYS C 1148 9.68 -53.50 37.90
CA LYS C 1148 10.27 -53.06 36.65
C LYS C 1148 11.30 -51.95 36.82
N ILE C 1149 11.33 -51.29 37.98
CA ILE C 1149 12.21 -50.15 38.21
C ILE C 1149 13.10 -50.47 39.40
N LEU C 1150 14.41 -50.28 39.23
CA LEU C 1150 15.36 -50.47 40.32
C LEU C 1150 15.96 -49.12 40.72
N GLU C 1151 16.16 -48.95 42.02
CA GLU C 1151 16.74 -47.73 42.57
C GLU C 1151 17.80 -48.11 43.60
N ILE C 1152 19.07 -47.97 43.23
CA ILE C 1152 20.18 -48.23 44.15
C ILE C 1152 20.81 -46.90 44.52
N SER C 1153 21.01 -46.69 45.82
CA SER C 1153 21.55 -45.44 46.35
C SER C 1153 22.98 -45.70 46.83
N GLY C 1154 23.95 -45.24 46.06
CA GLY C 1154 25.34 -45.36 46.44
C GLY C 1154 25.95 -46.68 46.03
N LEU C 1155 27.09 -46.63 45.33
CA LEU C 1155 27.78 -47.86 44.95
C LEU C 1155 29.01 -48.08 45.83
N ILE C 1156 29.90 -47.10 45.88
CA ILE C 1156 31.07 -47.15 46.74
C ILE C 1156 30.91 -46.13 47.85
N ASP C 1157 31.63 -46.36 48.95
CA ASP C 1157 31.60 -45.45 50.09
C ASP C 1157 32.60 -44.32 49.83
N HIS C 1158 32.76 -43.43 50.82
CA HIS C 1158 33.70 -42.33 50.69
C HIS C 1158 35.15 -42.80 50.70
N GLN C 1159 35.41 -44.06 51.04
CA GLN C 1159 36.75 -44.63 51.01
C GLN C 1159 37.06 -45.34 49.70
N GLY C 1160 36.11 -45.33 48.76
CA GLY C 1160 36.37 -45.95 47.47
C GLY C 1160 36.25 -47.46 47.44
N LYS C 1161 35.42 -48.04 48.29
CA LYS C 1161 35.16 -49.48 48.26
C LYS C 1161 33.65 -49.71 48.22
N PHE C 1162 33.25 -50.60 47.34
CA PHE C 1162 31.84 -50.82 47.17
C PHE C 1162 31.11 -51.39 48.36
N LEU C 1163 29.80 -51.25 48.34
CA LEU C 1163 28.97 -51.80 49.40
C LEU C 1163 27.91 -52.74 48.84
N LEU C 1164 28.31 -53.61 47.91
CA LEU C 1164 27.39 -54.55 47.27
C LEU C 1164 27.73 -55.96 47.73
N THR C 1165 26.91 -56.51 48.62
CA THR C 1165 27.18 -57.83 49.15
C THR C 1165 26.74 -58.94 48.20
N PRO C 1166 27.11 -60.18 48.52
CA PRO C 1166 26.70 -61.32 47.70
C PRO C 1166 25.18 -61.31 47.46
N GLU C 1167 24.41 -61.02 48.50
CA GLU C 1167 22.96 -60.94 48.38
C GLU C 1167 22.60 -59.90 47.32
N GLN C 1168 23.06 -58.68 47.53
CA GLN C 1168 22.79 -57.65 46.56
C GLN C 1168 23.22 -58.12 45.19
N LYS C 1169 24.48 -58.53 45.07
CA LYS C 1169 25.00 -58.95 43.79
C LYS C 1169 24.04 -59.88 43.06
N LEU C 1170 23.62 -60.95 43.72
CA LEU C 1170 22.69 -61.89 43.11
C LEU C 1170 21.41 -61.20 42.63
N ASN C 1171 20.81 -60.37 43.49
CA ASN C 1171 19.63 -59.60 43.10
C ASN C 1171 19.90 -58.83 41.81
N VAL C 1172 21.12 -58.32 41.69
CA VAL C 1172 21.57 -57.58 40.53
C VAL C 1172 21.44 -58.51 39.34
N TRP C 1173 21.96 -59.73 39.48
CA TRP C 1173 21.87 -60.68 38.38
C TRP C 1173 20.42 -61.03 38.06
N ARG C 1174 19.60 -61.17 39.09
CA ARG C 1174 18.19 -61.48 38.90
C ARG C 1174 17.42 -60.38 38.17
N PHE C 1175 17.80 -59.13 38.39
CA PHE C 1175 17.12 -58.02 37.74
C PHE C 1175 17.72 -57.77 36.36
N LEU C 1176 18.95 -58.26 36.18
CA LEU C 1176 19.66 -58.15 34.93
C LEU C 1176 19.06 -59.15 33.97
N ASN C 1177 18.17 -59.98 34.50
CA ASN C 1177 17.54 -61.02 33.71
C ASN C 1177 16.02 -61.04 33.87
#